data_2AU4
# 
_entry.id   2AU4 
# 
_audit_conform.dict_name       mmcif_pdbx.dic 
_audit_conform.dict_version    5.392 
_audit_conform.dict_location   http://mmcif.pdb.org/dictionaries/ascii/mmcif_pdbx.dic 
# 
loop_
_database_2.database_id 
_database_2.database_code 
_database_2.pdbx_database_accession 
_database_2.pdbx_DOI 
PDB   2AU4         pdb_00002au4 10.2210/pdb2au4/pdb 
RCSB  RCSB034313   ?            ?                   
WWPDB D_1000034313 ?            ?                   
# 
loop_
_pdbx_audit_revision_history.ordinal 
_pdbx_audit_revision_history.data_content_type 
_pdbx_audit_revision_history.major_revision 
_pdbx_audit_revision_history.minor_revision 
_pdbx_audit_revision_history.revision_date 
1 'Structure model' 1 0 2006-03-28 
2 'Structure model' 1 1 2008-05-01 
3 'Structure model' 1 2 2011-07-13 
4 'Structure model' 1 3 2022-03-09 
5 'Structure model' 1 4 2024-05-22 
# 
_pdbx_audit_revision_details.ordinal             1 
_pdbx_audit_revision_details.revision_ordinal    1 
_pdbx_audit_revision_details.data_content_type   'Structure model' 
_pdbx_audit_revision_details.provider            repository 
_pdbx_audit_revision_details.type                'Initial release' 
_pdbx_audit_revision_details.description         ? 
_pdbx_audit_revision_details.details             ? 
# 
loop_
_pdbx_audit_revision_group.ordinal 
_pdbx_audit_revision_group.revision_ordinal 
_pdbx_audit_revision_group.data_content_type 
_pdbx_audit_revision_group.group 
1 2 'Structure model' 'Version format compliance' 
2 3 'Structure model' 'Version format compliance' 
3 4 'Structure model' 'Data collection'           
4 4 'Structure model' 'Database references'       
5 4 'Structure model' 'Derived calculations'      
6 5 'Structure model' 'Data collection'           
# 
loop_
_pdbx_audit_revision_category.ordinal 
_pdbx_audit_revision_category.revision_ordinal 
_pdbx_audit_revision_category.data_content_type 
_pdbx_audit_revision_category.category 
1 4 'Structure model' database_2            
2 4 'Structure model' pdbx_nmr_spectrometer 
3 4 'Structure model' pdbx_struct_assembly  
4 4 'Structure model' pdbx_struct_oper_list 
5 4 'Structure model' struct_site           
6 5 'Structure model' chem_comp_atom        
7 5 'Structure model' chem_comp_bond        
# 
loop_
_pdbx_audit_revision_item.ordinal 
_pdbx_audit_revision_item.revision_ordinal 
_pdbx_audit_revision_item.data_content_type 
_pdbx_audit_revision_item.item 
1 4 'Structure model' '_database_2.pdbx_DOI'                
2 4 'Structure model' '_database_2.pdbx_database_accession' 
3 4 'Structure model' '_pdbx_nmr_spectrometer.model'        
4 4 'Structure model' '_struct_site.pdbx_auth_asym_id'      
5 4 'Structure model' '_struct_site.pdbx_auth_comp_id'      
6 4 'Structure model' '_struct_site.pdbx_auth_seq_id'       
# 
_pdbx_database_status.status_code                     REL 
_pdbx_database_status.entry_id                        2AU4 
_pdbx_database_status.recvd_initial_deposition_date   2005-08-26 
_pdbx_database_status.deposit_site                    RCSB 
_pdbx_database_status.process_site                    RCSB 
_pdbx_database_status.status_code_sf                  ? 
_pdbx_database_status.status_code_mr                  REL 
_pdbx_database_status.SG_entry                        N 
_pdbx_database_status.pdb_format_compatible           Y 
_pdbx_database_status.status_code_cs                  ? 
_pdbx_database_status.status_code_nmr_data            ? 
_pdbx_database_status.methods_development_category    ? 
# 
loop_
_audit_author.name 
_audit_author.pdbx_ordinal 
'Carothers, J.M.' 1 
'Davis, J.H.'     2 
'Chou, J.J.'      3 
'Szostak, J.W.'   4 
# 
_citation.id                        primary 
_citation.title                     'Solution structure of an informationally complex high-affinity RNA aptamer to GTP.' 
_citation.journal_abbrev            Rna 
_citation.journal_volume            12 
_citation.page_first                567 
_citation.page_last                 579 
_citation.year                      2006 
_citation.journal_id_ASTM           RNARFU 
_citation.country                   UK 
_citation.journal_id_ISSN           1355-8382 
_citation.journal_id_CSD            2122 
_citation.book_publisher            ? 
_citation.pdbx_database_id_PubMed   16510427 
_citation.pdbx_database_id_DOI      10.1261/rna.2251306 
# 
loop_
_citation_author.citation_id 
_citation_author.name 
_citation_author.ordinal 
_citation_author.identifier_ORCID 
primary 'Carothers, J.M.' 1 ? 
primary 'Davis, J.H.'     2 ? 
primary 'Chou, J.J.'      3 ? 
primary 'Szostak, J.W.'   4 ? 
# 
loop_
_entity.id 
_entity.type 
_entity.src_method 
_entity.pdbx_description 
_entity.formula_weight 
_entity.pdbx_number_of_molecules 
_entity.pdbx_ec 
_entity.pdbx_mutation 
_entity.pdbx_fragment 
_entity.details 
1 polymer     syn 'Class I RNA aptamer to GTP' 13323.942 1 ? ? ? ? 
2 non-polymer syn "GUANOSINE-5'-TRIPHOSPHATE"  523.180   1 ? ? ? ? 
# 
_entity_poly.entity_id                      1 
_entity_poly.type                           polyribonucleotide 
_entity_poly.nstd_linkage                   no 
_entity_poly.nstd_monomer                   no 
_entity_poly.pdbx_seq_one_letter_code       GGGACGAAGUGGUUGGGCGCUUCGGCGUGUGAAAACGUCCC 
_entity_poly.pdbx_seq_one_letter_code_can   GGGACGAAGUGGUUGGGCGCUUCGGCGUGUGAAAACGUCCC 
_entity_poly.pdbx_strand_id                 A 
_entity_poly.pdbx_target_identifier         ? 
# 
_pdbx_entity_nonpoly.entity_id   2 
_pdbx_entity_nonpoly.name        "GUANOSINE-5'-TRIPHOSPHATE" 
_pdbx_entity_nonpoly.comp_id     GTP 
# 
loop_
_entity_poly_seq.entity_id 
_entity_poly_seq.num 
_entity_poly_seq.mon_id 
_entity_poly_seq.hetero 
1 1  G n 
1 2  G n 
1 3  G n 
1 4  A n 
1 5  C n 
1 6  G n 
1 7  A n 
1 8  A n 
1 9  G n 
1 10 U n 
1 11 G n 
1 12 G n 
1 13 U n 
1 14 U n 
1 15 G n 
1 16 G n 
1 17 G n 
1 18 C n 
1 19 G n 
1 20 C n 
1 21 U n 
1 22 U n 
1 23 C n 
1 24 G n 
1 25 G n 
1 26 C n 
1 27 G n 
1 28 U n 
1 29 G n 
1 30 U n 
1 31 G n 
1 32 A n 
1 33 A n 
1 34 A n 
1 35 A n 
1 36 C n 
1 37 G n 
1 38 U n 
1 39 C n 
1 40 C n 
1 41 C n 
# 
_pdbx_entity_src_syn.entity_id              1 
_pdbx_entity_src_syn.pdbx_src_id            1 
_pdbx_entity_src_syn.pdbx_alt_source_flag   sample 
_pdbx_entity_src_syn.pdbx_beg_seq_num       ? 
_pdbx_entity_src_syn.pdbx_end_seq_num       ? 
_pdbx_entity_src_syn.organism_scientific    ? 
_pdbx_entity_src_syn.organism_common_name   ? 
_pdbx_entity_src_syn.ncbi_taxonomy_id       ? 
_pdbx_entity_src_syn.details                'In vitro selection' 
# 
loop_
_chem_comp.id 
_chem_comp.type 
_chem_comp.mon_nstd_flag 
_chem_comp.name 
_chem_comp.pdbx_synonyms 
_chem_comp.formula 
_chem_comp.formula_weight 
A   'RNA linking' y "ADENOSINE-5'-MONOPHOSPHATE" ? 'C10 H14 N5 O7 P'   347.221 
C   'RNA linking' y "CYTIDINE-5'-MONOPHOSPHATE"  ? 'C9 H14 N3 O8 P'    323.197 
G   'RNA linking' y "GUANOSINE-5'-MONOPHOSPHATE" ? 'C10 H14 N5 O8 P'   363.221 
GTP non-polymer   n "GUANOSINE-5'-TRIPHOSPHATE"  ? 'C10 H16 N5 O14 P3' 523.180 
U   'RNA linking' y "URIDINE-5'-MONOPHOSPHATE"   ? 'C9 H13 N2 O9 P'    324.181 
# 
loop_
_pdbx_poly_seq_scheme.asym_id 
_pdbx_poly_seq_scheme.entity_id 
_pdbx_poly_seq_scheme.seq_id 
_pdbx_poly_seq_scheme.mon_id 
_pdbx_poly_seq_scheme.ndb_seq_num 
_pdbx_poly_seq_scheme.pdb_seq_num 
_pdbx_poly_seq_scheme.auth_seq_num 
_pdbx_poly_seq_scheme.pdb_mon_id 
_pdbx_poly_seq_scheme.auth_mon_id 
_pdbx_poly_seq_scheme.pdb_strand_id 
_pdbx_poly_seq_scheme.pdb_ins_code 
_pdbx_poly_seq_scheme.hetero 
A 1 1  G 1  1  1  G G A . n 
A 1 2  G 2  2  2  G G A . n 
A 1 3  G 3  3  3  G G A . n 
A 1 4  A 4  4  4  A A A . n 
A 1 5  C 5  5  5  C C A . n 
A 1 6  G 6  6  6  G G A . n 
A 1 7  A 7  7  7  A A A . n 
A 1 8  A 8  8  8  A A A . n 
A 1 9  G 9  9  9  G G A . n 
A 1 10 U 10 10 10 U U A . n 
A 1 11 G 11 11 11 G G A . n 
A 1 12 G 12 12 12 G G A . n 
A 1 13 U 13 13 13 U U A . n 
A 1 14 U 14 14 14 U U A . n 
A 1 15 G 15 15 15 G G A . n 
A 1 16 G 16 16 16 G G A . n 
A 1 17 G 17 17 17 G G A . n 
A 1 18 C 18 18 18 C C A . n 
A 1 19 G 19 19 19 G G A . n 
A 1 20 C 20 20 20 C C A . n 
A 1 21 U 21 21 21 U U A . n 
A 1 22 U 22 22 22 U U A . n 
A 1 23 C 23 23 23 C C A . n 
A 1 24 G 24 24 24 G G A . n 
A 1 25 G 25 25 25 G G A . n 
A 1 26 C 26 26 26 C C A . n 
A 1 27 G 27 27 27 G G A . n 
A 1 28 U 28 28 28 U U A . n 
A 1 29 G 29 29 29 G G A . n 
A 1 30 U 30 30 30 U U A . n 
A 1 31 G 31 31 31 G G A . n 
A 1 32 A 32 32 32 A A A . n 
A 1 33 A 33 33 33 A A A . n 
A 1 34 A 34 34 34 A A A . n 
A 1 35 A 35 35 35 A A A . n 
A 1 36 C 36 36 36 C C A . n 
A 1 37 G 37 37 37 G G A . n 
A 1 38 U 38 38 38 U U A . n 
A 1 39 C 39 39 39 C C A . n 
A 1 40 C 40 40 40 C C A . n 
A 1 41 C 41 41 41 C C A . n 
# 
_pdbx_nonpoly_scheme.asym_id         B 
_pdbx_nonpoly_scheme.entity_id       2 
_pdbx_nonpoly_scheme.mon_id          GTP 
_pdbx_nonpoly_scheme.ndb_seq_num     1 
_pdbx_nonpoly_scheme.pdb_seq_num     42 
_pdbx_nonpoly_scheme.auth_seq_num    42 
_pdbx_nonpoly_scheme.pdb_mon_id      GTP 
_pdbx_nonpoly_scheme.auth_mon_id     GTP 
_pdbx_nonpoly_scheme.pdb_strand_id   A 
_pdbx_nonpoly_scheme.pdb_ins_code    . 
# 
_cell.entry_id           2AU4 
_cell.length_a           1.000 
_cell.length_b           1.000 
_cell.length_c           1.000 
_cell.angle_alpha        90.00 
_cell.angle_beta         90.00 
_cell.angle_gamma        90.00 
_cell.Z_PDB              1 
_cell.pdbx_unique_axis   ? 
# 
_symmetry.entry_id                         2AU4 
_symmetry.space_group_name_H-M             'P 1' 
_symmetry.pdbx_full_space_group_name_H-M   ? 
_symmetry.cell_setting                     ? 
_symmetry.Int_Tables_number                1 
# 
_exptl.entry_id          2AU4 
_exptl.method            'SOLUTION NMR' 
_exptl.crystals_number   ? 
# 
_exptl_crystal.id                    1 
_exptl_crystal.density_meas          ? 
_exptl_crystal.density_percent_sol   ? 
_exptl_crystal.density_Matthews      ? 
_exptl_crystal.description           ? 
_exptl_crystal.F_000                 ? 
_exptl_crystal.preparation           ? 
# 
_diffrn.id                     1 
_diffrn.ambient_temp           ? 
_diffrn.ambient_temp_details   ? 
_diffrn.crystal_id             1 
# 
_diffrn_radiation.diffrn_id                        1 
_diffrn_radiation.wavelength_id                    1 
_diffrn_radiation.monochromator                    ? 
_diffrn_radiation.pdbx_monochromatic_or_laue_m_l   M 
_diffrn_radiation.pdbx_diffrn_protocol             'SINGLE WAVELENGTH' 
_diffrn_radiation.pdbx_scattering_type             ? 
# 
_diffrn_radiation_wavelength.id           1 
_diffrn_radiation_wavelength.wavelength   . 
_diffrn_radiation_wavelength.wt           1.0 
# 
_struct.entry_id                  2AU4 
_struct.title                     'Class I GTP aptamer' 
_struct.pdbx_model_details        ? 
_struct.pdbx_CASP_flag            ? 
_struct.pdbx_model_type_details   'minimized average' 
# 
_struct_keywords.entry_id        2AU4 
_struct_keywords.pdbx_keywords   RNA 
_struct_keywords.text            'RNA, aptamer' 
# 
loop_
_struct_asym.id 
_struct_asym.pdbx_blank_PDB_chainid_flag 
_struct_asym.pdbx_modified 
_struct_asym.entity_id 
_struct_asym.details 
A N N 1 ? 
B N N 2 ? 
# 
_struct_ref.id                         1 
_struct_ref.entity_id                  1 
_struct_ref.db_name                    PDB 
_struct_ref.db_code                    2AU4 
_struct_ref.pdbx_db_accession          2AU4 
_struct_ref.pdbx_db_isoform            ? 
_struct_ref.pdbx_seq_one_letter_code   ? 
_struct_ref.pdbx_align_begin           ? 
# 
_struct_ref_seq.align_id                      1 
_struct_ref_seq.ref_id                        1 
_struct_ref_seq.pdbx_PDB_id_code              2AU4 
_struct_ref_seq.pdbx_strand_id                A 
_struct_ref_seq.seq_align_beg                 1 
_struct_ref_seq.pdbx_seq_align_beg_ins_code   ? 
_struct_ref_seq.seq_align_end                 41 
_struct_ref_seq.pdbx_seq_align_end_ins_code   ? 
_struct_ref_seq.pdbx_db_accession             2AU4 
_struct_ref_seq.db_align_beg                  1 
_struct_ref_seq.pdbx_db_align_beg_ins_code    ? 
_struct_ref_seq.db_align_end                  41 
_struct_ref_seq.pdbx_db_align_end_ins_code    ? 
_struct_ref_seq.pdbx_auth_seq_align_beg       1 
_struct_ref_seq.pdbx_auth_seq_align_end       41 
# 
_pdbx_struct_assembly.id                   1 
_pdbx_struct_assembly.details              author_defined_assembly 
_pdbx_struct_assembly.method_details       ? 
_pdbx_struct_assembly.oligomeric_details   monomeric 
_pdbx_struct_assembly.oligomeric_count     1 
# 
_pdbx_struct_assembly_gen.assembly_id       1 
_pdbx_struct_assembly_gen.oper_expression   1 
_pdbx_struct_assembly_gen.asym_id_list      A,B 
# 
_pdbx_struct_oper_list.id                   1 
_pdbx_struct_oper_list.type                 'identity operation' 
_pdbx_struct_oper_list.name                 1_555 
_pdbx_struct_oper_list.symmetry_operation   x,y,z 
_pdbx_struct_oper_list.matrix[1][1]         1.0000000000 
_pdbx_struct_oper_list.matrix[1][2]         0.0000000000 
_pdbx_struct_oper_list.matrix[1][3]         0.0000000000 
_pdbx_struct_oper_list.vector[1]            0.0000000000 
_pdbx_struct_oper_list.matrix[2][1]         0.0000000000 
_pdbx_struct_oper_list.matrix[2][2]         1.0000000000 
_pdbx_struct_oper_list.matrix[2][3]         0.0000000000 
_pdbx_struct_oper_list.vector[2]            0.0000000000 
_pdbx_struct_oper_list.matrix[3][1]         0.0000000000 
_pdbx_struct_oper_list.matrix[3][2]         0.0000000000 
_pdbx_struct_oper_list.matrix[3][3]         1.0000000000 
_pdbx_struct_oper_list.vector[3]            0.0000000000 
# 
_struct_biol.id   1 
# 
loop_
_struct_conn.id 
_struct_conn.conn_type_id 
_struct_conn.pdbx_leaving_atom_flag 
_struct_conn.pdbx_PDB_id 
_struct_conn.ptnr1_label_asym_id 
_struct_conn.ptnr1_label_comp_id 
_struct_conn.ptnr1_label_seq_id 
_struct_conn.ptnr1_label_atom_id 
_struct_conn.pdbx_ptnr1_label_alt_id 
_struct_conn.pdbx_ptnr1_PDB_ins_code 
_struct_conn.pdbx_ptnr1_standard_comp_id 
_struct_conn.ptnr1_symmetry 
_struct_conn.ptnr2_label_asym_id 
_struct_conn.ptnr2_label_comp_id 
_struct_conn.ptnr2_label_seq_id 
_struct_conn.ptnr2_label_atom_id 
_struct_conn.pdbx_ptnr2_label_alt_id 
_struct_conn.pdbx_ptnr2_PDB_ins_code 
_struct_conn.ptnr1_auth_asym_id 
_struct_conn.ptnr1_auth_comp_id 
_struct_conn.ptnr1_auth_seq_id 
_struct_conn.ptnr2_auth_asym_id 
_struct_conn.ptnr2_auth_comp_id 
_struct_conn.ptnr2_auth_seq_id 
_struct_conn.ptnr2_symmetry 
_struct_conn.pdbx_ptnr3_label_atom_id 
_struct_conn.pdbx_ptnr3_label_seq_id 
_struct_conn.pdbx_ptnr3_label_comp_id 
_struct_conn.pdbx_ptnr3_label_asym_id 
_struct_conn.pdbx_ptnr3_label_alt_id 
_struct_conn.pdbx_ptnr3_PDB_ins_code 
_struct_conn.details 
_struct_conn.pdbx_dist_value 
_struct_conn.pdbx_value_order 
_struct_conn.pdbx_role 
hydrog1  hydrog ? ? A G 1  N1 ? ? ? 1_555 A C 41 N3 ? ? A G 1  A C 41 1_555 ? ? ? ? ? ? WATSON-CRICK  ? ? ? 
hydrog2  hydrog ? ? A G 1  N2 ? ? ? 1_555 A C 41 O2 ? ? A G 1  A C 41 1_555 ? ? ? ? ? ? WATSON-CRICK  ? ? ? 
hydrog3  hydrog ? ? A G 1  O6 ? ? ? 1_555 A C 41 N4 ? ? A G 1  A C 41 1_555 ? ? ? ? ? ? WATSON-CRICK  ? ? ? 
hydrog4  hydrog ? ? A G 2  O6 ? ? ? 1_555 A C 39 N4 ? ? A G 2  A C 39 1_555 ? ? ? ? ? ? 'G-C PAIR'    ? ? ? 
hydrog5  hydrog ? ? A G 2  N1 ? ? ? 1_555 A C 40 N3 ? ? A G 2  A C 40 1_555 ? ? ? ? ? ? WATSON-CRICK  ? ? ? 
hydrog6  hydrog ? ? A G 2  N2 ? ? ? 1_555 A C 40 O2 ? ? A G 2  A C 40 1_555 ? ? ? ? ? ? WATSON-CRICK  ? ? ? 
hydrog7  hydrog ? ? A G 2  O6 ? ? ? 1_555 A C 40 N4 ? ? A G 2  A C 40 1_555 ? ? ? ? ? ? WATSON-CRICK  ? ? ? 
hydrog8  hydrog ? ? A G 3  N1 ? ? ? 1_555 A C 39 N3 ? ? A G 3  A C 39 1_555 ? ? ? ? ? ? WATSON-CRICK  ? ? ? 
hydrog9  hydrog ? ? A G 3  N2 ? ? ? 1_555 A C 39 O2 ? ? A G 3  A C 39 1_555 ? ? ? ? ? ? WATSON-CRICK  ? ? ? 
hydrog10 hydrog ? ? A G 3  O6 ? ? ? 1_555 A C 39 N4 ? ? A G 3  A C 39 1_555 ? ? ? ? ? ? WATSON-CRICK  ? ? ? 
hydrog11 hydrog ? ? A A 4  N1 ? ? ? 1_555 A U 38 N3 ? ? A A 4  A U 38 1_555 ? ? ? ? ? ? WATSON-CRICK  ? ? ? 
hydrog12 hydrog ? ? A A 4  N6 ? ? ? 1_555 A U 38 O4 ? ? A A 4  A U 38 1_555 ? ? ? ? ? ? WATSON-CRICK  ? ? ? 
hydrog13 hydrog ? ? A C 5  N3 ? ? ? 1_555 A G 37 N1 ? ? A C 5  A G 37 1_555 ? ? ? ? ? ? WATSON-CRICK  ? ? ? 
hydrog14 hydrog ? ? A C 5  N4 ? ? ? 1_555 A G 37 O6 ? ? A C 5  A G 37 1_555 ? ? ? ? ? ? WATSON-CRICK  ? ? ? 
hydrog15 hydrog ? ? A C 5  O2 ? ? ? 1_555 A G 37 N2 ? ? A C 5  A G 37 1_555 ? ? ? ? ? ? WATSON-CRICK  ? ? ? 
hydrog16 hydrog ? ? A G 6  N1 ? ? ? 1_555 A C 36 N3 ? ? A G 6  A C 36 1_555 ? ? ? ? ? ? WATSON-CRICK  ? ? ? 
hydrog17 hydrog ? ? A G 6  N2 ? ? ? 1_555 A C 36 O2 ? ? A G 6  A C 36 1_555 ? ? ? ? ? ? WATSON-CRICK  ? ? ? 
hydrog18 hydrog ? ? A G 6  O6 ? ? ? 1_555 A C 36 N4 ? ? A G 6  A C 36 1_555 ? ? ? ? ? ? WATSON-CRICK  ? ? ? 
hydrog19 hydrog ? ? A A 7  N3 ? ? ? 1_555 A A 35 N6 ? ? A A 7  A A 35 1_555 ? ? ? ? ? ? 'A-A MISPAIR' ? ? ? 
hydrog20 hydrog ? ? A A 8  N3 ? ? ? 1_555 A G 11 N2 ? ? A A 8  A G 11 1_555 ? ? ? ? ? ? 'A-G MISPAIR' ? ? ? 
hydrog21 hydrog ? ? A A 8  N1 ? ? ? 1_555 A A 33 N6 ? ? A A 8  A A 33 1_555 ? ? ? ? ? ? 'A-A MISPAIR' ? ? ? 
hydrog22 hydrog ? ? A G 9  N1 ? ? ? 1_555 A G 16 O6 ? ? A G 9  A G 16 1_555 ? ? ? ? ? ? TYPE_6_PAIR   ? ? ? 
hydrog23 hydrog ? ? A G 9  N2 ? ? ? 1_555 A G 16 N7 ? ? A G 9  A G 16 1_555 ? ? ? ? ? ? TYPE_6_PAIR   ? ? ? 
hydrog24 hydrog ? ? A G 9  O6 ? ? ? 1_555 A G 29 N1 ? ? A G 9  A G 29 1_555 ? ? ? ? ? ? 'G-G MISPAIR' ? ? ? 
hydrog25 hydrog ? ? A G 12 N1 ? ? ? 1_555 A A 34 N3 ? ? A G 12 A A 34 1_555 ? ? ? ? ? ? 'G-A MISPAIR' ? ? ? 
hydrog26 hydrog ? ? A U 14 N3 ? ? ? 1_555 A A 33 N1 ? ? A U 14 A A 33 1_555 ? ? ? ? ? ? WATSON-CRICK  ? ? ? 
hydrog27 hydrog ? ? A U 14 O4 ? ? ? 1_555 A A 33 N6 ? ? A U 14 A A 33 1_555 ? ? ? ? ? ? WATSON-CRICK  ? ? ? 
hydrog28 hydrog ? ? A G 15 N1 ? ? ? 1_555 A A 32 N3 ? ? A G 15 A A 32 1_555 ? ? ? ? ? ? 'G-A MISPAIR' ? ? ? 
hydrog29 hydrog ? ? A G 16 N1 ? ? ? 1_555 A G 29 O6 ? ? A G 16 A G 29 1_555 ? ? ? ? ? ? 'G-G MISPAIR' ? ? ? 
hydrog30 hydrog ? ? A G 17 N1 ? ? ? 1_555 A U 28 O2 ? ? A G 17 A U 28 1_555 ? ? ? ? ? ? TYPE_28_PAIR  ? ? ? 
hydrog31 hydrog ? ? A G 17 O6 ? ? ? 1_555 A U 28 N3 ? ? A G 17 A U 28 1_555 ? ? ? ? ? ? TYPE_28_PAIR  ? ? ? 
hydrog32 hydrog ? ? A C 18 N3 ? ? ? 1_555 A G 27 N1 ? ? A C 18 A G 27 1_555 ? ? ? ? ? ? WATSON-CRICK  ? ? ? 
hydrog33 hydrog ? ? A C 18 N4 ? ? ? 1_555 A G 27 O6 ? ? A C 18 A G 27 1_555 ? ? ? ? ? ? WATSON-CRICK  ? ? ? 
hydrog34 hydrog ? ? A C 18 O2 ? ? ? 1_555 A G 27 N2 ? ? A C 18 A G 27 1_555 ? ? ? ? ? ? WATSON-CRICK  ? ? ? 
hydrog35 hydrog ? ? A G 19 N1 ? ? ? 1_555 A C 26 N3 ? ? A G 19 A C 26 1_555 ? ? ? ? ? ? WATSON-CRICK  ? ? ? 
hydrog36 hydrog ? ? A G 19 N2 ? ? ? 1_555 A C 26 O2 ? ? A G 19 A C 26 1_555 ? ? ? ? ? ? WATSON-CRICK  ? ? ? 
hydrog37 hydrog ? ? A G 19 O6 ? ? ? 1_555 A C 26 N4 ? ? A G 19 A C 26 1_555 ? ? ? ? ? ? WATSON-CRICK  ? ? ? 
hydrog38 hydrog ? ? A C 20 N3 ? ? ? 1_555 A G 25 N1 ? ? A C 20 A G 25 1_555 ? ? ? ? ? ? WATSON-CRICK  ? ? ? 
hydrog39 hydrog ? ? A C 20 N4 ? ? ? 1_555 A G 25 O6 ? ? A C 20 A G 25 1_555 ? ? ? ? ? ? WATSON-CRICK  ? ? ? 
hydrog40 hydrog ? ? A C 20 O2 ? ? ? 1_555 A G 25 N2 ? ? A C 20 A G 25 1_555 ? ? ? ? ? ? WATSON-CRICK  ? ? ? 
hydrog41 hydrog ? ? A U 21 O2 ? ? ? 1_555 A G 24 N1 ? ? A U 21 A G 24 1_555 ? ? ? ? ? ? 'U-G MISPAIR' ? ? ? 
# 
_struct_conn_type.id          hydrog 
_struct_conn_type.criteria    ? 
_struct_conn_type.reference   ? 
# 
_struct_site.id                   AC1 
_struct_site.pdbx_evidence_code   Software 
_struct_site.pdbx_auth_asym_id    A 
_struct_site.pdbx_auth_comp_id    GTP 
_struct_site.pdbx_auth_seq_id     42 
_struct_site.pdbx_auth_ins_code   ? 
_struct_site.pdbx_num_residues    7 
_struct_site.details              'BINDING SITE FOR RESIDUE GTP A 42' 
# 
loop_
_struct_site_gen.id 
_struct_site_gen.site_id 
_struct_site_gen.pdbx_num_res 
_struct_site_gen.label_comp_id 
_struct_site_gen.label_asym_id 
_struct_site_gen.label_seq_id 
_struct_site_gen.pdbx_auth_ins_code 
_struct_site_gen.auth_comp_id 
_struct_site_gen.auth_asym_id 
_struct_site_gen.auth_seq_id 
_struct_site_gen.label_atom_id 
_struct_site_gen.label_alt_id 
_struct_site_gen.symmetry 
_struct_site_gen.details 
1 AC1 7 A A 8  ? A A 8  . ? 1_555 ? 
2 AC1 7 G A 9  ? G A 9  . ? 1_555 ? 
3 AC1 7 G A 11 ? G A 11 . ? 1_555 ? 
4 AC1 7 G A 15 ? G A 15 . ? 1_555 ? 
5 AC1 7 G A 16 ? G A 16 . ? 1_555 ? 
6 AC1 7 G A 31 ? G A 31 . ? 1_555 ? 
7 AC1 7 A A 32 ? A A 32 . ? 1_555 ? 
# 
loop_
_pdbx_validate_close_contact.id 
_pdbx_validate_close_contact.PDB_model_num 
_pdbx_validate_close_contact.auth_atom_id_1 
_pdbx_validate_close_contact.auth_asym_id_1 
_pdbx_validate_close_contact.auth_comp_id_1 
_pdbx_validate_close_contact.auth_seq_id_1 
_pdbx_validate_close_contact.PDB_ins_code_1 
_pdbx_validate_close_contact.label_alt_id_1 
_pdbx_validate_close_contact.auth_atom_id_2 
_pdbx_validate_close_contact.auth_asym_id_2 
_pdbx_validate_close_contact.auth_comp_id_2 
_pdbx_validate_close_contact.auth_seq_id_2 
_pdbx_validate_close_contact.PDB_ins_code_2 
_pdbx_validate_close_contact.label_alt_id_2 
_pdbx_validate_close_contact.dist 
1 1 H21    A G 31 ? ? O6     A GTP 42 ? ? 1.43 
2 1 "HO2'" A G 24 ? ? "O5'"  A G   25 ? ? 1.47 
3 1 "O2'"  A A 8  ? ? "HO2'" A GTP 42 ? ? 1.47 
4 1 H1     A G 17 ? ? O2     A U   28 ? ? 1.52 
5 1 N3     A A 8  ? ? H21    A G   11 ? ? 1.54 
6 1 H3     A U 14 ? ? N1     A A   33 ? ? 1.59 
# 
loop_
_pdbx_validate_rmsd_angle.id 
_pdbx_validate_rmsd_angle.PDB_model_num 
_pdbx_validate_rmsd_angle.auth_atom_id_1 
_pdbx_validate_rmsd_angle.auth_asym_id_1 
_pdbx_validate_rmsd_angle.auth_comp_id_1 
_pdbx_validate_rmsd_angle.auth_seq_id_1 
_pdbx_validate_rmsd_angle.PDB_ins_code_1 
_pdbx_validate_rmsd_angle.label_alt_id_1 
_pdbx_validate_rmsd_angle.auth_atom_id_2 
_pdbx_validate_rmsd_angle.auth_asym_id_2 
_pdbx_validate_rmsd_angle.auth_comp_id_2 
_pdbx_validate_rmsd_angle.auth_seq_id_2 
_pdbx_validate_rmsd_angle.PDB_ins_code_2 
_pdbx_validate_rmsd_angle.label_alt_id_2 
_pdbx_validate_rmsd_angle.auth_atom_id_3 
_pdbx_validate_rmsd_angle.auth_asym_id_3 
_pdbx_validate_rmsd_angle.auth_comp_id_3 
_pdbx_validate_rmsd_angle.auth_seq_id_3 
_pdbx_validate_rmsd_angle.PDB_ins_code_3 
_pdbx_validate_rmsd_angle.label_alt_id_3 
_pdbx_validate_rmsd_angle.angle_value 
_pdbx_validate_rmsd_angle.angle_target_value 
_pdbx_validate_rmsd_angle.angle_deviation 
_pdbx_validate_rmsd_angle.angle_standard_deviation 
_pdbx_validate_rmsd_angle.linker_flag 
1  1 "C3'" A G 1  ? ? "C2'" A G 1  ? ? "C1'" A G 1  ? ? 106.31 101.50 4.81  0.80 N 
2  1 N7    A G 1  ? ? C8    A G 1  ? ? N9    A G 1  ? ? 117.67 113.10 4.57  0.50 N 
3  1 C8    A G 1  ? ? N9    A G 1  ? ? C4    A G 1  ? ? 103.73 106.40 -2.67 0.40 N 
4  1 N7    A G 2  ? ? C8    A G 2  ? ? N9    A G 2  ? ? 117.72 113.10 4.62  0.50 N 
5  1 C8    A G 2  ? ? N9    A G 2  ? ? C4    A G 2  ? ? 103.79 106.40 -2.61 0.40 N 
6  1 N7    A G 3  ? ? C8    A G 3  ? ? N9    A G 3  ? ? 117.55 113.10 4.45  0.50 N 
7  1 C8    A G 3  ? ? N9    A G 3  ? ? C4    A G 3  ? ? 103.84 106.40 -2.56 0.40 N 
8  1 N7    A A 4  ? ? C8    A A 4  ? ? N9    A A 4  ? ? 117.59 113.80 3.79  0.50 N 
9  1 N7    A G 6  ? ? C8    A G 6  ? ? N9    A G 6  ? ? 117.68 113.10 4.58  0.50 N 
10 1 C8    A G 6  ? ? N9    A G 6  ? ? C4    A G 6  ? ? 103.80 106.40 -2.60 0.40 N 
11 1 "C3'" A A 7  ? ? "C2'" A A 7  ? ? "C1'" A A 7  ? ? 106.32 101.50 4.82  0.80 N 
12 1 N7    A A 7  ? ? C8    A A 7  ? ? N9    A A 7  ? ? 117.42 113.80 3.62  0.50 N 
13 1 N7    A A 8  ? ? C8    A A 8  ? ? N9    A A 8  ? ? 117.43 113.80 3.63  0.50 N 
14 1 N7    A G 9  ? ? C8    A G 9  ? ? N9    A G 9  ? ? 117.61 113.10 4.51  0.50 N 
15 1 C8    A G 9  ? ? N9    A G 9  ? ? C4    A G 9  ? ? 103.85 106.40 -2.55 0.40 N 
16 1 "C3'" A U 10 ? ? "C2'" A U 10 ? ? "C1'" A U 10 ? ? 106.44 101.50 4.94  0.80 N 
17 1 N7    A G 11 ? ? C8    A G 11 ? ? N9    A G 11 ? ? 117.52 113.10 4.42  0.50 N 
18 1 C8    A G 11 ? ? N9    A G 11 ? ? C4    A G 11 ? ? 103.86 106.40 -2.54 0.40 N 
19 1 "C3'" A G 12 ? ? "C2'" A G 12 ? ? "C1'" A G 12 ? ? 106.45 101.50 4.95  0.80 N 
20 1 N7    A G 12 ? ? C8    A G 12 ? ? N9    A G 12 ? ? 117.61 113.10 4.51  0.50 N 
21 1 C8    A G 12 ? ? N9    A G 12 ? ? C4    A G 12 ? ? 103.74 106.40 -2.66 0.40 N 
22 1 "C3'" A U 14 ? ? "C2'" A U 14 ? ? "C1'" A U 14 ? ? 106.52 101.50 5.02  0.80 N 
23 1 N7    A G 15 ? ? C8    A G 15 ? ? N9    A G 15 ? ? 117.63 113.10 4.53  0.50 N 
24 1 C8    A G 15 ? ? N9    A G 15 ? ? C4    A G 15 ? ? 103.73 106.40 -2.67 0.40 N 
25 1 N7    A G 16 ? ? C8    A G 16 ? ? N9    A G 16 ? ? 117.73 113.10 4.63  0.50 N 
26 1 C8    A G 16 ? ? N9    A G 16 ? ? C4    A G 16 ? ? 103.77 106.40 -2.63 0.40 N 
27 1 "C3'" A G 17 ? ? "C2'" A G 17 ? ? "C1'" A G 17 ? ? 106.32 101.50 4.82  0.80 N 
28 1 N7    A G 17 ? ? C8    A G 17 ? ? N9    A G 17 ? ? 117.63 113.10 4.53  0.50 N 
29 1 C8    A G 17 ? ? N9    A G 17 ? ? C4    A G 17 ? ? 103.77 106.40 -2.63 0.40 N 
30 1 N7    A G 19 ? ? C8    A G 19 ? ? N9    A G 19 ? ? 117.75 113.10 4.65  0.50 N 
31 1 C8    A G 19 ? ? N9    A G 19 ? ? C4    A G 19 ? ? 103.80 106.40 -2.60 0.40 N 
32 1 "C3'" A U 22 ? ? "C2'" A U 22 ? ? "C1'" A U 22 ? ? 106.42 101.50 4.92  0.80 N 
33 1 "C3'" A G 24 ? ? "C2'" A G 24 ? ? "C1'" A G 24 ? ? 106.39 101.50 4.89  0.80 N 
34 1 N7    A G 24 ? ? C8    A G 24 ? ? N9    A G 24 ? ? 117.71 113.10 4.61  0.50 N 
35 1 C8    A G 24 ? ? N9    A G 24 ? ? C4    A G 24 ? ? 103.90 106.40 -2.50 0.40 N 
36 1 N7    A G 25 ? ? C8    A G 25 ? ? N9    A G 25 ? ? 117.59 113.10 4.49  0.50 N 
37 1 C8    A G 25 ? ? N9    A G 25 ? ? C4    A G 25 ? ? 103.86 106.40 -2.54 0.40 N 
38 1 N7    A G 27 ? ? C8    A G 27 ? ? N9    A G 27 ? ? 117.61 113.10 4.51  0.50 N 
39 1 C8    A G 27 ? ? N9    A G 27 ? ? C4    A G 27 ? ? 103.89 106.40 -2.51 0.40 N 
40 1 "C3'" A U 28 ? ? "C2'" A U 28 ? ? "C1'" A U 28 ? ? 106.43 101.50 4.93  0.80 N 
41 1 "C3'" A G 29 ? ? "C2'" A G 29 ? ? "C1'" A G 29 ? ? 106.41 101.50 4.91  0.80 N 
42 1 N7    A G 29 ? ? C8    A G 29 ? ? N9    A G 29 ? ? 117.75 113.10 4.65  0.50 N 
43 1 C8    A G 29 ? ? N9    A G 29 ? ? C4    A G 29 ? ? 103.68 106.40 -2.72 0.40 N 
44 1 "C3'" A U 30 ? ? "C2'" A U 30 ? ? "C1'" A U 30 ? ? 106.43 101.50 4.93  0.80 N 
45 1 "C3'" A G 31 ? ? "C2'" A G 31 ? ? "C1'" A G 31 ? ? 106.37 101.50 4.87  0.80 N 
46 1 N7    A G 31 ? ? C8    A G 31 ? ? N9    A G 31 ? ? 117.57 113.10 4.47  0.50 N 
47 1 C8    A G 31 ? ? N9    A G 31 ? ? C4    A G 31 ? ? 103.83 106.40 -2.57 0.40 N 
48 1 "C3'" A A 32 ? ? "C2'" A A 32 ? ? "C1'" A A 32 ? ? 106.40 101.50 4.90  0.80 N 
49 1 N7    A A 32 ? ? C8    A A 32 ? ? N9    A A 32 ? ? 117.45 113.80 3.65  0.50 N 
50 1 N7    A A 33 ? ? C8    A A 33 ? ? N9    A A 33 ? ? 117.41 113.80 3.61  0.50 N 
51 1 "C3'" A A 34 ? ? "C2'" A A 34 ? ? "C1'" A A 34 ? ? 106.44 101.50 4.94  0.80 N 
52 1 N7    A A 34 ? ? C8    A A 34 ? ? N9    A A 34 ? ? 117.52 113.80 3.72  0.50 N 
53 1 N7    A A 35 ? ? C8    A A 35 ? ? N9    A A 35 ? ? 117.53 113.80 3.73  0.50 N 
54 1 "C3'" A C 36 ? ? "C2'" A C 36 ? ? "C1'" A C 36 ? ? 106.36 101.50 4.86  0.80 N 
55 1 N7    A G 37 ? ? C8    A G 37 ? ? N9    A G 37 ? ? 117.76 113.10 4.66  0.50 N 
56 1 C8    A G 37 ? ? N9    A G 37 ? ? C4    A G 37 ? ? 103.77 106.40 -2.63 0.40 N 
57 1 "C3'" A C 39 ? ? "C2'" A C 39 ? ? "C1'" A C 39 ? ? 106.41 101.50 4.91  0.80 N 
58 1 "C3'" A C 41 ? ? "C2'" A C 41 ? ? "C1'" A C 41 ? ? 106.32 101.50 4.82  0.80 N 
# 
_pdbx_nmr_ensemble.entry_id                             2AU4 
_pdbx_nmr_ensemble.conformers_calculated_total_number   ? 
_pdbx_nmr_ensemble.conformers_submitted_total_number    1 
_pdbx_nmr_ensemble.conformer_selection_criteria         ? 
# 
_pdbx_nmr_representative.entry_id             2AU4 
_pdbx_nmr_representative.conformer_id         1 
_pdbx_nmr_representative.selection_criteria   'minimized average structure' 
# 
loop_
_pdbx_nmr_sample_details.solution_id 
_pdbx_nmr_sample_details.contents 
_pdbx_nmr_sample_details.solvent_system 
1 '3.3 mM Class I aptamer U-15N, 13C, 3.63 mM GTP ligand NA, 10 % phosphate buffer NA, 99% D2O'                           
'99% D2O'        
2 '0.9 mM Class I aptamer NA, 0.99 nM GTP ligand U-15N, 13C, 10 % phospate buffer NA, 99% D2O'                            
'99% D2O'        
3 '3.3 mM Class I aptamer U-15N, 13C; 3.63 mM GTP ligand NA; 10 % phosphate buffer NA, 95% H2O, 5% D2O'                   
'95% H2O/5% D2O' 
4 '0.9 mM Class I aptamer NA; 0.99 nM GTP ligand U-15N, 13C; 10 % phospate buffer NA, 95% H2O, 5% D2O'                    
'95% H2O/5% D2O' 
5 '0.8 mM Class I RNA aptamer U-15N,13C, 0.9 mM GTP NA, 10% phosphate buffer NA, 95% H2O, 5% D2O'                         
'95% H2O/5% D2O' 
6 '0.5 mM Class I RNA aptamer U-15N,13C, 0.55 mM GTP NA, 18 mL/mg Pf1 phage NA, 10% phosphate buffer NA, 95% H2O, 5% D2O' 
'95% H2O/5% D2O' 
# 
loop_
_pdbx_nmr_exptl_sample_conditions.conditions_id 
_pdbx_nmr_exptl_sample_conditions.temperature 
_pdbx_nmr_exptl_sample_conditions.pressure 
_pdbx_nmr_exptl_sample_conditions.pH 
_pdbx_nmr_exptl_sample_conditions.ionic_strength 
_pdbx_nmr_exptl_sample_conditions.pressure_units 
_pdbx_nmr_exptl_sample_conditions.temperature_units 
1 288 ambient 6.1 '5 mM MgCl2, 75 mM KCl' . K 
2 303 ambient 6.1 '5 mM MgCl2, 75 mM KCl' . K 
3 298 ambient 6.1 '5 mM MgCl2, 75 mM KCl' . K 
4 303 ambient 6.8 '5 mM MgCl2, 75 mM KCl' . K 
# 
loop_
_pdbx_nmr_exptl.experiment_id 
_pdbx_nmr_exptl.conditions_id 
_pdbx_nmr_exptl.type 
_pdbx_nmr_exptl.solution_id 
1 1 3D_13C-separated_NOESY           3 
2 1 3D_15N-separated_NOESY           3 
3 1 '2D NOESY'                       3 
4 1 DQF-COSY                         4 
5 4 '2D 1H decoupled 13C-1H CT HSQC' 5 
6 4 '2D 13C-1H CT-TROSY'             5 
# 
_pdbx_nmr_refine.entry_id           2AU4 
_pdbx_nmr_refine.method             'restrained molecular dynamics' 
_pdbx_nmr_refine.details            'structures are based on a total of 434 restraints' 
_pdbx_nmr_refine.software_ordinal   1 
# 
loop_
_pdbx_nmr_software.classification 
_pdbx_nmr_software.name 
_pdbx_nmr_software.version 
_pdbx_nmr_software.authors 
_pdbx_nmr_software.ordinal 
processing           NMRPipe   2.3   Delaglio                                  1 
'structure solution' XPLOR-NIH 2.9.2 'Clore, Tjandra,  Schwieters,  Kuszewski' 2 
'data analysis'      Sparky    3     'Kneller and Kuntz'                       3 
refinement           XPLOR-NIH 2.9.2 'Clore, Tjandra,  Schwieters,  Kuszewski' 4 
# 
loop_
_chem_comp_atom.comp_id 
_chem_comp_atom.atom_id 
_chem_comp_atom.type_symbol 
_chem_comp_atom.pdbx_aromatic_flag 
_chem_comp_atom.pdbx_stereo_config 
_chem_comp_atom.pdbx_ordinal 
A   OP3    O N N 1   
A   P      P N N 2   
A   OP1    O N N 3   
A   OP2    O N N 4   
A   "O5'"  O N N 5   
A   "C5'"  C N N 6   
A   "C4'"  C N R 7   
A   "O4'"  O N N 8   
A   "C3'"  C N S 9   
A   "O3'"  O N N 10  
A   "C2'"  C N R 11  
A   "O2'"  O N N 12  
A   "C1'"  C N R 13  
A   N9     N Y N 14  
A   C8     C Y N 15  
A   N7     N Y N 16  
A   C5     C Y N 17  
A   C6     C Y N 18  
A   N6     N N N 19  
A   N1     N Y N 20  
A   C2     C Y N 21  
A   N3     N Y N 22  
A   C4     C Y N 23  
A   HOP3   H N N 24  
A   HOP2   H N N 25  
A   "H5'"  H N N 26  
A   "H5''" H N N 27  
A   "H4'"  H N N 28  
A   "H3'"  H N N 29  
A   "HO3'" H N N 30  
A   "H2'"  H N N 31  
A   "HO2'" H N N 32  
A   "H1'"  H N N 33  
A   H8     H N N 34  
A   H61    H N N 35  
A   H62    H N N 36  
A   H2     H N N 37  
C   OP3    O N N 38  
C   P      P N N 39  
C   OP1    O N N 40  
C   OP2    O N N 41  
C   "O5'"  O N N 42  
C   "C5'"  C N N 43  
C   "C4'"  C N R 44  
C   "O4'"  O N N 45  
C   "C3'"  C N S 46  
C   "O3'"  O N N 47  
C   "C2'"  C N R 48  
C   "O2'"  O N N 49  
C   "C1'"  C N R 50  
C   N1     N N N 51  
C   C2     C N N 52  
C   O2     O N N 53  
C   N3     N N N 54  
C   C4     C N N 55  
C   N4     N N N 56  
C   C5     C N N 57  
C   C6     C N N 58  
C   HOP3   H N N 59  
C   HOP2   H N N 60  
C   "H5'"  H N N 61  
C   "H5''" H N N 62  
C   "H4'"  H N N 63  
C   "H3'"  H N N 64  
C   "HO3'" H N N 65  
C   "H2'"  H N N 66  
C   "HO2'" H N N 67  
C   "H1'"  H N N 68  
C   H41    H N N 69  
C   H42    H N N 70  
C   H5     H N N 71  
C   H6     H N N 72  
G   OP3    O N N 73  
G   P      P N N 74  
G   OP1    O N N 75  
G   OP2    O N N 76  
G   "O5'"  O N N 77  
G   "C5'"  C N N 78  
G   "C4'"  C N R 79  
G   "O4'"  O N N 80  
G   "C3'"  C N S 81  
G   "O3'"  O N N 82  
G   "C2'"  C N R 83  
G   "O2'"  O N N 84  
G   "C1'"  C N R 85  
G   N9     N Y N 86  
G   C8     C Y N 87  
G   N7     N Y N 88  
G   C5     C Y N 89  
G   C6     C N N 90  
G   O6     O N N 91  
G   N1     N N N 92  
G   C2     C N N 93  
G   N2     N N N 94  
G   N3     N N N 95  
G   C4     C Y N 96  
G   HOP3   H N N 97  
G   HOP2   H N N 98  
G   "H5'"  H N N 99  
G   "H5''" H N N 100 
G   "H4'"  H N N 101 
G   "H3'"  H N N 102 
G   "HO3'" H N N 103 
G   "H2'"  H N N 104 
G   "HO2'" H N N 105 
G   "H1'"  H N N 106 
G   H8     H N N 107 
G   H1     H N N 108 
G   H21    H N N 109 
G   H22    H N N 110 
GTP PG     P N N 111 
GTP O1G    O N N 112 
GTP O2G    O N N 113 
GTP O3G    O N N 114 
GTP O3B    O N N 115 
GTP PB     P N N 116 
GTP O1B    O N N 117 
GTP O2B    O N N 118 
GTP O3A    O N N 119 
GTP PA     P N N 120 
GTP O1A    O N N 121 
GTP O2A    O N N 122 
GTP "O5'"  O N N 123 
GTP "C5'"  C N N 124 
GTP "C4'"  C N R 125 
GTP "O4'"  O N N 126 
GTP "C3'"  C N S 127 
GTP "O3'"  O N N 128 
GTP "C2'"  C N R 129 
GTP "O2'"  O N N 130 
GTP "C1'"  C N R 131 
GTP N9     N Y N 132 
GTP C8     C Y N 133 
GTP N7     N Y N 134 
GTP C5     C Y N 135 
GTP C6     C N N 136 
GTP O6     O N N 137 
GTP N1     N N N 138 
GTP C2     C N N 139 
GTP N2     N N N 140 
GTP N3     N N N 141 
GTP C4     C Y N 142 
GTP HOG2   H N N 143 
GTP HOG3   H N N 144 
GTP HOB2   H N N 145 
GTP HOA2   H N N 146 
GTP "H5'"  H N N 147 
GTP "H5''" H N N 148 
GTP "H4'"  H N N 149 
GTP "H3'"  H N N 150 
GTP "HO3'" H N N 151 
GTP "H2'"  H N N 152 
GTP "HO2'" H N N 153 
GTP "H1'"  H N N 154 
GTP H8     H N N 155 
GTP HN1    H N N 156 
GTP HN21   H N N 157 
GTP HN22   H N N 158 
U   OP3    O N N 159 
U   P      P N N 160 
U   OP1    O N N 161 
U   OP2    O N N 162 
U   "O5'"  O N N 163 
U   "C5'"  C N N 164 
U   "C4'"  C N R 165 
U   "O4'"  O N N 166 
U   "C3'"  C N S 167 
U   "O3'"  O N N 168 
U   "C2'"  C N R 169 
U   "O2'"  O N N 170 
U   "C1'"  C N R 171 
U   N1     N N N 172 
U   C2     C N N 173 
U   O2     O N N 174 
U   N3     N N N 175 
U   C4     C N N 176 
U   O4     O N N 177 
U   C5     C N N 178 
U   C6     C N N 179 
U   HOP3   H N N 180 
U   HOP2   H N N 181 
U   "H5'"  H N N 182 
U   "H5''" H N N 183 
U   "H4'"  H N N 184 
U   "H3'"  H N N 185 
U   "HO3'" H N N 186 
U   "H2'"  H N N 187 
U   "HO2'" H N N 188 
U   "H1'"  H N N 189 
U   H3     H N N 190 
U   H5     H N N 191 
U   H6     H N N 192 
# 
loop_
_chem_comp_bond.comp_id 
_chem_comp_bond.atom_id_1 
_chem_comp_bond.atom_id_2 
_chem_comp_bond.value_order 
_chem_comp_bond.pdbx_aromatic_flag 
_chem_comp_bond.pdbx_stereo_config 
_chem_comp_bond.pdbx_ordinal 
A   OP3   P      sing N N 1   
A   OP3   HOP3   sing N N 2   
A   P     OP1    doub N N 3   
A   P     OP2    sing N N 4   
A   P     "O5'"  sing N N 5   
A   OP2   HOP2   sing N N 6   
A   "O5'" "C5'"  sing N N 7   
A   "C5'" "C4'"  sing N N 8   
A   "C5'" "H5'"  sing N N 9   
A   "C5'" "H5''" sing N N 10  
A   "C4'" "O4'"  sing N N 11  
A   "C4'" "C3'"  sing N N 12  
A   "C4'" "H4'"  sing N N 13  
A   "O4'" "C1'"  sing N N 14  
A   "C3'" "O3'"  sing N N 15  
A   "C3'" "C2'"  sing N N 16  
A   "C3'" "H3'"  sing N N 17  
A   "O3'" "HO3'" sing N N 18  
A   "C2'" "O2'"  sing N N 19  
A   "C2'" "C1'"  sing N N 20  
A   "C2'" "H2'"  sing N N 21  
A   "O2'" "HO2'" sing N N 22  
A   "C1'" N9     sing N N 23  
A   "C1'" "H1'"  sing N N 24  
A   N9    C8     sing Y N 25  
A   N9    C4     sing Y N 26  
A   C8    N7     doub Y N 27  
A   C8    H8     sing N N 28  
A   N7    C5     sing Y N 29  
A   C5    C6     sing Y N 30  
A   C5    C4     doub Y N 31  
A   C6    N6     sing N N 32  
A   C6    N1     doub Y N 33  
A   N6    H61    sing N N 34  
A   N6    H62    sing N N 35  
A   N1    C2     sing Y N 36  
A   C2    N3     doub Y N 37  
A   C2    H2     sing N N 38  
A   N3    C4     sing Y N 39  
C   OP3   P      sing N N 40  
C   OP3   HOP3   sing N N 41  
C   P     OP1    doub N N 42  
C   P     OP2    sing N N 43  
C   P     "O5'"  sing N N 44  
C   OP2   HOP2   sing N N 45  
C   "O5'" "C5'"  sing N N 46  
C   "C5'" "C4'"  sing N N 47  
C   "C5'" "H5'"  sing N N 48  
C   "C5'" "H5''" sing N N 49  
C   "C4'" "O4'"  sing N N 50  
C   "C4'" "C3'"  sing N N 51  
C   "C4'" "H4'"  sing N N 52  
C   "O4'" "C1'"  sing N N 53  
C   "C3'" "O3'"  sing N N 54  
C   "C3'" "C2'"  sing N N 55  
C   "C3'" "H3'"  sing N N 56  
C   "O3'" "HO3'" sing N N 57  
C   "C2'" "O2'"  sing N N 58  
C   "C2'" "C1'"  sing N N 59  
C   "C2'" "H2'"  sing N N 60  
C   "O2'" "HO2'" sing N N 61  
C   "C1'" N1     sing N N 62  
C   "C1'" "H1'"  sing N N 63  
C   N1    C2     sing N N 64  
C   N1    C6     sing N N 65  
C   C2    O2     doub N N 66  
C   C2    N3     sing N N 67  
C   N3    C4     doub N N 68  
C   C4    N4     sing N N 69  
C   C4    C5     sing N N 70  
C   N4    H41    sing N N 71  
C   N4    H42    sing N N 72  
C   C5    C6     doub N N 73  
C   C5    H5     sing N N 74  
C   C6    H6     sing N N 75  
G   OP3   P      sing N N 76  
G   OP3   HOP3   sing N N 77  
G   P     OP1    doub N N 78  
G   P     OP2    sing N N 79  
G   P     "O5'"  sing N N 80  
G   OP2   HOP2   sing N N 81  
G   "O5'" "C5'"  sing N N 82  
G   "C5'" "C4'"  sing N N 83  
G   "C5'" "H5'"  sing N N 84  
G   "C5'" "H5''" sing N N 85  
G   "C4'" "O4'"  sing N N 86  
G   "C4'" "C3'"  sing N N 87  
G   "C4'" "H4'"  sing N N 88  
G   "O4'" "C1'"  sing N N 89  
G   "C3'" "O3'"  sing N N 90  
G   "C3'" "C2'"  sing N N 91  
G   "C3'" "H3'"  sing N N 92  
G   "O3'" "HO3'" sing N N 93  
G   "C2'" "O2'"  sing N N 94  
G   "C2'" "C1'"  sing N N 95  
G   "C2'" "H2'"  sing N N 96  
G   "O2'" "HO2'" sing N N 97  
G   "C1'" N9     sing N N 98  
G   "C1'" "H1'"  sing N N 99  
G   N9    C8     sing Y N 100 
G   N9    C4     sing Y N 101 
G   C8    N7     doub Y N 102 
G   C8    H8     sing N N 103 
G   N7    C5     sing Y N 104 
G   C5    C6     sing N N 105 
G   C5    C4     doub Y N 106 
G   C6    O6     doub N N 107 
G   C6    N1     sing N N 108 
G   N1    C2     sing N N 109 
G   N1    H1     sing N N 110 
G   C2    N2     sing N N 111 
G   C2    N3     doub N N 112 
G   N2    H21    sing N N 113 
G   N2    H22    sing N N 114 
G   N3    C4     sing N N 115 
GTP PG    O1G    doub N N 116 
GTP PG    O2G    sing N N 117 
GTP PG    O3G    sing N N 118 
GTP PG    O3B    sing N N 119 
GTP O2G   HOG2   sing N N 120 
GTP O3G   HOG3   sing N N 121 
GTP O3B   PB     sing N N 122 
GTP PB    O1B    doub N N 123 
GTP PB    O2B    sing N N 124 
GTP PB    O3A    sing N N 125 
GTP O2B   HOB2   sing N N 126 
GTP O3A   PA     sing N N 127 
GTP PA    O1A    doub N N 128 
GTP PA    O2A    sing N N 129 
GTP PA    "O5'"  sing N N 130 
GTP O2A   HOA2   sing N N 131 
GTP "O5'" "C5'"  sing N N 132 
GTP "C5'" "C4'"  sing N N 133 
GTP "C5'" "H5'"  sing N N 134 
GTP "C5'" "H5''" sing N N 135 
GTP "C4'" "O4'"  sing N N 136 
GTP "C4'" "C3'"  sing N N 137 
GTP "C4'" "H4'"  sing N N 138 
GTP "O4'" "C1'"  sing N N 139 
GTP "C3'" "O3'"  sing N N 140 
GTP "C3'" "C2'"  sing N N 141 
GTP "C3'" "H3'"  sing N N 142 
GTP "O3'" "HO3'" sing N N 143 
GTP "C2'" "O2'"  sing N N 144 
GTP "C2'" "C1'"  sing N N 145 
GTP "C2'" "H2'"  sing N N 146 
GTP "O2'" "HO2'" sing N N 147 
GTP "C1'" N9     sing N N 148 
GTP "C1'" "H1'"  sing N N 149 
GTP N9    C8     sing Y N 150 
GTP N9    C4     sing Y N 151 
GTP C8    N7     doub Y N 152 
GTP C8    H8     sing N N 153 
GTP N7    C5     sing Y N 154 
GTP C5    C6     sing N N 155 
GTP C5    C4     doub Y N 156 
GTP C6    O6     doub N N 157 
GTP C6    N1     sing N N 158 
GTP N1    C2     sing N N 159 
GTP N1    HN1    sing N N 160 
GTP C2    N2     sing N N 161 
GTP C2    N3     doub N N 162 
GTP N2    HN21   sing N N 163 
GTP N2    HN22   sing N N 164 
GTP N3    C4     sing N N 165 
U   OP3   P      sing N N 166 
U   OP3   HOP3   sing N N 167 
U   P     OP1    doub N N 168 
U   P     OP2    sing N N 169 
U   P     "O5'"  sing N N 170 
U   OP2   HOP2   sing N N 171 
U   "O5'" "C5'"  sing N N 172 
U   "C5'" "C4'"  sing N N 173 
U   "C5'" "H5'"  sing N N 174 
U   "C5'" "H5''" sing N N 175 
U   "C4'" "O4'"  sing N N 176 
U   "C4'" "C3'"  sing N N 177 
U   "C4'" "H4'"  sing N N 178 
U   "O4'" "C1'"  sing N N 179 
U   "C3'" "O3'"  sing N N 180 
U   "C3'" "C2'"  sing N N 181 
U   "C3'" "H3'"  sing N N 182 
U   "O3'" "HO3'" sing N N 183 
U   "C2'" "O2'"  sing N N 184 
U   "C2'" "C1'"  sing N N 185 
U   "C2'" "H2'"  sing N N 186 
U   "O2'" "HO2'" sing N N 187 
U   "C1'" N1     sing N N 188 
U   "C1'" "H1'"  sing N N 189 
U   N1    C2     sing N N 190 
U   N1    C6     sing N N 191 
U   C2    O2     doub N N 192 
U   C2    N3     sing N N 193 
U   N3    C4     sing N N 194 
U   N3    H3     sing N N 195 
U   C4    O4     doub N N 196 
U   C4    C5     sing N N 197 
U   C5    C6     doub N N 198 
U   C5    H5     sing N N 199 
U   C6    H6     sing N N 200 
# 
loop_
_ndb_struct_conf_na.entry_id 
_ndb_struct_conf_na.feature 
2AU4 'double helix'         
2AU4 tetraloop              
2AU4 'mismatched base pair' 
2AU4 'internal loop'        
# 
loop_
_ndb_struct_na_base_pair.model_number 
_ndb_struct_na_base_pair.i_label_asym_id 
_ndb_struct_na_base_pair.i_label_comp_id 
_ndb_struct_na_base_pair.i_label_seq_id 
_ndb_struct_na_base_pair.i_symmetry 
_ndb_struct_na_base_pair.j_label_asym_id 
_ndb_struct_na_base_pair.j_label_comp_id 
_ndb_struct_na_base_pair.j_label_seq_id 
_ndb_struct_na_base_pair.j_symmetry 
_ndb_struct_na_base_pair.shear 
_ndb_struct_na_base_pair.stretch 
_ndb_struct_na_base_pair.stagger 
_ndb_struct_na_base_pair.buckle 
_ndb_struct_na_base_pair.propeller 
_ndb_struct_na_base_pair.opening 
_ndb_struct_na_base_pair.pair_number 
_ndb_struct_na_base_pair.pair_name 
_ndb_struct_na_base_pair.i_auth_asym_id 
_ndb_struct_na_base_pair.i_auth_seq_id 
_ndb_struct_na_base_pair.i_PDB_ins_code 
_ndb_struct_na_base_pair.j_auth_asym_id 
_ndb_struct_na_base_pair.j_auth_seq_id 
_ndb_struct_na_base_pair.j_PDB_ins_code 
_ndb_struct_na_base_pair.hbond_type_28 
_ndb_struct_na_base_pair.hbond_type_12 
1 A G 1  1_555 A C 41 1_555 -0.085 -0.144 0.187  0.602   -19.202 -1.934   1  A_G1:C41_A  A 1  ? A 41 ? 19 1 
1 A G 2  1_555 A C 40 1_555 -0.110 -0.164 0.038  -1.706  -15.327 -2.164   2  A_G2:C40_A  A 2  ? A 40 ? 19 1 
1 A G 3  1_555 A C 39 1_555 -0.117 -0.164 0.613  8.475   -5.217  -2.030   3  A_G3:C39_A  A 3  ? A 39 ? 19 1 
1 A A 4  1_555 A U 38 1_555 -0.573 -0.225 -0.074 23.306  -7.676  2.681    4  A_A4:U38_A  A 4  ? A 38 ? 20 1 
1 A C 5  1_555 A G 37 1_555 0.135  -0.179 0.475  -0.141  -16.456 -1.711   5  A_C5:G37_A  A 5  ? A 37 ? 19 1 
1 A G 6  1_555 A C 36 1_555 -0.120 -0.148 -0.365 -2.631  -4.359  -1.377   6  A_G6:C36_A  A 6  ? A 36 ? 19 1 
1 A A 7  1_555 A A 35 1_555 2.511  -2.997 0.017  3.474   -6.245  -112.885 7  A_A7:A35_A  A 7  ? A 35 ? ?  6 
1 A G 12 1_555 A A 34 1_555 -4.555 0.811  0.498  14.757  -3.660  41.928   8  A_G12:A34_A A 12 ? A 34 ? ?  5 
1 A U 14 1_555 A A 33 1_555 0.003  -0.249 -0.182 -2.938  47.915  12.585   9  A_U14:A33_A A 14 ? A 33 ? 20 1 
1 A G 15 1_555 A A 32 1_555 -5.232 0.148  -0.390 -16.546 14.950  55.243   10 A_G15:A32_A A 15 ? A 32 ? ?  ? 
1 A G 9  1_555 A G 29 1_555 -1.556 -2.205 0.485  -8.169  3.066   151.394  11 A_G9:G29_A  A 9  ? A 29 ? ?  ? 
1 A G 17 1_555 A U 28 1_555 -2.831 -0.376 0.122  6.601   -5.468  15.365   12 A_G17:U28_A A 17 ? A 28 ? 28 1 
1 A C 18 1_555 A G 27 1_555 0.509  -0.318 0.190  4.296   -27.277 5.820    13 A_C18:G27_A A 18 ? A 27 ? 19 1 
1 A G 19 1_555 A C 26 1_555 -0.121 -0.153 -0.438 -1.337  -4.127  -0.811   14 A_G19:C26_A A 19 ? A 26 ? 19 1 
1 A C 20 1_555 A G 25 1_555 0.048  -0.124 -0.799 20.912  5.668   -3.565   15 A_C20:G25_A A 20 ? A 25 ? 19 1 
1 A U 21 1_555 A G 24 1_555 0.461  -4.733 1.596  -31.531 25.587  -124.554 16 A_U21:G24_A A 21 ? A 24 ? ?  2 
# 
loop_
_ndb_struct_na_base_pair_step.model_number 
_ndb_struct_na_base_pair_step.i_label_asym_id_1 
_ndb_struct_na_base_pair_step.i_label_comp_id_1 
_ndb_struct_na_base_pair_step.i_label_seq_id_1 
_ndb_struct_na_base_pair_step.i_symmetry_1 
_ndb_struct_na_base_pair_step.j_label_asym_id_1 
_ndb_struct_na_base_pair_step.j_label_comp_id_1 
_ndb_struct_na_base_pair_step.j_label_seq_id_1 
_ndb_struct_na_base_pair_step.j_symmetry_1 
_ndb_struct_na_base_pair_step.i_label_asym_id_2 
_ndb_struct_na_base_pair_step.i_label_comp_id_2 
_ndb_struct_na_base_pair_step.i_label_seq_id_2 
_ndb_struct_na_base_pair_step.i_symmetry_2 
_ndb_struct_na_base_pair_step.j_label_asym_id_2 
_ndb_struct_na_base_pair_step.j_label_comp_id_2 
_ndb_struct_na_base_pair_step.j_label_seq_id_2 
_ndb_struct_na_base_pair_step.j_symmetry_2 
_ndb_struct_na_base_pair_step.shift 
_ndb_struct_na_base_pair_step.slide 
_ndb_struct_na_base_pair_step.rise 
_ndb_struct_na_base_pair_step.tilt 
_ndb_struct_na_base_pair_step.roll 
_ndb_struct_na_base_pair_step.twist 
_ndb_struct_na_base_pair_step.x_displacement 
_ndb_struct_na_base_pair_step.y_displacement 
_ndb_struct_na_base_pair_step.helical_rise 
_ndb_struct_na_base_pair_step.inclination 
_ndb_struct_na_base_pair_step.tip 
_ndb_struct_na_base_pair_step.helical_twist 
_ndb_struct_na_base_pair_step.step_number 
_ndb_struct_na_base_pair_step.step_name 
_ndb_struct_na_base_pair_step.i_auth_asym_id_1 
_ndb_struct_na_base_pair_step.i_auth_seq_id_1 
_ndb_struct_na_base_pair_step.i_PDB_ins_code_1 
_ndb_struct_na_base_pair_step.j_auth_asym_id_1 
_ndb_struct_na_base_pair_step.j_auth_seq_id_1 
_ndb_struct_na_base_pair_step.j_PDB_ins_code_1 
_ndb_struct_na_base_pair_step.i_auth_asym_id_2 
_ndb_struct_na_base_pair_step.i_auth_seq_id_2 
_ndb_struct_na_base_pair_step.i_PDB_ins_code_2 
_ndb_struct_na_base_pair_step.j_auth_asym_id_2 
_ndb_struct_na_base_pair_step.j_auth_seq_id_2 
_ndb_struct_na_base_pair_step.j_PDB_ins_code_2 
1 A G 1  1_555 A C 41 1_555 A G 2  1_555 A C 40 1_555 -2.262 -0.465 2.785 -10.194 8.103   42.713   -1.297 2.122   3.087 10.827  
13.622  44.565   1  AA_G1G2:C40C41_AA   A 1  ? A 41 ? A 2  ? A 40 ? 
1 A G 2  1_555 A C 40 1_555 A G 3  1_555 A C 39 1_555 1.202  -0.435 2.865 -2.937  16.038  30.373   -2.821 -2.415  2.241 28.203  
5.165   34.382   2  AA_G2G3:C39C40_AA   A 2  ? A 40 ? A 3  ? A 39 ? 
1 A G 3  1_555 A C 39 1_555 A A 4  1_555 A U 38 1_555 0.432  -0.078 3.312 3.840   1.643   37.053   -0.344 -0.158  3.333 2.576   
-6.018  37.279   3  AA_G3A4:U38C39_AA   A 3  ? A 39 ? A 4  ? A 38 ? 
1 A A 4  1_555 A U 38 1_555 A C 5  1_555 A G 37 1_555 -1.587 0.740  4.593 -1.387  29.545  24.933   -4.562 2.139   3.622 50.672  
2.380   38.504   4  AA_A4C5:G37U38_AA   A 4  ? A 38 ? A 5  ? A 37 ? 
1 A C 5  1_555 A G 37 1_555 A G 6  1_555 A C 36 1_555 0.478  -0.013 3.583 5.686   4.850   43.153   -0.529 -0.041  3.593 6.535   
-7.662  43.765   5  AA_C5G6:C36G37_AA   A 5  ? A 37 ? A 6  ? A 36 ? 
1 A G 6  1_555 A C 36 1_555 A A 7  1_555 A A 35 1_555 0.022  -0.823 3.079 9.001   11.382  72.377   -1.024 0.248   2.927 9.544   
-7.548  73.622   6  AA_G6A7:A35C36_AA   A 6  ? A 36 ? A 7  ? A 35 ? 
1 A A 7  1_555 A A 35 1_555 A G 12 1_555 A A 34 1_555 0.223  1.255  3.240 -8.505  -1.730  -1.945   -3.558 -20.855 1.167 15.429  
-75.838 -8.894   7  AA_A7G12:A34A35_AA  A 7  ? A 35 ? A 12 ? A 34 ? 
1 A G 12 1_555 A A 34 1_555 A U 14 1_555 A A 33 1_555 -3.182 -2.370 3.120 -5.680  19.923  46.010   -4.044 3.392   2.324 24.105  
6.873   50.227   8  AA_G12U14:A33A34_AA A 12 ? A 34 ? A 14 ? A 33 ? 
1 A U 14 1_555 A A 33 1_555 A G 15 1_555 A A 32 1_555 4.481  -3.078 3.828 15.446  -11.613 0.986    6.892  8.014   5.620 -52.345 
-69.624 19.350   9  AA_U14G15:A32A33_AA A 14 ? A 33 ? A 15 ? A 32 ? 
1 A G 15 1_555 A A 32 1_555 A G 9  1_555 A G 29 1_555 1.793  -0.537 5.339 -9.622  -9.891  -121.603 0.454  0.881   5.384 5.657   
-5.503  -122.066 10 AA_G15G9:G29A32_AA  A 15 ? A 32 ? A 9  ? A 29 ? 
1 A G 9  1_555 A G 29 1_555 A G 17 1_555 A U 28 1_555 1.136  -0.738 2.980 -6.962  15.360  -164.805 0.345  0.561   3.002 -7.747  
-3.512  -164.970 11 AA_G9G17:U28G29_AA  A 9  ? A 29 ? A 17 ? A 28 ? 
1 A G 17 1_555 A U 28 1_555 A C 18 1_555 A G 27 1_555 -2.386 0.186  3.605 0.754   13.180  37.392   -1.439 3.622   3.429 19.818  
-1.134  39.575   12 AA_G17C18:G27U28_AA A 17 ? A 28 ? A 18 ? A 27 ? 
1 A C 18 1_555 A G 27 1_555 A G 19 1_555 A C 26 1_555 -1.217 -1.351 3.144 -1.128  21.529  29.954   -4.628 1.800   1.840 36.329  
1.904   36.761   13 AA_C18G19:C26G27_AA A 18 ? A 27 ? A 19 ? A 26 ? 
1 A G 19 1_555 A C 26 1_555 A C 20 1_555 A G 25 1_555 0.949  -0.157 2.894 -0.555  15.694  23.476   -3.521 -2.061  2.314 34.111  
1.206   28.183   14 AA_G19C20:G25C26_AA A 19 ? A 26 ? A 20 ? A 25 ? 
1 A C 20 1_555 A G 25 1_555 A U 21 1_555 A G 24 1_555 -1.320 -2.018 5.249 -5.968  10.912  95.450   -1.657 0.723   5.113 7.350   
4.020   96.062   15 AA_C20U21:G24G25_AA A 20 ? A 25 ? A 21 ? A 24 ? 
# 
loop_
_pdbx_nmr_spectrometer.spectrometer_id 
_pdbx_nmr_spectrometer.model 
_pdbx_nmr_spectrometer.manufacturer 
_pdbx_nmr_spectrometer.field_strength 
_pdbx_nmr_spectrometer.type 
1 INOVA  Varian 750 ? 
2 INOVA  Varian 500 ? 
3 UNITY  Varian 400 ? 
4 AVANCE Bruker 500 ? 
# 
_atom_sites.entry_id                    2AU4 
_atom_sites.fract_transf_matrix[1][1]   1.000000 
_atom_sites.fract_transf_matrix[1][2]   0.000000 
_atom_sites.fract_transf_matrix[1][3]   0.000000 
_atom_sites.fract_transf_matrix[2][1]   0.000000 
_atom_sites.fract_transf_matrix[2][2]   1.000000 
_atom_sites.fract_transf_matrix[2][3]   0.000000 
_atom_sites.fract_transf_matrix[3][1]   0.000000 
_atom_sites.fract_transf_matrix[3][2]   0.000000 
_atom_sites.fract_transf_matrix[3][3]   1.000000 
_atom_sites.fract_transf_vector[1]      0.00000 
_atom_sites.fract_transf_vector[2]      0.00000 
_atom_sites.fract_transf_vector[3]      0.00000 
# 
loop_
_atom_type.symbol 
C 
H 
N 
O 
P 
# 
loop_
_atom_site.group_PDB 
_atom_site.id 
_atom_site.type_symbol 
_atom_site.label_atom_id 
_atom_site.label_alt_id 
_atom_site.label_comp_id 
_atom_site.label_asym_id 
_atom_site.label_entity_id 
_atom_site.label_seq_id 
_atom_site.pdbx_PDB_ins_code 
_atom_site.Cartn_x 
_atom_site.Cartn_y 
_atom_site.Cartn_z 
_atom_site.occupancy 
_atom_site.B_iso_or_equiv 
_atom_site.pdbx_formal_charge 
_atom_site.auth_seq_id 
_atom_site.auth_comp_id 
_atom_site.auth_asym_id 
_atom_site.auth_atom_id 
_atom_site.pdbx_PDB_model_num 
ATOM   1    O OP3    . G   A 1 1  ? 5.358   -18.516 -8.689  1.00 6.32 ? 1  G   A OP3    1 
ATOM   2    P P      . G   A 1 1  ? 4.418   -17.243 -8.961  1.00 5.57 ? 1  G   A P      1 
ATOM   3    O OP1    . G   A 1 1  ? 4.755   -16.203 -7.963  1.00 5.82 ? 1  G   A OP1    1 
ATOM   4    O OP2    . G   A 1 1  ? 4.476   -16.928 -10.407 1.00 5.65 ? 1  G   A OP2    1 
ATOM   5    O "O5'"  . G   A 1 1  ? 2.948   -17.812 -8.623  1.00 5.12 ? 1  G   A "O5'"  1 
ATOM   6    C "C5'"  . G   A 1 1  ? 2.503   -17.959 -7.262  1.00 5.11 ? 1  G   A "C5'"  1 
ATOM   7    C "C4'"  . G   A 1 1  ? 2.543   -19.406 -6.785  1.00 4.91 ? 1  G   A "C4'"  1 
ATOM   8    O "O4'"  . G   A 1 1  ? 2.302   -20.312 -7.882  1.00 4.82 ? 1  G   A "O4'"  1 
ATOM   9    C "C3'"  . G   A 1 1  ? 3.898   -19.741 -6.179  1.00 4.56 ? 1  G   A "C3'"  1 
ATOM   10   O "O3'"  . G   A 1 1  ? 3.774   -20.027 -4.776  1.00 4.78 ? 1  G   A "O3'"  1 
ATOM   11   C "C2'"  . G   A 1 1  ? 4.413   -20.944 -6.932  1.00 4.25 ? 1  G   A "C2'"  1 
ATOM   12   O "O2'"  . G   A 1 1  ? 4.496   -22.086 -6.072  1.00 4.30 ? 1  G   A "O2'"  1 
ATOM   13   C "C1'"  . G   A 1 1  ? 3.431   -21.190 -8.070  1.00 4.43 ? 1  G   A "C1'"  1 
ATOM   14   N N9     . G   A 1 1  ? 4.061   -20.941 -9.383  1.00 4.23 ? 1  G   A N9     1 
ATOM   15   C C8     . G   A 1 1  ? 3.533   -20.376 -10.497 1.00 4.11 ? 1  G   A C8     1 
ATOM   16   N N7     . G   A 1 1  ? 4.296   -20.267 -11.533 1.00 4.01 ? 1  G   A N7     1 
ATOM   17   C C5     . G   A 1 1  ? 5.490   -20.826 -11.067 1.00 4.06 ? 1  G   A C5     1 
ATOM   18   C C6     . G   A 1 1  ? 6.734   -21.006 -11.731 1.00 4.07 ? 1  G   A C6     1 
ATOM   19   O O6     . G   A 1 1  ? 7.039   -20.701 -12.883 1.00 4.04 ? 1  G   A O6     1 
ATOM   20   N N1     . G   A 1 1  ? 7.670   -21.606 -10.900 1.00 4.23 ? 1  G   A N1     1 
ATOM   21   C C2     . G   A 1 1  ? 7.446   -21.986 -9.597  1.00 4.36 ? 1  G   A C2     1 
ATOM   22   N N2     . G   A 1 1  ? 8.474   -22.533 -8.959  1.00 4.58 ? 1  G   A N2     1 
ATOM   23   N N3     . G   A 1 1  ? 6.286   -21.824 -8.964  1.00 4.36 ? 1  G   A N3     1 
ATOM   24   C C4     . G   A 1 1  ? 5.354   -21.241 -9.751  1.00 4.20 ? 1  G   A C4     1 
ATOM   25   H "H5'"  . G   A 1 1  ? 1.473   -17.634 -7.185  1.00 5.26 ? 1  G   A "H5'"  1 
ATOM   26   H "H5''" . G   A 1 1  ? 3.135   -17.331 -6.616  1.00 5.43 ? 1  G   A "H5''" 1 
ATOM   27   H "H4'"  . G   A 1 1  ? 1.770   -19.555 -6.030  1.00 5.21 ? 1  G   A "H4'"  1 
ATOM   28   H "H3'"  . G   A 1 1  ? 4.582   -18.903 -6.329  1.00 4.47 ? 1  G   A "H3'"  1 
ATOM   29   H "H2'"  . G   A 1 1  ? 5.398   -20.719 -7.344  1.00 3.99 ? 1  G   A "H2'"  1 
ATOM   30   H "HO2'" . G   A 1 1  ? 4.280   -21.787 -5.184  1.00 4.51 ? 1  G   A "HO2'" 1 
ATOM   31   H "H1'"  . G   A 1 1  ? 3.091   -22.224 -8.031  1.00 4.54 ? 1  G   A "H1'"  1 
ATOM   32   H H8     . G   A 1 1  ? 2.502   -20.027 -10.519 1.00 4.16 ? 1  G   A H8     1 
ATOM   33   H H1     . G   A 1 1  ? 8.579   -21.769 -11.305 1.00 4.29 ? 1  G   A H1     1 
ATOM   34   H H21    . G   A 1 1  ? 9.357   -22.657 -9.432  1.00 4.49 ? 1  G   A H21    1 
ATOM   35   H H22    . G   A 1 1  ? 8.370   -22.823 -7.998  1.00 4.97 ? 1  G   A H22    1 
ATOM   36   H "HO5'" . G   A 1 1  ? 5.851   -18.334 -7.888  1.00 6.36 ? 1  G   A "HO5'" 1 
ATOM   37   P P      . G   A 1 2  ? 4.198   -18.936 -3.666  1.00 5.06 ? 2  G   A P      1 
ATOM   38   O OP1    . G   A 1 2  ? 3.372   -19.160 -2.460  1.00 5.28 ? 2  G   A OP1    1 
ATOM   39   O OP2    . G   A 1 2  ? 4.219   -17.602 -4.309  1.00 5.46 ? 2  G   A OP2    1 
ATOM   40   O "O5'"  . G   A 1 2  ? 5.716   -19.354 -3.327  1.00 5.11 ? 2  G   A "O5'"  1 
ATOM   41   C "C5'"  . G   A 1 2  ? 6.002   -20.487 -2.487  1.00 5.23 ? 2  G   A "C5'"  1 
ATOM   42   C "C4'"  . G   A 1 2  ? 7.496   -20.695 -2.282  1.00 5.14 ? 2  G   A "C4'"  1 
ATOM   43   O "O4'"  . G   A 1 2  ? 8.072   -21.377 -3.414  1.00 4.89 ? 2  G   A "O4'"  1 
ATOM   44   C "C3'"  . G   A 1 2  ? 8.207   -19.359 -2.117  1.00 4.94 ? 2  G   A "C3'"  1 
ATOM   45   O "O3'"  . G   A 1 2  ? 8.763   -19.233 -0.799  1.00 5.27 ? 2  G   A "O3'"  1 
ATOM   46   C "C2'"  . G   A 1 2  ? 9.282   -19.319 -3.176  1.00 4.58 ? 2  G   A "C2'"  1 
ATOM   47   O "O2'"  . G   A 1 2  ? 10.589  -19.337 -2.589  1.00 4.72 ? 2  G   A "O2'"  1 
ATOM   48   C "C1'"  . G   A 1 2  ? 9.063   -20.543 -4.051  1.00 4.55 ? 2  G   A "C1'"  1 
ATOM   49   N N9     . G   A 1 2  ? 8.605   -20.146 -5.394  1.00 4.18 ? 2  G   A N9     1 
ATOM   50   C C8     . G   A 1 2  ? 7.352   -19.861 -5.823  1.00 4.10 ? 2  G   A C8     1 
ATOM   51   N N7     . G   A 1 2  ? 7.201   -19.538 -7.063  1.00 3.81 ? 2  G   A N7     1 
ATOM   52   C C5     . G   A 1 2  ? 8.515   -19.615 -7.536  1.00 3.67 ? 2  G   A C5     1 
ATOM   53   C C6     . G   A 1 2  ? 9.027   -19.376 -8.838  1.00 3.45 ? 2  G   A C6     1 
ATOM   54   O O6     . G   A 1 2  ? 8.413   -19.051 -9.851  1.00 3.32 ? 2  G   A O6     1 
ATOM   55   N N1     . G   A 1 2  ? 10.401  -19.561 -8.885  1.00 3.53 ? 2  G   A N1     1 
ATOM   56   C C2     . G   A 1 2  ? 11.188  -19.933 -7.820  1.00 3.78 ? 2  G   A C2     1 
ATOM   57   N N2     . G   A 1 2  ? 12.487  -20.059 -8.063  1.00 3.93 ? 2  G   A N2     1 
ATOM   58   N N3     . G   A 1 2  ? 10.719  -20.162 -6.594  1.00 3.98 ? 2  G   A N3     1 
ATOM   59   C C4     . G   A 1 2  ? 9.381   -19.986 -6.519  1.00 3.91 ? 2  G   A C4     1 
ATOM   60   H "H5'"  . G   A 1 2  ? 5.622   -21.387 -2.951  1.00 5.59 ? 2  G   A "H5'"  1 
ATOM   61   H "H5''" . G   A 1 2  ? 5.507   -20.335 -1.516  1.00 5.35 ? 2  G   A "H5''" 1 
ATOM   62   H "H4'"  . G   A 1 2  ? 7.655   -21.296 -1.387  1.00 5.47 ? 2  G   A "H4'"  1 
ATOM   63   H "H3'"  . G   A 1 2  ? 7.496   -18.550 -2.297  1.00 4.84 ? 2  G   A "H3'"  1 
ATOM   64   H "H2'"  . G   A 1 2  ? 9.162   -18.417 -3.779  1.00 4.29 ? 2  G   A "H2'"  1 
ATOM   65   H "HO2'" . G   A 1 2  ? 10.884  -18.424 -2.527  1.00 4.56 ? 2  G   A "HO2'" 1 
ATOM   66   H "H1'"  . G   A 1 2  ? 9.997   -21.096 -4.140  1.00 4.62 ? 2  G   A "H1'"  1 
ATOM   67   H H8     . G   A 1 2  ? 6.501   -19.901 -5.144  1.00 4.34 ? 2  G   A H8     1 
ATOM   68   H H1     . G   A 1 2  ? 10.838  -19.408 -9.780  1.00 3.48 ? 2  G   A H1     1 
ATOM   69   H H21    . G   A 1 2  ? 12.848  -19.885 -8.989  1.00 3.98 ? 2  G   A H21    1 
ATOM   70   H H22    . G   A 1 2  ? 13.112  -20.328 -7.319  1.00 4.23 ? 2  G   A H22    1 
ATOM   71   P P      . G   A 1 3  ? 8.329   -18.018 0.167   1.00 5.43 ? 3  G   A P      1 
ATOM   72   O OP1    . G   A 1 3  ? 8.651   -18.398 1.561   1.00 5.95 ? 3  G   A OP1    1 
ATOM   73   O OP2    . G   A 1 3  ? 6.948   -17.613 -0.185  1.00 5.62 ? 3  G   A OP2    1 
ATOM   74   O "O5'"  . G   A 1 3  ? 9.333   -16.835 -0.277  1.00 5.16 ? 3  G   A "O5'"  1 
ATOM   75   C "C5'"  . G   A 1 3  ? 9.072   -16.034 -1.442  1.00 4.66 ? 3  G   A "C5'"  1 
ATOM   76   C "C4'"  . G   A 1 3  ? 10.333  -15.768 -2.253  1.00 4.35 ? 3  G   A "C4'"  1 
ATOM   77   O "O4'"  . G   A 1 3  ? 10.435  -16.689 -3.359  1.00 4.19 ? 3  G   A "O4'"  1 
ATOM   78   C "C3'"  . G   A 1 3  ? 10.339  -14.356 -2.819  1.00 4.01 ? 3  G   A "C3'"  1 
ATOM   79   O "O3'"  . G   A 1 3  ? 11.207  -13.494 -2.067  1.00 4.10 ? 3  G   A "O3'"  1 
ATOM   80   C "C2'"  . G   A 1 3  ? 10.798  -14.490 -4.249  1.00 3.64 ? 3  G   A "C2'"  1 
ATOM   81   O "O2'"  . G   A 1 3  ? 12.145  -14.023 -4.408  1.00 3.58 ? 3  G   A "O2'"  1 
ATOM   82   C "C1'"  . G   A 1 3  ? 10.697  -15.968 -4.584  1.00 3.76 ? 3  G   A "C1'"  1 
ATOM   83   N N9     . G   A 1 3  ? 9.622   -16.191 -5.566  1.00 3.53 ? 3  G   A N9     1 
ATOM   84   C C8     . G   A 1 3  ? 8.307   -16.453 -5.362  1.00 3.70 ? 3  G   A C8     1 
ATOM   85   N N7     . G   A 1 3  ? 7.552   -16.567 -6.403  1.00 3.48 ? 3  G   A N7     1 
ATOM   86   C C5     . G   A 1 3  ? 8.466   -16.356 -7.441  1.00 3.11 ? 3  G   A C5     1 
ATOM   87   C C6     . G   A 1 3  ? 8.266   -16.347 -8.847  1.00 2.83 ? 3  G   A C6     1 
ATOM   88   O O6     . G   A 1 3  ? 7.224   -16.529 -9.471  1.00 2.81 ? 3  G   A O6     1 
ATOM   89   N N1     . G   A 1 3  ? 9.448   -16.097 -9.527  1.00 2.72 ? 3  G   A N1     1 
ATOM   90   C C2     . G   A 1 3  ? 10.671  -15.879 -8.937  1.00 2.84 ? 3  G   A C2     1 
ATOM   91   N N2     . G   A 1 3  ? 11.689  -15.653 -9.757  1.00 2.89 ? 3  G   A N2     1 
ATOM   92   N N3     . G   A 1 3  ? 10.872  -15.883 -7.621  1.00 3.04 ? 3  G   A N3     1 
ATOM   93   C C4     . G   A 1 3  ? 9.735   -16.126 -6.933  1.00 3.17 ? 3  G   A C4     1 
ATOM   94   H "H5'"  . G   A 1 3  ? 8.685   -15.071 -1.137  1.00 4.80 ? 3  G   A "H5'"  1 
ATOM   95   H "H5''" . G   A 1 3  ? 8.327   -16.552 -2.065  1.00 4.62 ? 3  G   A "H5''" 1 
ATOM   96   H "H4'"  . G   A 1 3  ? 11.201  -15.896 -1.608  1.00 4.56 ? 3  G   A "H4'"  1 
ATOM   97   H "H3'"  . G   A 1 3  ? 9.320   -13.960 -2.807  1.00 4.01 ? 3  G   A "H3'"  1 
ATOM   98   H "H2'"  . G   A 1 3  ? 10.129  -13.926 -4.899  1.00 3.40 ? 3  G   A "H2'"  1 
ATOM   99   H "HO2'" . G   A 1 3  ? 12.102  -13.140 -4.785  1.00 3.44 ? 3  G   A "HO2'" 1 
ATOM   100  H "H1'"  . G   A 1 3  ? 11.643  -16.307 -5.006  1.00 3.75 ? 3  G   A "H1'"  1 
ATOM   101  H H8     . G   A 1 3  ? 7.903   -16.558 -4.355  1.00 4.11 ? 3  G   A H8     1 
ATOM   102  H H1     . G   A 1 3  ? 9.383   -16.075 -10.534 1.00 2.65 ? 3  G   A H1     1 
ATOM   103  H H21    . G   A 1 3  ? 11.544  -15.648 -10.757 1.00 3.05 ? 3  G   A H21    1 
ATOM   104  H H22    . G   A 1 3  ? 12.609  -15.487 -9.379  1.00 3.07 ? 3  G   A H22    1 
ATOM   105  P P      . A   A 1 4  ? 11.011  -11.893 -2.106  1.00 4.06 ? 4  A   A P      1 
ATOM   106  O OP1    . A   A 1 4  ? 11.828  -11.297 -1.025  1.00 4.43 ? 4  A   A OP1    1 
ATOM   107  O OP2    . A   A 1 4  ? 9.559   -11.604 -2.176  1.00 4.27 ? 4  A   A OP2    1 
ATOM   108  O "O5'"  . A   A 1 4  ? 11.669  -11.484 -3.521  1.00 3.83 ? 4  A   A "O5'"  1 
ATOM   109  C "C5'"  . A   A 1 4  ? 13.089  -11.341 -3.655  1.00 3.93 ? 4  A   A "C5'"  1 
ATOM   110  C "C4'"  . A   A 1 4  ? 13.488  -10.935 -5.073  1.00 3.63 ? 4  A   A "C4'"  1 
ATOM   111  O "O4'"  . A   A 1 4  ? 13.021  -11.904 -6.034  1.00 3.40 ? 4  A   A "O4'"  1 
ATOM   112  C "C3'"  . A   A 1 4  ? 12.899  -9.582  -5.440  1.00 3.34 ? 4  A   A "C3'"  1 
ATOM   113  O "O3'"  . A   A 1 4  ? 13.908  -8.560  -5.458  1.00 3.52 ? 4  A   A "O3'"  1 
ATOM   114  C "C2'"  . A   A 1 4  ? 12.270  -9.758  -6.801  1.00 2.92 ? 4  A   A "C2'"  1 
ATOM   115  O "O2'"  . A   A 1 4  ? 13.002  -9.040  -7.801  1.00 2.89 ? 4  A   A "O2'"  1 
ATOM   116  C "C1'"  . A   A 1 4  ? 12.279  -11.251 -7.086  1.00 2.97 ? 4  A   A "C1'"  1 
ATOM   117  N N9     . A   A 1 4  ? 10.900  -11.770 -7.145  1.00 2.70 ? 4  A   A N9     1 
ATOM   118  C C8     . A   A 1 4  ? 9.989   -11.910 -6.152  1.00 2.78 ? 4  A   A C8     1 
ATOM   119  N N7     . A   A 1 4  ? 8.826   -12.372 -6.468  1.00 2.57 ? 4  A   A N7     1 
ATOM   120  C C5     . A   A 1 4  ? 8.968   -12.569 -7.846  1.00 2.30 ? 4  A   A C5     1 
ATOM   121  C C6     . A   A 1 4  ? 8.096   -13.048 -8.830  1.00 2.08 ? 4  A   A C6     1 
ATOM   122  N N6     . A   A 1 4  ? 6.852   -13.442 -8.572  1.00 2.06 ? 4  A   A N6     1 
ATOM   123  N N1     . A   A 1 4  ? 8.558   -13.109 -10.091 1.00 2.04 ? 4  A   A N1     1 
ATOM   124  C C2     . A   A 1 4  ? 9.805   -12.727 -10.372 1.00 2.19 ? 4  A   A C2     1 
ATOM   125  N N3     . A   A 1 4  ? 10.714  -12.260 -9.522  1.00 2.37 ? 4  A   A N3     1 
ATOM   126  C C4     . A   A 1 4  ? 10.228  -12.205 -8.265  1.00 2.41 ? 4  A   A C4     1 
ATOM   127  H "H5'"  . A   A 1 4  ? 13.567  -12.290 -3.411  1.00 4.35 ? 4  A   A "H5'"  1 
ATOM   128  H "H5''" . A   A 1 4  ? 13.437  -10.578 -2.957  1.00 4.19 ? 4  A   A "H5''" 1 
ATOM   129  H "H4'"  . A   A 1 4  ? 14.575  -10.876 -5.131  1.00 3.89 ? 4  A   A "H4'"  1 
ATOM   130  H "H3'"  . A   A 1 4  ? 12.121  -9.321  -4.719  1.00 3.36 ? 4  A   A "H3'"  1 
ATOM   131  H "H2'"  . A   A 1 4  ? 11.240  -9.404  -6.772  1.00 2.71 ? 4  A   A "H2'"  1 
ATOM   132  H "HO2'" . A   A 1 4  ? 13.555  -8.398  -7.345  1.00 3.06 ? 4  A   A "HO2'" 1 
ATOM   133  H "H1'"  . A   A 1 4  ? 12.771  -11.434 -8.041  1.00 2.97 ? 4  A   A "H1'"  1 
ATOM   134  H H8     . A   A 1 4  ? 10.230  -11.643 -5.123  1.00 3.06 ? 4  A   A H8     1 
ATOM   135  H H61    . A   A 1 4  ? 6.262   -13.780 -9.319  1.00 1.99 ? 4  A   A H61    1 
ATOM   136  H H62    . A   A 1 4  ? 6.498   -13.405 -7.627  1.00 2.31 ? 4  A   A H62    1 
ATOM   137  H H2     . A   A 1 4  ? 10.112  -12.806 -11.416 1.00 2.27 ? 4  A   A H2     1 
ATOM   138  P P      . C   A 1 5  ? 14.053  -7.530  -4.225  1.00 3.74 ? 5  C   A P      1 
ATOM   139  O OP1    . C   A 1 5  ? 15.114  -8.032  -3.325  1.00 4.26 ? 5  C   A OP1    1 
ATOM   140  O OP2    . C   A 1 5  ? 12.697  -7.262  -3.688  1.00 4.08 ? 5  C   A OP2    1 
ATOM   141  O "O5'"  . C   A 1 5  ? 14.591  -6.186  -4.938  1.00 3.51 ? 5  C   A "O5'"  1 
ATOM   142  C "C5'"  . C   A 1 5  ? 13.735  -5.048  -5.116  1.00 3.35 ? 5  C   A "C5'"  1 
ATOM   143  C "C4'"  . C   A 1 5  ? 13.471  -4.773  -6.594  1.00 2.92 ? 5  C   A "C4'"  1 
ATOM   144  O "O4'"  . C   A 1 5  ? 13.003  -5.965  -7.257  1.00 2.59 ? 5  C   A "O4'"  1 
ATOM   145  C "C3'"  . C   A 1 5  ? 12.413  -3.693  -6.770  1.00 2.83 ? 5  C   A "C3'"  1 
ATOM   146  O "O3'"  . C   A 1 5  ? 12.997  -2.449  -7.183  1.00 3.01 ? 5  C   A "O3'"  1 
ATOM   147  C "C2'"  . C   A 1 5  ? 11.453  -4.218  -7.809  1.00 2.38 ? 5  C   A "C2'"  1 
ATOM   148  O "O2'"  . C   A 1 5  ? 11.556  -3.481  -9.032  1.00 2.33 ? 5  C   A "O2'"  1 
ATOM   149  C "C1'"  . C   A 1 5  ? 11.819  -5.675  -8.029  1.00 2.22 ? 5  C   A "C1'"  1 
ATOM   150  N N1     . C   A 1 5  ? 10.698  -6.549  -7.630  1.00 2.04 ? 5  C   A N1     1 
ATOM   151  C C2     . C   A 1 5  ? 9.736   -6.825  -8.586  1.00 1.65 ? 5  C   A C2     1 
ATOM   152  O O2     . C   A 1 5  ? 9.834   -6.347  -9.716  1.00 1.63 ? 5  C   A O2     1 
ATOM   153  N N3     . C   A 1 5  ? 8.691   -7.624  -8.239  1.00 1.58 ? 5  C   A N3     1 
ATOM   154  C C4     . C   A 1 5  ? 8.591   -8.128  -7.006  1.00 1.85 ? 5  C   A C4     1 
ATOM   155  N N4     . C   A 1 5  ? 7.561   -8.917  -6.712  1.00 1.87 ? 5  C   A N4     1 
ATOM   156  C C5     . C   A 1 5  ? 9.579   -7.844  -6.011  1.00 2.36 ? 5  C   A C5     1 
ATOM   157  C C6     . C   A 1 5  ? 10.612  -7.055  -6.365  1.00 2.45 ? 5  C   A C6     1 
ATOM   158  H "H5'"  . C   A 1 5  ? 14.209  -4.173  -4.671  1.00 3.65 ? 5  C   A "H5'"  1 
ATOM   159  H "H5''" . C   A 1 5  ? 12.785  -5.232  -4.612  1.00 3.55 ? 5  C   A "H5''" 1 
ATOM   160  H "H4'"  . C   A 1 5  ? 14.396  -4.445  -7.066  1.00 3.02 ? 5  C   A "H4'"  1 
ATOM   161  H "H3'"  . C   A 1 5  ? 11.879  -3.557  -5.826  1.00 3.04 ? 5  C   A "H3'"  1 
ATOM   162  H "H2'"  . C   A 1 5  ? 10.435  -4.156  -7.423  1.00 2.34 ? 5  C   A "H2'"  1 
ATOM   163  H "HO2'" . C   A 1 5  ? 10.841  -2.838  -9.043  1.00 2.47 ? 5  C   A "HO2'" 1 
ATOM   164  H "H1'"  . C   A 1 5  ? 12.034  -5.833  -9.085  1.00 2.10 ? 5  C   A "H1'"  1 
ATOM   165  H H41    . C   A 1 5  ? 6.865   -9.123  -7.414  1.00 1.90 ? 5  C   A H41    1 
ATOM   166  H H42    . C   A 1 5  ? 7.477   -9.313  -5.787  1.00 2.23 ? 5  C   A H42    1 
ATOM   167  H H5     . C   A 1 5  ? 9.499   -8.251  -5.004  1.00 2.77 ? 5  C   A H5     1 
ATOM   168  H H6     . C   A 1 5  ? 11.400  -6.837  -5.644  1.00 2.95 ? 5  C   A H6     1 
ATOM   169  P P      . G   A 1 6  ? 12.201  -1.060  -6.978  1.00 3.15 ? 6  G   A P      1 
ATOM   170  O OP1    . G   A 1 6  ? 13.094  0.050   -7.382  1.00 3.17 ? 6  G   A OP1    1 
ATOM   171  O OP2    . G   A 1 6  ? 11.603  -1.066  -5.623  1.00 3.99 ? 6  G   A OP2    1 
ATOM   172  O "O5'"  . G   A 1 6  ? 11.001  -1.165  -8.055  1.00 2.79 ? 6  G   A "O5'"  1 
ATOM   173  C "C5'"  . G   A 1 6  ? 11.194  -0.739  -9.416  1.00 2.59 ? 6  G   A "C5'"  1 
ATOM   174  C "C4'"  . G   A 1 6  ? 9.897   -0.702  -10.214 1.00 2.50 ? 6  G   A "C4'"  1 
ATOM   175  O "O4'"  . G   A 1 6  ? 9.348   -2.028  -10.374 1.00 2.43 ? 6  G   A "O4'"  1 
ATOM   176  C "C3'"  . G   A 1 6  ? 8.850   0.154   -9.520  1.00 2.38 ? 6  G   A "C3'"  1 
ATOM   177  O "O3'"  . G   A 1 6  ? 8.720   1.437   -10.149 1.00 2.49 ? 6  G   A "O3'"  1 
ATOM   178  C "C2'"  . G   A 1 6  ? 7.561   -0.627  -9.595  1.00 2.26 ? 6  G   A "C2'"  1 
ATOM   179  O "O2'"  . G   A 1 6  ? 6.661   -0.038  -10.542 1.00 2.37 ? 6  G   A "O2'"  1 
ATOM   180  C "C1'"  . G   A 1 6  ? 7.948   -2.037  -10.015 1.00 2.25 ? 6  G   A "C1'"  1 
ATOM   181  N N9     . G   A 1 6  ? 7.701   -2.987  -8.914  1.00 2.09 ? 6  G   A N9     1 
ATOM   182  C C8     . G   A 1 6  ? 8.333   -3.099  -7.722  1.00 2.17 ? 6  G   A C8     1 
ATOM   183  N N7     . G   A 1 6  ? 7.918   -4.008  -6.906  1.00 2.06 ? 6  G   A N7     1 
ATOM   184  C C5     . G   A 1 6  ? 6.874   -4.586  -7.634  1.00 1.87 ? 6  G   A C5     1 
ATOM   185  C C6     . G   A 1 6  ? 6.005   -5.653  -7.285  1.00 1.75 ? 6  G   A C6     1 
ATOM   186  O O6     . G   A 1 6  ? 5.989   -6.316  -6.253  1.00 1.76 ? 6  G   A O6     1 
ATOM   187  N N1     . G   A 1 6  ? 5.096   -5.921  -8.298  1.00 1.75 ? 6  G   A N1     1 
ATOM   188  C C2     . G   A 1 6  ? 5.027   -5.252  -9.499  1.00 1.85 ? 6  G   A C2     1 
ATOM   189  N N2     . G   A 1 6  ? 4.091   -5.659  -10.346 1.00 1.98 ? 6  G   A N2     1 
ATOM   190  N N3     . G   A 1 6  ? 5.837   -4.249  -9.840  1.00 1.91 ? 6  G   A N3     1 
ATOM   191  C C4     . G   A 1 6  ? 6.734   -3.966  -8.866  1.00 1.92 ? 6  G   A C4     1 
ATOM   192  H "H5'"  . G   A 1 6  ? 11.852  -1.435  -9.920  1.00 2.73 ? 6  G   A "H5'"  1 
ATOM   193  H "H5''" . G   A 1 6  ? 11.655  0.261   -9.405  1.00 2.81 ? 6  G   A "H5''" 1 
ATOM   194  H "H4'"  . G   A 1 6  ? 10.098  -0.284  -11.199 1.00 2.64 ? 6  G   A "H4'"  1 
ATOM   195  H "H3'"  . G   A 1 6  ? 9.129   0.282   -8.471  1.00 2.35 ? 6  G   A "H3'"  1 
ATOM   196  H "H2'"  . G   A 1 6  ? 7.096   -0.655  -8.607  1.00 2.19 ? 6  G   A "H2'"  1 
ATOM   197  H "HO2'" . G   A 1 6  ? 7.087   0.753   -10.882 1.00 2.51 ? 6  G   A "HO2'" 1 
ATOM   198  H "H1'"  . G   A 1 6  ? 7.354   -2.330  -10.881 1.00 2.29 ? 6  G   A "H1'"  1 
ATOM   199  H H8     . G   A 1 6  ? 9.169   -2.448  -7.464  1.00 2.39 ? 6  G   A H8     1 
ATOM   200  H H1     . G   A 1 6  ? 4.440   -6.666  -8.119  1.00 1.76 ? 6  G   A H1     1 
ATOM   201  H H21    . G   A 1 6  ? 3.473   -6.418  -10.094 1.00 2.31 ? 6  G   A H21    1 
ATOM   202  H H22    . G   A 1 6  ? 3.998   -5.210  -11.245 1.00 2.02 ? 6  G   A H22    1 
ATOM   203  P P      . A   A 1 7  ? 8.381   2.748   -9.270  1.00 2.68 ? 7  A   A P      1 
ATOM   204  O OP1    . A   A 1 7  ? 7.001   3.172   -9.593  1.00 2.65 ? 7  A   A OP1    1 
ATOM   205  O OP2    . A   A 1 7  ? 9.500   3.705   -9.420  1.00 3.45 ? 7  A   A OP2    1 
ATOM   206  O "O5'"  . A   A 1 7  ? 8.407   2.176   -7.757  1.00 2.83 ? 7  A   A "O5'"  1 
ATOM   207  C "C5'"  . A   A 1 7  ? 7.305   2.377   -6.860  1.00 2.62 ? 7  A   A "C5'"  1 
ATOM   208  C "C4'"  . A   A 1 7  ? 6.036   1.679   -7.347  1.00 2.44 ? 7  A   A "C4'"  1 
ATOM   209  O "O4'"  . A   A 1 7  ? 6.203   0.246   -7.359  1.00 2.37 ? 7  A   A "O4'"  1 
ATOM   210  C "C3'"  . A   A 1 7  ? 4.855   2.006   -6.447  1.00 2.29 ? 7  A   A "C3'"  1 
ATOM   211  O "O3'"  . A   A 1 7  ? 3.956   2.921   -7.091  1.00 2.40 ? 7  A   A "O3'"  1 
ATOM   212  C "C2'"  . A   A 1 7  ? 4.178   0.688   -6.149  1.00 2.12 ? 7  A   A "C2'"  1 
ATOM   213  O "O2'"  . A   A 1 7  ? 2.849   0.663   -6.683  1.00 2.15 ? 7  A   A "O2'"  1 
ATOM   214  C "C1'"  . A   A 1 7  ? 5.044   -0.393  -6.787  1.00 2.15 ? 7  A   A "C1'"  1 
ATOM   215  N N9     . A   A 1 7  ? 5.442   -1.406  -5.790  1.00 2.11 ? 7  A   A N9     1 
ATOM   216  C C8     . A   A 1 7  ? 6.469   -1.390  -4.903  1.00 2.30 ? 7  A   A C8     1 
ATOM   217  N N7     . A   A 1 7  ? 6.566   -2.386  -4.087  1.00 2.32 ? 7  A   A N7     1 
ATOM   218  C C5     . A   A 1 7  ? 5.480   -3.178  -4.475  1.00 2.11 ? 7  A   A C5     1 
ATOM   219  C C6     . A   A 1 7  ? 4.992   -4.408  -4.018  1.00 2.10 ? 7  A   A C6     1 
ATOM   220  N N6     . A   A 1 7  ? 5.550   -5.089  -3.021  1.00 2.32 ? 7  A   A N6     1 
ATOM   221  N N1     . A   A 1 7  ? 3.905   -4.909  -4.626  1.00 1.96 ? 7  A   A N1     1 
ATOM   222  C C2     . A   A 1 7  ? 3.326   -4.245  -5.627  1.00 1.83 ? 7  A   A C2     1 
ATOM   223  N N3     . A   A 1 7  ? 3.701   -3.074  -6.140  1.00 1.84 ? 7  A   A N3     1 
ATOM   224  C C4     . A   A 1 7  ? 4.793   -2.591  -5.512  1.00 1.97 ? 7  A   A C4     1 
ATOM   225  H "H5'"  . A   A 1 7  ? 7.111   3.446   -6.770  1.00 2.65 ? 7  A   A "H5'"  1 
ATOM   226  H "H5''" . A   A 1 7  ? 7.572   1.983   -5.878  1.00 2.84 ? 7  A   A "H5''" 1 
ATOM   227  H "H4'"  . A   A 1 7  ? 5.813   2.016   -8.360  1.00 2.55 ? 7  A   A "H4'"  1 
ATOM   228  H "H3'"  . A   A 1 7  ? 5.221   2.440   -5.514  1.00 2.36 ? 7  A   A "H3'"  1 
ATOM   229  H "H2'"  . A   A 1 7  ? 4.145   0.538   -5.066  1.00 2.09 ? 7  A   A "H2'"  1 
ATOM   230  H "HO2'" . A   A 1 7  ? 2.691   1.520   -7.090  1.00 2.23 ? 7  A   A "HO2'" 1 
ATOM   231  H "H1'"  . A   A 1 7  ? 4.478   -0.879  -7.581  1.00 2.14 ? 7  A   A "H1'"  1 
ATOM   232  H H8     . A   A 1 7  ? 7.227   -0.608  -4.929  1.00 2.49 ? 7  A   A H8     1 
ATOM   233  H H61    . A   A 1 7  ? 5.155   -5.971  -2.729  1.00 2.59 ? 7  A   A H61    1 
ATOM   234  H H62    . A   A 1 7  ? 6.367   -4.722  -2.556  1.00 2.54 ? 7  A   A H62    1 
ATOM   235  H H2     . A   A 1 7  ? 2.448   -4.712  -6.074  1.00 1.81 ? 7  A   A H2     1 
ATOM   236  P P      . A   A 1 8  ? 4.170   4.514   -6.950  1.00 2.54 ? 8  A   A P      1 
ATOM   237  O OP1    . A   A 1 8  ? 5.139   4.945   -7.981  1.00 3.33 ? 8  A   A OP1    1 
ATOM   238  O OP2    . A   A 1 8  ? 4.428   4.819   -5.522  1.00 2.98 ? 8  A   A OP2    1 
ATOM   239  O "O5'"  . A   A 1 8  ? 2.722   5.106   -7.340  1.00 2.13 ? 8  A   A "O5'"  1 
ATOM   240  C "C5'"  . A   A 1 8  ? 2.173   6.227   -6.634  1.00 2.39 ? 8  A   A "C5'"  1 
ATOM   241  C "C4'"  . A   A 1 8  ? 0.890   5.856   -5.889  1.00 2.23 ? 8  A   A "C4'"  1 
ATOM   242  O "O4'"  . A   A 1 8  ? 0.951   4.502   -5.402  1.00 2.08 ? 8  A   A "O4'"  1 
ATOM   243  C "C3'"  . A   A 1 8  ? 0.667   6.776   -4.695  1.00 2.16 ? 8  A   A "C3'"  1 
ATOM   244  O "O3'"  . A   A 1 8  ? -0.404  7.696   -4.953  1.00 2.24 ? 8  A   A "O3'"  1 
ATOM   245  C "C2'"  . A   A 1 8  ? 0.349   5.876   -3.523  1.00 2.02 ? 8  A   A "C2'"  1 
ATOM   246  O "O2'"  . A   A 1 8  ? -0.986  6.102   -3.053  1.00 2.00 ? 8  A   A "O2'"  1 
ATOM   247  C "C1'"  . A   A 1 8  ? 0.503   4.446   -4.035  1.00 1.96 ? 8  A   A "C1'"  1 
ATOM   248  N N9     . A   A 1 8  ? 1.448   3.661   -3.212  1.00 1.92 ? 8  A   A N9     1 
ATOM   249  C C8     . A   A 1 8  ? 2.764   3.865   -2.955  1.00 2.04 ? 8  A   A C8     1 
ATOM   250  N N7     . A   A 1 8  ? 3.360   3.015   -2.184  1.00 2.04 ? 8  A   A N7     1 
ATOM   251  C C5     . A   A 1 8  ? 2.321   2.125   -1.890  1.00 1.90 ? 8  A   A C5     1 
ATOM   252  C C6     . A   A 1 8  ? 2.254   0.961   -1.112  1.00 1.91 ? 8  A   A C6     1 
ATOM   253  N N6     . A   A 1 8  ? 3.290   0.469   -0.440  1.00 2.04 ? 8  A   A N6     1 
ATOM   254  N N1     . A   A 1 8  ? 1.073   0.329   -1.042  1.00 1.85 ? 8  A   A N1     1 
ATOM   255  C C2     . A   A 1 8  ? 0.015   0.807   -1.697  1.00 1.78 ? 8  A   A C2     1 
ATOM   256  N N3     . A   A 1 8  ? -0.034  1.890   -2.461  1.00 1.76 ? 8  A   A N3     1 
ATOM   257  C C4     . A   A 1 8  ? 1.159   2.511   -2.514  1.00 1.82 ? 8  A   A C4     1 
ATOM   258  H "H5'"  . A   A 1 8  ? 1.950   7.021   -7.348  1.00 2.79 ? 8  A   A "H5'"  1 
ATOM   259  H "H5''" . A   A 1 8  ? 2.908   6.593   -5.916  1.00 2.68 ? 8  A   A "H5''" 1 
ATOM   260  H "H4'"  . A   A 1 8  ? 0.042   5.945   -6.572  1.00 2.32 ? 8  A   A "H4'"  1 
ATOM   261  H "H3'"  . A   A 1 8  ? 1.587   7.327   -4.486  1.00 2.22 ? 8  A   A "H3'"  1 
ATOM   262  H "H2'"  . A   A 1 8  ? 1.061   6.064   -2.714  1.00 2.03 ? 8  A   A "H2'"  1 
ATOM   263  H "HO2'" . A   A 1 8  ? -1.155  7.049   -3.109  1.00 2.11 ? 8  A   A "HO2'" 1 
ATOM   264  H "H1'"  . A   A 1 8  ? -0.470  3.963   -4.007  1.00 1.92 ? 8  A   A "H1'"  1 
ATOM   265  H H8     . A   A 1 8  ? 3.317   4.680   -3.423  1.00 2.23 ? 8  A   A H8     1 
ATOM   266  H H61    . A   A 1 8  ? 3.177   -0.368  0.113   1.00 2.49 ? 8  A   A H61    1 
ATOM   267  H H62    . A   A 1 8  ? 4.182   0.938   -0.474  1.00 2.01 ? 8  A   A H62    1 
ATOM   268  H H2     . A   A 1 8  ? -0.917  0.255   -1.583  1.00 1.81 ? 8  A   A H2     1 
ATOM   269  P P      . G   A 1 9  ? -0.287  9.243   -4.518  1.00 2.46 ? 9  G   A P      1 
ATOM   270  O OP1    . G   A 1 9  ? -1.171  10.041  -5.397  1.00 2.94 ? 9  G   A OP1    1 
ATOM   271  O OP2    . G   A 1 9  ? 1.149   9.586   -4.406  1.00 2.93 ? 9  G   A OP2    1 
ATOM   272  O "O5'"  . G   A 1 9  ? -0.920  9.229   -3.034  1.00 2.47 ? 9  G   A "O5'"  1 
ATOM   273  C "C5'"  . G   A 1 9  ? -2.132  9.945   -2.735  1.00 2.22 ? 9  G   A "C5'"  1 
ATOM   274  C "C4'"  . G   A 1 9  ? -3.222  9.038   -2.176  1.00 2.11 ? 9  G   A "C4'"  1 
ATOM   275  O "O4'"  . G   A 1 9  ? -2.645  7.971   -1.399  1.00 1.95 ? 9  G   A "O4'"  1 
ATOM   276  C "C3'"  . G   A 1 9  ? -4.169  9.824   -1.277  1.00 2.16 ? 9  G   A "C3'"  1 
ATOM   277  O "O3'"  . G   A 1 9  ? -5.535  9.657   -1.699  1.00 2.35 ? 9  G   A "O3'"  1 
ATOM   278  C "C2'"  . G   A 1 9  ? -3.975  9.276   0.118   1.00 2.02 ? 9  G   A "C2'"  1 
ATOM   279  O "O2'"  . G   A 1 9  ? -5.235  8.939   0.708   1.00 2.15 ? 9  G   A "O2'"  1 
ATOM   280  C "C1'"  . G   A 1 9  ? -3.094  8.043   -0.030  1.00 1.90 ? 9  G   A "C1'"  1 
ATOM   281  N N9     . G   A 1 9  ? -1.937  8.091   0.884   1.00 1.80 ? 9  G   A N9     1 
ATOM   282  C C8     . G   A 1 9  ? -0.756  8.744   0.746   1.00 1.83 ? 9  G   A C8     1 
ATOM   283  N N7     . G   A 1 9  ? 0.138   8.565   1.663   1.00 1.79 ? 9  G   A N7     1 
ATOM   284  C C5     . G   A 1 9  ? -0.523  7.691   2.536   1.00 1.74 ? 9  G   A C5     1 
ATOM   285  C C6     . G   A 1 9  ? -0.082  7.109   3.757   1.00 1.75 ? 9  G   A C6     1 
ATOM   286  O O6     . G   A 1 9  ? 0.987   7.270   4.346   1.00 1.80 ? 9  G   A O6     1 
ATOM   287  N N1     . G   A 1 9  ? -1.055  6.293   4.307   1.00 1.80 ? 9  G   A N1     1 
ATOM   288  C C2     . G   A 1 9  ? -2.298  6.063   3.772   1.00 1.83 ? 9  G   A C2     1 
ATOM   289  N N2     . G   A 1 9  ? -3.093  5.255   4.460   1.00 1.97 ? 9  G   A N2     1 
ATOM   290  N N3     . G   A 1 9  ? -2.728  6.600   2.632   1.00 1.80 ? 9  G   A N3     1 
ATOM   291  C C4     . G   A 1 9  ? -1.795  7.400   2.065   1.00 1.75 ? 9  G   A C4     1 
ATOM   292  H "H5'"  . G   A 1 9  ? -2.524  10.387  -3.641  1.00 2.47 ? 9  G   A "H5'"  1 
ATOM   293  H "H5''" . G   A 1 9  ? -1.895  10.738  -2.010  1.00 2.38 ? 9  G   A "H5''" 1 
ATOM   294  H "H4'"  . G   A 1 9  ? -3.787  8.610   -3.003  1.00 2.22 ? 9  G   A "H4'"  1 
ATOM   295  H "H3'"  . G   A 1 9  ? -3.900  10.882  -1.292  1.00 2.23 ? 9  G   A "H3'"  1 
ATOM   296  H "H2'"  . G   A 1 9  ? -3.462  10.018  0.732   1.00 1.99 ? 9  G   A "H2'"  1 
ATOM   297  H "HO2'" . G   A 1 9  ? -5.877  8.893   -0.009  1.00 2.35 ? 9  G   A "HO2'" 1 
ATOM   298  H "H1'"  . G   A 1 9  ? -3.685  7.156   0.197   1.00 1.95 ? 9  G   A "H1'"  1 
ATOM   299  H H8     . G   A 1 9  ? -0.612  9.464   -0.058  1.00 1.92 ? 9  G   A H8     1 
ATOM   300  H H1     . G   A 1 9  ? -0.808  5.833   5.172   1.00 1.87 ? 9  G   A H1     1 
ATOM   301  H H21    . G   A 1 9  ? -2.774  4.849   5.326   1.00 2.32 ? 9  G   A H21    1 
ATOM   302  H H22    . G   A 1 9  ? -4.020  5.051   4.116   1.00 2.08 ? 9  G   A H22    1 
ATOM   303  P P      . U   A 1 10 ? -6.092  10.349  -3.046  1.00 2.95 ? 10 U   A P      1 
ATOM   304  O OP1    . U   A 1 10 ? -4.941  10.671  -3.921  1.00 3.87 ? 10 U   A OP1    1 
ATOM   305  O OP2    . U   A 1 10 ? -7.040  11.417  -2.658  1.00 3.08 ? 10 U   A OP2    1 
ATOM   306  O "O5'"  . U   A 1 10 ? -6.933  9.158   -3.741  1.00 3.02 ? 10 U   A "O5'"  1 
ATOM   307  C "C5'"  . U   A 1 10 ? -6.686  7.783   -3.411  1.00 2.78 ? 10 U   A "C5'"  1 
ATOM   308  C "C4'"  . U   A 1 10 ? -7.975  6.960   -3.393  1.00 2.74 ? 10 U   A "C4'"  1 
ATOM   309  O "O4'"  . U   A 1 10 ? -9.023  7.670   -2.701  1.00 2.95 ? 10 U   A "O4'"  1 
ATOM   310  C "C3'"  . U   A 1 10 ? -8.450  6.662   -4.808  1.00 2.71 ? 10 U   A "C3'"  1 
ATOM   311  O "O3'"  . U   A 1 10 ? -8.498  5.244   -5.042  1.00 2.77 ? 10 U   A "O3'"  1 
ATOM   312  C "C2'"  . U   A 1 10 ? -9.826  7.272   -4.932  1.00 2.95 ? 10 U   A "C2'"  1 
ATOM   313  O "O2'"  . U   A 1 10 ? -10.786 6.286   -5.328  1.00 3.18 ? 10 U   A "O2'"  1 
ATOM   314  C "C1'"  . U   A 1 10 ? -10.168 7.847   -3.562  1.00 3.08 ? 10 U   A "C1'"  1 
ATOM   315  N N1     . U   A 1 10 ? -10.532 9.277   -3.664  1.00 3.30 ? 10 U   A N1     1 
ATOM   316  C C2     . U   A 1 10 ? -11.727 9.596   -4.285  1.00 3.75 ? 10 U   A C2     1 
ATOM   317  O O2     . U   A 1 10 ? -12.480 8.741   -4.740  1.00 4.21 ? 10 U   A O2     1 
ATOM   318  N N3     . U   A 1 10 ? -12.031 10.937  -4.366  1.00 4.02 ? 10 U   A N3     1 
ATOM   319  C C4     . U   A 1 10 ? -11.263 11.979  -3.887  1.00 4.00 ? 10 U   A C4     1 
ATOM   320  O O4     . U   A 1 10 ? -11.636 13.139  -4.021  1.00 4.38 ? 10 U   A O4     1 
ATOM   321  C C5     . U   A 1 10 ? -10.035 11.561  -3.252  1.00 3.88 ? 10 U   A C5     1 
ATOM   322  C C6     . U   A 1 10 ? -9.711  10.250  -3.161  1.00 3.51 ? 10 U   A C6     1 
ATOM   323  H "H5'"  . U   A 1 10 ? -6.220  7.731   -2.427  1.00 3.05 ? 10 U   A "H5'"  1 
ATOM   324  H "H5''" . U   A 1 10 ? -6.004  7.359   -4.148  1.00 2.89 ? 10 U   A "H5''" 1 
ATOM   325  H "H4'"  . U   A 1 10 ? -7.787  6.019   -2.877  1.00 2.86 ? 10 U   A "H4'"  1 
ATOM   326  H "H3'"  . U   A 1 10 ? -7.778  7.135   -5.528  1.00 2.74 ? 10 U   A "H3'"  1 
ATOM   327  H "H2'"  . U   A 1 10 ? -9.799  8.079   -5.667  1.00 3.08 ? 10 U   A "H2'"  1 
ATOM   328  H "HO2'" . U   A 1 10 ? -10.353 5.430   -5.266  1.00 3.24 ? 10 U   A "HO2'" 1 
ATOM   329  H "H1'"  . U   A 1 10 ? -11.012 7.296   -3.148  1.00 3.33 ? 10 U   A "H1'"  1 
ATOM   330  H H3     . U   A 1 10 ? -12.898 11.181  -4.816  1.00 4.50 ? 10 U   A H3     1 
ATOM   331  H H5     . U   A 1 10 ? -9.360  12.312  -2.841  1.00 4.34 ? 10 U   A H5     1 
ATOM   332  H H6     . U   A 1 10 ? -8.781  9.962   -2.672  1.00 3.70 ? 10 U   A H6     1 
ATOM   333  P P      . G   A 1 11 ? -7.430  4.517   -6.010  1.00 2.89 ? 11 G   A P      1 
ATOM   334  O OP1    . G   A 1 11 ? -7.328  3.100   -5.594  1.00 3.66 ? 11 G   A OP1    1 
ATOM   335  O OP2    . G   A 1 11 ? -6.216  5.362   -6.077  1.00 3.03 ? 11 G   A OP2    1 
ATOM   336  O "O5'"  . G   A 1 11 ? -8.167  4.574   -7.448  1.00 2.67 ? 11 G   A "O5'"  1 
ATOM   337  C "C5'"  . G   A 1 11 ? -8.218  3.417   -8.304  1.00 2.62 ? 11 G   A "C5'"  1 
ATOM   338  C "C4'"  . G   A 1 11 ? -6.924  3.209   -9.083  1.00 2.59 ? 11 G   A "C4'"  1 
ATOM   339  O "O4'"  . G   A 1 11 ? -5.800  3.156   -8.185  1.00 2.41 ? 11 G   A "O4'"  1 
ATOM   340  C "C3'"  . G   A 1 11 ? -6.964  1.904   -9.871  1.00 2.60 ? 11 G   A "C3'"  1 
ATOM   341  O "O3'"  . G   A 1 11 ? -6.814  2.149   -11.278 1.00 2.92 ? 11 G   A "O3'"  1 
ATOM   342  C "C2'"  . G   A 1 11 ? -5.826  1.058   -9.345  1.00 2.41 ? 11 G   A "C2'"  1 
ATOM   343  O "O2'"  . G   A 1 11 ? -4.859  0.812   -10.373 1.00 2.61 ? 11 G   A "O2'"  1 
ATOM   344  C "C1'"  . G   A 1 11 ? -5.208  1.843   -8.199  1.00 2.29 ? 11 G   A "C1'"  1 
ATOM   345  N N9     . G   A 1 11 ? -5.443  1.166   -6.909  1.00 2.07 ? 11 G   A N9     1 
ATOM   346  C C8     . G   A 1 11 ? -6.520  0.464   -6.477  1.00 2.22 ? 11 G   A C8     1 
ATOM   347  N N7     . G   A 1 11 ? -6.499  0.026   -5.260  1.00 2.11 ? 11 G   A N7     1 
ATOM   348  C C5     . G   A 1 11 ? -5.250  0.479   -4.820  1.00 1.81 ? 11 G   A C5     1 
ATOM   349  C C6     . G   A 1 11 ? -4.609  0.324   -3.561  1.00 1.73 ? 11 G   A C6     1 
ATOM   350  O O6     . G   A 1 11 ? -5.024  -0.243  -2.554  1.00 1.77 ? 11 G   A O6     1 
ATOM   351  N N1     . G   A 1 11 ? -3.361  0.928   -3.550  1.00 1.93 ? 11 G   A N1     1 
ATOM   352  C C2     . G   A 1 11 ? -2.799  1.598   -4.613  1.00 2.20 ? 11 G   A C2     1 
ATOM   353  N N2     . G   A 1 11 ? -1.587  2.086   -4.427  1.00 2.72 ? 11 G   A N2     1 
ATOM   354  N N3     . G   A 1 11 ? -3.388  1.752   -5.790  1.00 2.14 ? 11 G   A N3     1 
ATOM   355  C C4     . G   A 1 11 ? -4.602  1.173   -5.829  1.00 1.90 ? 11 G   A C4     1 
ATOM   356  H "H5'"  . G   A 1 11 ? -9.006  3.546   -9.035  1.00 2.83 ? 11 G   A "H5'"  1 
ATOM   357  H "H5''" . G   A 1 11 ? -8.431  2.532   -7.685  1.00 2.51 ? 11 G   A "H5''" 1 
ATOM   358  H "H4'"  . G   A 1 11 ? -6.786  4.039   -9.775  1.00 2.79 ? 11 G   A "H4'"  1 
ATOM   359  H "H3'"  . G   A 1 11 ? -7.912  1.392   -9.680  1.00 2.58 ? 11 G   A "H3'"  1 
ATOM   360  H "H2'"  . G   A 1 11 ? -6.218  0.112   -8.971  1.00 2.29 ? 11 G   A "H2'"  1 
ATOM   361  H "HO2'" . G   A 1 11 ? -5.027  1.444   -11.076 1.00 2.61 ? 11 G   A "HO2'" 1 
ATOM   362  H "H1'"  . G   A 1 11 ? -4.133  1.937   -8.361  1.00 2.38 ? 11 G   A "H1'"  1 
ATOM   363  H H8     . G   A 1 11 ? -7.333  0.212   -7.157  1.00 2.63 ? 11 G   A H8     1 
ATOM   364  H H1     . G   A 1 11 ? -2.846  0.863   -2.689  1.00 2.08 ? 11 G   A H1     1 
ATOM   365  H H21    . G   A 1 11 ? -1.126  1.978   -3.537  1.00 2.96 ? 11 G   A H21    1 
ATOM   366  H H22    . G   A 1 11 ? -1.122  2.570   -5.181  1.00 3.15 ? 11 G   A H22    1 
ATOM   367  P P      . G   A 1 12 ? -7.716  1.363   -12.361 1.00 3.06 ? 12 G   A P      1 
ATOM   368  O OP1    . G   A 1 12 ? -7.003  1.389   -13.658 1.00 3.52 ? 12 G   A OP1    1 
ATOM   369  O OP2    . G   A 1 12 ? -9.100  1.881   -12.271 1.00 3.41 ? 12 G   A OP2    1 
ATOM   370  O "O5'"  . G   A 1 12 ? -7.706  -0.152  -11.808 1.00 2.71 ? 12 G   A "O5'"  1 
ATOM   371  C "C5'"  . G   A 1 12 ? -6.529  -0.972  -11.910 1.00 2.77 ? 12 G   A "C5'"  1 
ATOM   372  C "C4'"  . G   A 1 12 ? -6.700  -2.326  -11.234 1.00 2.72 ? 12 G   A "C4'"  1 
ATOM   373  O "O4'"  . G   A 1 12 ? -5.419  -2.885  -10.884 1.00 2.70 ? 12 G   A "O4'"  1 
ATOM   374  C "C3'"  . G   A 1 12 ? -7.528  -2.200  -9.961  1.00 2.71 ? 12 G   A "C3'"  1 
ATOM   375  O "O3'"  . G   A 1 12 ? -8.783  -2.884  -10.096 1.00 2.99 ? 12 G   A "O3'"  1 
ATOM   376  C "C2'"  . G   A 1 12 ? -6.698  -2.802  -8.852  1.00 2.70 ? 12 G   A "C2'"  1 
ATOM   377  O "O2'"  . G   A 1 12 ? -7.380  -3.905  -8.245  1.00 3.04 ? 12 G   A "O2'"  1 
ATOM   378  C "C1'"  . G   A 1 12 ? -5.394  -3.257  -9.489  1.00 2.63 ? 12 G   A "C1'"  1 
ATOM   379  N N9     . G   A 1 12 ? -4.233  -2.652  -8.805  1.00 2.53 ? 12 G   A N9     1 
ATOM   380  C C8     . G   A 1 12 ? -3.565  -1.506  -9.083  1.00 2.81 ? 12 G   A C8     1 
ATOM   381  N N7     . G   A 1 12 ? -2.554  -1.206  -8.336  1.00 2.85 ? 12 G   A N7     1 
ATOM   382  C C5     . G   A 1 12 ? -2.534  -2.281  -7.440  1.00 2.46 ? 12 G   A C5     1 
ATOM   383  C C6     . G   A 1 12 ? -1.654  -2.552  -6.357  1.00 2.37 ? 12 G   A C6     1 
ATOM   384  O O6     . G   A 1 12 ? -0.700  -1.890  -5.963  1.00 2.59 ? 12 G   A O6     1 
ATOM   385  N N1     . G   A 1 12 ? -1.985  -3.735  -5.717  1.00 2.18 ? 12 G   A N1     1 
ATOM   386  C C2     . G   A 1 12 ? -3.029  -4.559  -6.065  1.00 2.22 ? 12 G   A C2     1 
ATOM   387  N N2     . G   A 1 12 ? -3.182  -5.650  -5.333  1.00 2.41 ? 12 G   A N2     1 
ATOM   388  N N3     . G   A 1 12 ? -3.861  -4.317  -7.077  1.00 2.29 ? 12 G   A N3     1 
ATOM   389  C C4     . G   A 1 12 ? -3.561  -3.167  -7.722  1.00 2.34 ? 12 G   A C4     1 
ATOM   390  H "H5'"  . G   A 1 12 ? -5.701  -0.478  -11.418 1.00 3.07 ? 12 G   A "H5'"  1 
ATOM   391  H "H5''" . G   A 1 12 ? -6.293  -1.112  -12.975 1.00 3.06 ? 12 G   A "H5''" 1 
ATOM   392  H "H4'"  . G   A 1 12 ? -7.205  -3.004  -11.920 1.00 2.94 ? 12 G   A "H4'"  1 
ATOM   393  H "H3'"  . G   A 1 12 ? -7.705  -1.143  -9.746  1.00 2.69 ? 12 G   A "H3'"  1 
ATOM   394  H "H2'"  . G   A 1 12 ? -6.488  -2.038  -8.101  1.00 2.69 ? 12 G   A "H2'"  1 
ATOM   395  H "HO2'" . G   A 1 12 ? -8.253  -3.955  -8.648  1.00 3.20 ? 12 G   A "HO2'" 1 
ATOM   396  H "H1'"  . G   A 1 12 ? -5.322  -4.342  -9.411  1.00 2.82 ? 12 G   A "H1'"  1 
ATOM   397  H H8     . G   A 1 12 ? -3.873  -0.855  -9.903  1.00 3.10 ? 12 G   A H8     1 
ATOM   398  H H1     . G   A 1 12 ? -1.405  -3.991  -4.934  1.00 2.17 ? 12 G   A H1     1 
ATOM   399  H H21    . G   A 1 12 ? -2.554  -5.839  -4.566  1.00 2.51 ? 12 G   A H21    1 
ATOM   400  H H22    . G   A 1 12 ? -3.931  -6.296  -5.546  1.00 2.81 ? 12 G   A H22    1 
ATOM   401  P P      . U   A 1 13 ? -10.021 -2.195  -10.867 1.00 3.16 ? 13 U   A P      1 
ATOM   402  O OP1    . U   A 1 13 ? -9.939  -2.568  -12.298 1.00 3.39 ? 13 U   A OP1    1 
ATOM   403  O OP2    . U   A 1 13 ? -10.078 -0.768  -10.480 1.00 3.65 ? 13 U   A OP2    1 
ATOM   404  O "O5'"  . U   A 1 13 ? -11.296 -2.948  -10.226 1.00 3.34 ? 13 U   A "O5'"  1 
ATOM   405  C "C5'"  . U   A 1 13 ? -12.209 -2.254  -9.363  1.00 3.29 ? 13 U   A "C5'"  1 
ATOM   406  C "C4'"  . U   A 1 13 ? -11.601 -1.997  -7.987  1.00 3.90 ? 13 U   A "C4'"  1 
ATOM   407  O "O4'"  . U   A 1 13 ? -12.557 -1.348  -7.125  1.00 4.74 ? 13 U   A "O4'"  1 
ATOM   408  C "C3'"  . U   A 1 13 ? -11.181 -3.307  -7.329  1.00 3.82 ? 13 U   A "C3'"  1 
ATOM   409  O "O3'"  . U   A 1 13 ? -9.763  -3.339  -7.055  1.00 4.04 ? 13 U   A "O3'"  1 
ATOM   410  C "C2'"  . U   A 1 13 ? -11.995 -3.420  -6.060  1.00 4.71 ? 13 U   A "C2'"  1 
ATOM   411  O "O2'"  . U   A 1 13 ? -11.164 -3.701  -4.925  1.00 5.35 ? 13 U   A "O2'"  1 
ATOM   412  C "C1'"  . U   A 1 13 ? -12.715 -2.086  -5.894  1.00 5.24 ? 13 U   A "C1'"  1 
ATOM   413  N N1     . U   A 1 13 ? -14.153 -2.281  -5.556  1.00 5.76 ? 13 U   A N1     1 
ATOM   414  C C2     . U   A 1 13 ? -15.061 -1.314  -5.973  1.00 6.40 ? 13 U   A C2     1 
ATOM   415  O O2     . U   A 1 13 ? -14.725 -0.310  -6.591  1.00 6.61 ? 13 U   A O2     1 
ATOM   416  N N3     . U   A 1 13 ? -16.378 -1.531  -5.632  1.00 7.10 ? 13 U   A N3     1 
ATOM   417  C C4     . U   A 1 13 ? -16.874 -2.604  -4.921  1.00 7.27 ? 13 U   A C4     1 
ATOM   418  O O4     . U   A 1 13 ? -18.073 -2.689  -4.677  1.00 8.08 ? 13 U   A O4     1 
ATOM   419  C C5     . U   A 1 13 ? -15.869 -3.561  -4.523  1.00 6.69 ? 13 U   A C5     1 
ATOM   420  C C6     . U   A 1 13 ? -14.567 -3.378  -4.843  1.00 5.96 ? 13 U   A C6     1 
ATOM   421  H "H5'"  . U   A 1 13 ? -13.112 -2.853  -9.246  1.00 3.32 ? 13 U   A "H5'"  1 
ATOM   422  H "H5''" . U   A 1 13 ? -12.474 -1.299  -9.818  1.00 3.36 ? 13 U   A "H5''" 1 
ATOM   423  H "H4'"  . U   A 1 13 ? -10.730 -1.353  -8.099  1.00 4.23 ? 13 U   A "H4'"  1 
ATOM   424  H "H3'"  . U   A 1 13 ? -11.442 -4.137  -7.990  1.00 3.45 ? 13 U   A "H3'"  1 
ATOM   425  H "H2'"  . U   A 1 13 ? -12.730 -4.216  -6.183  1.00 4.81 ? 13 U   A "H2'"  1 
ATOM   426  H "HO2'" . U   A 1 13 ? -10.569 -2.951  -4.813  1.00 5.24 ? 13 U   A "HO2'" 1 
ATOM   427  H "H1'"  . U   A 1 13 ? -12.238 -1.528  -5.088  1.00 5.96 ? 13 U   A "H1'"  1 
ATOM   428  H H3     . U   A 1 13 ? -17.044 -0.837  -5.932  1.00 7.71 ? 13 U   A H3     1 
ATOM   429  H H5     . U   A 1 13 ? -16.164 -4.443  -3.956  1.00 7.05 ? 13 U   A H5     1 
ATOM   430  H H6     . U   A 1 13 ? -13.831 -4.115  -4.520  1.00 5.79 ? 13 U   A H6     1 
ATOM   431  P P      . U   A 1 14 ? -8.965  -2.064  -6.459  1.00 3.69 ? 14 U   A P      1 
ATOM   432  O OP1    . U   A 1 14 ? -8.900  -1.024  -7.510  1.00 4.19 ? 14 U   A OP1    1 
ATOM   433  O OP2    . U   A 1 14 ? -7.717  -2.552  -5.830  1.00 4.10 ? 14 U   A OP2    1 
ATOM   434  O "O5'"  . U   A 1 14 ? -9.945  -1.536  -5.291  1.00 3.16 ? 14 U   A "O5'"  1 
ATOM   435  C "C5'"  . U   A 1 14 ? -9.420  -1.039  -4.054  1.00 2.83 ? 14 U   A "C5'"  1 
ATOM   436  C "C4'"  . U   A 1 14 ? -9.563  -2.066  -2.934  1.00 2.81 ? 14 U   A "C4'"  1 
ATOM   437  O "O4'"  . U   A 1 14 ? -8.658  -3.170  -3.139  1.00 2.68 ? 14 U   A "O4'"  1 
ATOM   438  C "C3'"  . U   A 1 14 ? -9.254  -1.436  -1.584  1.00 2.74 ? 14 U   A "C3'"  1 
ATOM   439  O "O3'"  . U   A 1 14 ? -10.430 -1.380  -0.762  1.00 3.11 ? 14 U   A "O3'"  1 
ATOM   440  C "C2'"  . U   A 1 14 ? -8.183  -2.294  -0.952  1.00 2.61 ? 14 U   A "C2'"  1 
ATOM   441  O "O2'"  . U   A 1 14 ? -8.653  -2.905  0.256   1.00 3.07 ? 14 U   A "O2'"  1 
ATOM   442  C "C1'"  . U   A 1 14 ? -7.808  -3.350  -1.985  1.00 2.48 ? 14 U   A "C1'"  1 
ATOM   443  N N1     . U   A 1 14 ? -6.379  -3.228  -2.355  1.00 2.13 ? 14 U   A N1     1 
ATOM   444  C C2     . U   A 1 14 ? -5.453  -3.243  -1.326  1.00 1.97 ? 14 U   A C2     1 
ATOM   445  O O2     . U   A 1 14 ? -5.765  -3.459  -0.162  1.00 2.15 ? 14 U   A O2     1 
ATOM   446  N N3     . U   A 1 14 ? -4.138  -3.063  -1.691  1.00 1.87 ? 14 U   A N3     1 
ATOM   447  C C4     . U   A 1 14 ? -3.664  -2.871  -2.967  1.00 1.98 ? 14 U   A C4     1 
ATOM   448  O O4     . U   A 1 14 ? -2.464  -2.707  -3.168  1.00 2.15 ? 14 U   A O4     1 
ATOM   449  C C5     . U   A 1 14 ? -4.689  -2.878  -3.983  1.00 2.17 ? 14 U   A C5     1 
ATOM   450  C C6     . U   A 1 14 ? -5.991  -3.058  -3.659  1.00 2.21 ? 14 U   A C6     1 
ATOM   451  H "H5'"  . U   A 1 14 ? -9.959  -0.133  -3.778  1.00 3.16 ? 14 U   A "H5'"  1 
ATOM   452  H "H5''" . U   A 1 14 ? -8.364  -0.799  -4.183  1.00 2.63 ? 14 U   A "H5''" 1 
ATOM   453  H "H4'"  . U   A 1 14 ? -10.586 -2.442  -2.925  1.00 3.11 ? 14 U   A "H4'"  1 
ATOM   454  H "H3'"  . U   A 1 14 ? -8.862  -0.428  -1.737  1.00 2.65 ? 14 U   A "H3'"  1 
ATOM   455  H "H2'"  . U   A 1 14 ? -7.311  -1.675  -0.735  1.00 2.47 ? 14 U   A "H2'"  1 
ATOM   456  H "HO2'" . U   A 1 14 ? -8.043  -2.653  0.956   1.00 2.74 ? 14 U   A "HO2'" 1 
ATOM   457  H "H1'"  . U   A 1 14 ? -7.984  -4.340  -1.563  1.00 2.69 ? 14 U   A "H1'"  1 
ATOM   458  H H3     . U   A 1 14 ? -3.457  -3.069  -0.947  1.00 1.91 ? 14 U   A H3     1 
ATOM   459  H H5     . U   A 1 14 ? -4.412  -2.728  -5.026  1.00 2.45 ? 14 U   A H5     1 
ATOM   460  H H6     . U   A 1 14 ? -6.716  -3.160  -4.466  1.00 2.51 ? 14 U   A H6     1 
ATOM   461  P P      . G   A 1 15 ? -10.491 -0.416  0.532   1.00 2.96 ? 15 G   A P      1 
ATOM   462  O OP1    . G   A 1 15 ? -11.099 -1.177  1.647   1.00 3.12 ? 15 G   A OP1    1 
ATOM   463  O OP2    . G   A 1 15 ? -11.085 0.875   0.114   1.00 3.54 ? 15 G   A OP2    1 
ATOM   464  O "O5'"  . G   A 1 15 ? -8.934  -0.163  0.877   1.00 2.69 ? 15 G   A "O5'"  1 
ATOM   465  C "C5'"  . G   A 1 15 ? -8.488  -0.009  2.236   1.00 2.40 ? 15 G   A "C5'"  1 
ATOM   466  C "C4'"  . G   A 1 15 ? -7.865  -1.281  2.796   1.00 2.28 ? 15 G   A "C4'"  1 
ATOM   467  O "O4'"  . G   A 1 15 ? -6.871  -1.804  1.890   1.00 2.16 ? 15 G   A "O4'"  1 
ATOM   468  C "C3'"  . G   A 1 15 ? -7.193  -1.007  4.133   1.00 2.32 ? 15 G   A "C3'"  1 
ATOM   469  O "O3'"  . G   A 1 15 ? -7.885  -1.669  5.202   1.00 2.48 ? 15 G   A "O3'"  1 
ATOM   470  C "C2'"  . G   A 1 15 ? -5.775  -1.512  4.007   1.00 2.21 ? 15 G   A "C2'"  1 
ATOM   471  O "O2'"  . G   A 1 15 ? -5.549  -2.623  4.881   1.00 2.35 ? 15 G   A "O2'"  1 
ATOM   472  C "C1'"  . G   A 1 15 ? -5.595  -1.922  2.553   1.00 2.07 ? 15 G   A "C1'"  1 
ATOM   473  N N9     . G   A 1 15 ? -4.587  -1.069  1.890   1.00 1.96 ? 15 G   A N9     1 
ATOM   474  C C8     . G   A 1 15 ? -4.681  -0.362  0.737   1.00 1.95 ? 15 G   A C8     1 
ATOM   475  N N7     . G   A 1 15 ? -3.646  0.315   0.364   1.00 1.91 ? 15 G   A N7     1 
ATOM   476  C C5     . G   A 1 15 ? -2.738  0.034   1.390   1.00 1.89 ? 15 G   A C5     1 
ATOM   477  C C6     . G   A 1 15 ? -1.402  0.481   1.571   1.00 1.93 ? 15 G   A C6     1 
ATOM   478  O O6     . G   A 1 15 ? -0.750  1.234   0.860   1.00 1.98 ? 15 G   A O6     1 
ATOM   479  N N1     . G   A 1 15 ? -0.841  -0.033  2.727   1.00 2.00 ? 15 G   A N1     1 
ATOM   480  C C2     . G   A 1 15 ? -1.481  -0.873  3.610   1.00 2.03 ? 15 G   A C2     1 
ATOM   481  N N2     . G   A 1 15 ? -0.785  -1.252  4.672   1.00 2.17 ? 15 G   A N2     1 
ATOM   482  N N3     . G   A 1 15 ? -2.736  -1.300  3.453   1.00 2.00 ? 15 G   A N3     1 
ATOM   483  C C4     . G   A 1 15 ? -3.305  -0.813  2.328   1.00 1.92 ? 15 G   A C4     1 
ATOM   484  H "H5'"  . G   A 1 15 ? -9.332  0.231   2.868   1.00 2.42 ? 15 G   A "H5'"  1 
ATOM   485  H "H5''" . G   A 1 15 ? -7.758  0.810   2.269   1.00 2.57 ? 15 G   A "H5''" 1 
ATOM   486  H "H4'"  . G   A 1 15 ? -8.647  -2.028  2.935   1.00 2.35 ? 15 G   A "H4'"  1 
ATOM   487  H "H3'"  . G   A 1 15 ? -7.176  0.070   4.315   1.00 2.39 ? 15 G   A "H3'"  1 
ATOM   488  H "H2'"  . G   A 1 15 ? -5.081  -0.705  4.246   1.00 2.22 ? 15 G   A "H2'"  1 
ATOM   489  H "HO2'" . G   A 1 15 ? -6.368  -2.778  5.360   1.00 2.54 ? 15 G   A "HO2'" 1 
ATOM   490  H "H1'"  . G   A 1 15 ? -5.265  -2.959  2.513   1.00 2.08 ? 15 G   A "H1'"  1 
ATOM   491  H H8     . G   A 1 15 ? -5.597  -0.365  0.146   1.00 2.03 ? 15 G   A H8     1 
ATOM   492  H H1     . G   A 1 15 ? 0.116   0.233   2.909   1.00 2.08 ? 15 G   A H1     1 
ATOM   493  H H21    . G   A 1 15 ? 0.165   -0.936  4.796   1.00 2.50 ? 15 G   A H21    1 
ATOM   494  H H22    . G   A 1 15 ? -1.207  -1.862  5.358   1.00 2.24 ? 15 G   A H22    1 
ATOM   495  P P      . G   A 1 16 ? -8.173  -0.903  6.592   1.00 2.55 ? 16 G   A P      1 
ATOM   496  O OP1    . G   A 1 16 ? -8.380  -1.923  7.645   1.00 2.85 ? 16 G   A OP1    1 
ATOM   497  O OP2    . G   A 1 16 ? -9.209  0.125   6.346   1.00 2.79 ? 16 G   A OP2    1 
ATOM   498  O "O5'"  . G   A 1 16 ? -6.775  -0.151  6.878   1.00 3.06 ? 16 G   A "O5'"  1 
ATOM   499  C "C5'"  . G   A 1 16 ? -6.247  -0.050  8.213   1.00 3.32 ? 16 G   A "C5'"  1 
ATOM   500  C "C4'"  . G   A 1 16 ? -5.212  -1.125  8.517   1.00 3.02 ? 16 G   A "C4'"  1 
ATOM   501  O "O4'"  . G   A 1 16 ? -4.317  -1.302  7.400   1.00 2.89 ? 16 G   A "O4'"  1 
ATOM   502  C "C3'"  . G   A 1 16 ? -4.380  -0.738  9.733   1.00 2.72 ? 16 G   A "C3'"  1 
ATOM   503  O "O3'"  . G   A 1 16 ? -4.581  -1.662  10.814  1.00 2.74 ? 16 G   A "O3'"  1 
ATOM   504  C "C2'"  . G   A 1 16 ? -2.942  -0.732  9.276   1.00 2.43 ? 16 G   A "C2'"  1 
ATOM   505  O "O2'"  . G   A 1 16 ? -2.207  -1.801  9.884   1.00 2.34 ? 16 G   A "O2'"  1 
ATOM   506  C "C1'"  . G   A 1 16 ? -2.983  -0.893  7.763   1.00 2.55 ? 16 G   A "C1'"  1 
ATOM   507  N N9     . G   A 1 16 ? -2.645  0.377   7.089   1.00 2.43 ? 16 G   A N9     1 
ATOM   508  C C8     . G   A 1 16 ? -3.261  0.983   6.045   1.00 2.61 ? 16 G   A C8     1 
ATOM   509  N N7     . G   A 1 16 ? -2.796  2.122   5.653   1.00 2.48 ? 16 G   A N7     1 
ATOM   510  C C5     . G   A 1 16 ? -1.731  2.312   6.541   1.00 2.22 ? 16 G   A C5     1 
ATOM   511  C C6     . G   A 1 16 ? -0.811  3.387   6.642   1.00 2.12 ? 16 G   A C6     1 
ATOM   512  O O6     . G   A 1 16 ? -0.760  4.415   5.974   1.00 2.14 ? 16 G   A O6     1 
ATOM   513  N N1     . G   A 1 16 ? 0.097   3.185   7.665   1.00 2.20 ? 16 G   A N1     1 
ATOM   514  C C2     . G   A 1 16 ? 0.125   2.092   8.497   1.00 2.28 ? 16 G   A C2     1 
ATOM   515  N N2     . G   A 1 16 ? 1.074   2.086   9.422   1.00 2.57 ? 16 G   A N2     1 
ATOM   516  N N3     . G   A 1 16 ? -0.733  1.076   8.416   1.00 2.24 ? 16 G   A N3     1 
ATOM   517  C C4     . G   A 1 16 ? -1.632  1.247   7.422   1.00 2.23 ? 16 G   A C4     1 
ATOM   518  H "H5'"  . G   A 1 16 ? -7.049  -0.174  8.928   1.00 3.67 ? 16 G   A "H5'"  1 
ATOM   519  H "H5''" . G   A 1 16 ? -5.800  0.948   8.331   1.00 3.82 ? 16 G   A "H5''" 1 
ATOM   520  H "H4'"  . G   A 1 16 ? -5.722  -2.067  8.717   1.00 3.19 ? 16 G   A "H4'"  1 
ATOM   521  H "H3'"  . G   A 1 16 ? -4.656  0.269   10.053  1.00 2.78 ? 16 G   A "H3'"  1 
ATOM   522  H "H2'"  . G   A 1 16 ? -2.484  0.226   9.531   1.00 2.34 ? 16 G   A "H2'"  1 
ATOM   523  H "HO2'" . G   A 1 16 ? -2.813  -2.259  10.474  1.00 2.33 ? 16 G   A "HO2'" 1 
ATOM   524  H "H1'"  . G   A 1 16 ? -2.274  -1.661  7.461   1.00 2.56 ? 16 G   A "H1'"  1 
ATOM   525  H H8     . G   A 1 16 ? -4.123  0.527   5.557   1.00 2.93 ? 16 G   A H8     1 
ATOM   526  H H1     . G   A 1 16 ? 0.786   3.911   7.794   1.00 2.31 ? 16 G   A H1     1 
ATOM   527  H H21    . G   A 1 16 ? 1.724   2.856   9.486   1.00 2.78 ? 16 G   A H21    1 
ATOM   528  H H22    . G   A 1 16 ? 1.144   1.310   10.063  1.00 2.92 ? 16 G   A H22    1 
ATOM   529  P P      . G   A 1 17 ? -5.322  -1.195  12.170  1.00 2.72 ? 17 G   A P      1 
ATOM   530  O OP1    . G   A 1 17 ? -4.322  -1.178  13.262  1.00 3.34 ? 17 G   A OP1    1 
ATOM   531  O OP2    . G   A 1 17 ? -6.558  -1.996  12.318  1.00 2.99 ? 17 G   A OP2    1 
ATOM   532  O "O5'"  . G   A 1 17 ? -5.749  0.329   11.836  1.00 2.51 ? 17 G   A "O5'"  1 
ATOM   533  C "C5'"  . G   A 1 17 ? -5.134  1.446   12.506  1.00 2.46 ? 17 G   A "C5'"  1 
ATOM   534  C "C4'"  . G   A 1 17 ? -3.615  1.440   12.390  1.00 2.34 ? 17 G   A "C4'"  1 
ATOM   535  O "O4'"  . G   A 1 17 ? -3.205  1.612   11.020  1.00 2.29 ? 17 G   A "O4'"  1 
ATOM   536  C "C3'"  . G   A 1 17 ? -3.001  2.564   13.214  1.00 2.45 ? 17 G   A "C3'"  1 
ATOM   537  O "O3'"  . G   A 1 17 ? -2.248  2.037   14.318  1.00 2.71 ? 17 G   A "O3'"  1 
ATOM   538  C "C2'"  . G   A 1 17 ? -2.112  3.342   12.272  1.00 2.35 ? 17 G   A "C2'"  1 
ATOM   539  O "O2'"  . G   A 1 17 ? -0.760  3.363   12.744  1.00 2.55 ? 17 G   A "O2'"  1 
ATOM   540  C "C1'"  . G   A 1 17 ? -2.208  2.647   10.922  1.00 2.23 ? 17 G   A "C1'"  1 
ATOM   541  N N9     . G   A 1 17 ? -2.553  3.605   9.852   1.00 2.24 ? 17 G   A N9     1 
ATOM   542  C C8     . G   A 1 17 ? -3.609  3.606   9.002   1.00 2.48 ? 17 G   A C8     1 
ATOM   543  N N7     . G   A 1 17 ? -3.669  4.551   8.123   1.00 2.62 ? 17 G   A N7     1 
ATOM   544  C C5     . G   A 1 17 ? -2.512  5.282   8.412   1.00 2.36 ? 17 G   A C5     1 
ATOM   545  C C6     . G   A 1 17 ? -1.993  6.452   7.798   1.00 2.39 ? 17 G   A C6     1 
ATOM   546  O O6     . G   A 1 17 ? -2.444  7.084   6.847   1.00 2.62 ? 17 G   A O6     1 
ATOM   547  N N1     . G   A 1 17 ? -0.813  6.858   8.394   1.00 2.30 ? 17 G   A N1     1 
ATOM   548  C C2     . G   A 1 17 ? -0.198  6.226   9.449   1.00 2.32 ? 17 G   A C2     1 
ATOM   549  N N2     . G   A 1 17 ? 0.927   6.774   9.885   1.00 2.57 ? 17 G   A N2     1 
ATOM   550  N N3     . G   A 1 17 ? -0.671  5.128   10.034  1.00 2.27 ? 17 G   A N3     1 
ATOM   551  C C4     . G   A 1 17 ? -1.825  4.708   9.471   1.00 2.21 ? 17 G   A C4     1 
ATOM   552  H "H5'"  . G   A 1 17 ? -5.368  1.403   13.561  1.00 2.65 ? 17 G   A "H5'"  1 
ATOM   553  H "H5''" . G   A 1 17 ? -5.539  2.374   12.075  1.00 2.56 ? 17 G   A "H5''" 1 
ATOM   554  H "H4'"  . G   A 1 17 ? -3.235  0.487   12.754  1.00 2.42 ? 17 G   A "H4'"  1 
ATOM   555  H "H3'"  . G   A 1 17 ? -3.795  3.217   13.584  1.00 2.58 ? 17 G   A "H3'"  1 
ATOM   556  H "H2'"  . G   A 1 17 ? -2.487  4.363   12.180  1.00 2.40 ? 17 G   A "H2'"  1 
ATOM   557  H "HO2'" . G   A 1 17 ? -0.786  3.171   13.686  1.00 2.72 ? 17 G   A "HO2'" 1 
ATOM   558  H "H1'"  . G   A 1 17 ? -1.245  2.192   10.691  1.00 2.30 ? 17 G   A "H1'"  1 
ATOM   559  H H8     . G   A 1 17 ? -4.380  2.837   9.058   1.00 2.66 ? 17 G   A H8     1 
ATOM   560  H H1     . G   A 1 17 ? -0.384  7.684   8.004   1.00 2.36 ? 17 G   A H1     1 
ATOM   561  H H21    . G   A 1 17 ? 1.288   7.609   9.446   1.00 2.86 ? 17 G   A H21    1 
ATOM   562  H H22    . G   A 1 17 ? 1.422   6.356   10.658  1.00 2.82 ? 17 G   A H22    1 
ATOM   563  P P      . C   A 1 18 ? -2.987  1.344   15.575  1.00 3.11 ? 18 C   A P      1 
ATOM   564  O OP1    . C   A 1 18 ? -2.287  0.075   15.880  1.00 3.70 ? 18 C   A OP1    1 
ATOM   565  O OP2    . C   A 1 18 ? -4.445  1.339   15.322  1.00 3.20 ? 18 C   A OP2    1 
ATOM   566  O "O5'"  . C   A 1 18 ? -2.689  2.381   16.774  1.00 3.30 ? 18 C   A "O5'"  1 
ATOM   567  C "C5'"  . C   A 1 18 ? -3.241  3.703   16.757  1.00 3.32 ? 18 C   A "C5'"  1 
ATOM   568  C "C4'"  . C   A 1 18 ? -2.148  4.763   16.649  1.00 3.24 ? 18 C   A "C4'"  1 
ATOM   569  O "O4'"  . C   A 1 18 ? -1.806  5.007   15.270  1.00 2.99 ? 18 C   A "O4'"  1 
ATOM   570  C "C3'"  . C   A 1 18 ? -2.605  6.078   17.261  1.00 3.21 ? 18 C   A "C3'"  1 
ATOM   571  O "O3'"  . C   A 1 18 ? -1.936  6.317   18.509  1.00 3.54 ? 18 C   A "O3'"  1 
ATOM   572  C "C2'"  . C   A 1 18 ? -2.280  7.151   16.247  1.00 2.96 ? 18 C   A "C2'"  1 
ATOM   573  O "O2'"  . C   A 1 18 ? -1.280  8.050   16.743  1.00 3.17 ? 18 C   A "O2'"  1 
ATOM   574  C "C1'"  . C   A 1 18 ? -1.787  6.425   15.001  1.00 2.82 ? 18 C   A "C1'"  1 
ATOM   575  N N1     . C   A 1 18 ? -2.631  6.751   13.831  1.00 2.50 ? 18 C   A N1     1 
ATOM   576  C C2     . C   A 1 18 ? -2.225  7.800   13.021  1.00 2.41 ? 18 C   A C2     1 
ATOM   577  O O2     . C   A 1 18 ? -1.207  8.430   13.288  1.00 2.62 ? 18 C   A O2     1 
ATOM   578  N N3     . C   A 1 18 ? -2.980  8.108   11.935  1.00 2.18 ? 18 C   A N3     1 
ATOM   579  C C4     . C   A 1 18 ? -4.086  7.416   11.648  1.00 2.05 ? 18 C   A C4     1 
ATOM   580  N N4     . C   A 1 18 ? -4.793  7.744   10.570  1.00 1.92 ? 18 C   A N4     1 
ATOM   581  C C5     . C   A 1 18 ? -4.513  6.332   12.479  1.00 2.17 ? 18 C   A C5     1 
ATOM   582  C C6     . C   A 1 18 ? -3.761  6.036   13.557  1.00 2.39 ? 18 C   A C6     1 
ATOM   583  H "H5'"  . C   A 1 18 ? -3.804  3.864   17.677  1.00 3.51 ? 18 C   A "H5'"  1 
ATOM   584  H "H5''" . C   A 1 18 ? -3.917  3.800   15.907  1.00 3.46 ? 18 C   A "H5''" 1 
ATOM   585  H "H4'"  . C   A 1 18 ? -1.261  4.415   17.178  1.00 3.49 ? 18 C   A "H4'"  1 
ATOM   586  H "H3'"  . C   A 1 18 ? -3.686  6.049   17.418  1.00 3.19 ? 18 C   A "H3'"  1 
ATOM   587  H "H2'"  . C   A 1 18 ? -3.188  7.706   16.006  1.00 2.82 ? 18 C   A "H2'"  1 
ATOM   588  H "HO2'" . C   A 1 18 ? -1.663  8.523   17.489  1.00 3.22 ? 18 C   A "HO2'" 1 
ATOM   589  H "H1'"  . C   A 1 18 ? -0.763  6.733   14.795  1.00 2.92 ? 18 C   A "H1'"  1 
ATOM   590  H H41    . C   A 1 18 ? -4.491  8.509   9.982   1.00 1.94 ? 18 C   A H41    1 
ATOM   591  H H42    . C   A 1 18 ? -5.629  7.228   10.337  1.00 2.21 ? 18 C   A H42    1 
ATOM   592  H H5     . C   A 1 18 ? -5.415  5.765   12.248  1.00 2.18 ? 18 C   A H5     1 
ATOM   593  H H6     . C   A 1 18 ? -4.065  5.230   14.225  1.00 2.56 ? 18 C   A H6     1 
ATOM   594  P P      . G   A 1 19 ? -2.595  7.265   19.632  1.00 3.83 ? 19 G   A P      1 
ATOM   595  O OP1    . G   A 1 19 ? -1.744  7.215   20.841  1.00 4.09 ? 19 G   A OP1    1 
ATOM   596  O OP2    . G   A 1 19 ? -4.035  6.937   19.728  1.00 4.26 ? 19 G   A OP2    1 
ATOM   597  O "O5'"  . G   A 1 19 ? -2.453  8.732   18.975  1.00 3.86 ? 19 G   A "O5'"  1 
ATOM   598  C "C5'"  . G   A 1 19 ? -3.525  9.686   19.056  1.00 3.67 ? 19 G   A "C5'"  1 
ATOM   599  C "C4'"  . G   A 1 19 ? -3.045  11.118  18.860  1.00 3.52 ? 19 G   A "C4'"  1 
ATOM   600  O "O4'"  . G   A 1 19 ? -2.299  11.245  17.631  1.00 3.32 ? 19 G   A "O4'"  1 
ATOM   601  C "C3'"  . G   A 1 19 ? -4.224  12.079  18.796  1.00 3.42 ? 19 G   A "C3'"  1 
ATOM   602  O "O3'"  . G   A 1 19 ? -4.303  12.886  19.982  1.00 3.70 ? 19 G   A "O3'"  1 
ATOM   603  C "C2'"  . G   A 1 19 ? -4.007  12.926  17.567  1.00 3.14 ? 19 G   A "C2'"  1 
ATOM   604  O "O2'"  . G   A 1 19 ? -3.642  14.264  17.925  1.00 3.34 ? 19 G   A "O2'"  1 
ATOM   605  C "C1'"  . G   A 1 19 ? -2.894  12.250  16.783  1.00 3.02 ? 19 G   A "C1'"  1 
ATOM   606  N N9     . G   A 1 19 ? -3.432  11.631  15.557  1.00 2.67 ? 19 G   A N9     1 
ATOM   607  C C8     . G   A 1 19 ? -3.916  10.381  15.369  1.00 2.67 ? 19 G   A C8     1 
ATOM   608  N N7     . G   A 1 19 ? -4.361  10.079  14.196  1.00 2.41 ? 19 G   A N7     1 
ATOM   609  C C5     . G   A 1 19 ? -4.157  11.276  13.500  1.00 2.17 ? 19 G   A C5     1 
ATOM   610  C C6     . G   A 1 19 ? -4.443  11.605  12.150  1.00 1.92 ? 19 G   A C6     1 
ATOM   611  O O6     . G   A 1 19 ? -4.946  10.896  11.282  1.00 1.88 ? 19 G   A O6     1 
ATOM   612  N N1     . G   A 1 19 ? -4.084  12.912  11.857  1.00 1.91 ? 19 G   A N1     1 
ATOM   613  C C2     . G   A 1 19 ? -3.517  13.797  12.747  1.00 2.11 ? 19 G   A C2     1 
ATOM   614  N N2     . G   A 1 19 ? -3.236  15.006  12.279  1.00 2.22 ? 19 G   A N2     1 
ATOM   615  N N3     . G   A 1 19 ? -3.244  13.500  14.017  1.00 2.33 ? 19 G   A N3     1 
ATOM   616  C C4     . G   A 1 19 ? -3.586  12.231  14.329  1.00 2.34 ? 19 G   A C4     1 
ATOM   617  H "H5'"  . G   A 1 19 ? -3.975  9.639   20.039  1.00 3.88 ? 19 G   A "H5'"  1 
ATOM   618  H "H5''" . G   A 1 19 ? -4.275  9.432   18.293  1.00 3.83 ? 19 G   A "H5''" 1 
ATOM   619  H "H4'"  . G   A 1 19 ? -2.404  11.397  19.695  1.00 3.75 ? 19 G   A "H4'"  1 
ATOM   620  H "H3'"  . G   A 1 19 ? -5.148  11.507  18.675  1.00 3.43 ? 19 G   A "H3'"  1 
ATOM   621  H "H2'"  . G   A 1 19 ? -4.919  12.938  16.967  1.00 2.99 ? 19 G   A "H2'"  1 
ATOM   622  H "HO2'" . G   A 1 19 ? -3.948  14.408  18.824  1.00 3.41 ? 19 G   A "HO2'" 1 
ATOM   623  H "H1'"  . G   A 1 19 ? -2.141  12.989  16.511  1.00 3.11 ? 19 G   A "H1'"  1 
ATOM   624  H H8     . G   A 1 19 ? -3.950  9.664   16.189  1.00 2.97 ? 19 G   A H8     1 
ATOM   625  H H1     . G   A 1 19 ? -4.258  13.218  10.912  1.00 1.86 ? 19 G   A H1     1 
ATOM   626  H H21    . G   A 1 19 ? -3.441  15.238  11.317  1.00 2.24 ? 19 G   A H21    1 
ATOM   627  H H22    . G   A 1 19 ? -2.818  15.694  12.886  1.00 2.54 ? 19 G   A H22    1 
ATOM   628  P P      . C   A 1 20 ? -5.469  12.637  21.070  1.00 3.91 ? 20 C   A P      1 
ATOM   629  O OP1    . C   A 1 20 ? -5.960  13.955  21.533  1.00 4.03 ? 20 C   A OP1    1 
ATOM   630  O OP2    . C   A 1 20 ? -4.975  11.649  22.055  1.00 4.51 ? 20 C   A OP2    1 
ATOM   631  O "O5'"  . C   A 1 20 ? -6.630  11.933  20.191  1.00 4.01 ? 20 C   A "O5'"  1 
ATOM   632  C "C5'"  . C   A 1 20 ? -7.900  12.572  19.982  1.00 3.92 ? 20 C   A "C5'"  1 
ATOM   633  C "C4'"  . C   A 1 20 ? -7.764  13.863  19.174  1.00 3.79 ? 20 C   A "C4'"  1 
ATOM   634  O "O4'"  . C   A 1 20 ? -6.767  13.721  18.142  1.00 3.53 ? 20 C   A "O4'"  1 
ATOM   635  C "C3'"  . C   A 1 20 ? -9.080  14.232  18.508  1.00 3.78 ? 20 C   A "C3'"  1 
ATOM   636  O "O3'"  . C   A 1 20 ? -9.712  15.337  19.171  1.00 4.21 ? 20 C   A "O3'"  1 
ATOM   637  C "C2'"  . C   A 1 20 ? -8.742  14.575  17.078  1.00 3.47 ? 20 C   A "C2'"  1 
ATOM   638  O "O2'"  . C   A 1 20 ? -8.883  15.980  16.840  1.00 3.76 ? 20 C   A "O2'"  1 
ATOM   639  C "C1'"  . C   A 1 20 ? -7.304  14.130  16.864  1.00 3.29 ? 20 C   A "C1'"  1 
ATOM   640  N N1     . C   A 1 20 ? -7.253  13.019  15.891  1.00 2.92 ? 20 C   A N1     1 
ATOM   641  C C2     . C   A 1 20 ? -7.263  13.346  14.540  1.00 2.76 ? 20 C   A C2     1 
ATOM   642  O O2     . C   A 1 20 ? -7.271  14.523  14.185  1.00 2.99 ? 20 C   A O2     1 
ATOM   643  N N3     . C   A 1 20 ? -7.259  12.334  13.630  1.00 2.53 ? 20 C   A N3     1 
ATOM   644  C C4     . C   A 1 20 ? -7.240  11.059  14.024  1.00 2.49 ? 20 C   A C4     1 
ATOM   645  N N4     . C   A 1 20 ? -7.240  10.096  13.108  1.00 2.44 ? 20 C   A N4     1 
ATOM   646  C C5     . C   A 1 20 ? -7.223  10.714  15.408  1.00 2.73 ? 20 C   A C5     1 
ATOM   647  C C6     . C   A 1 20 ? -7.231  11.717  16.305  1.00 2.93 ? 20 C   A C6     1 
ATOM   648  H "H5'"  . C   A 1 20 ? -8.345  12.803  20.950  1.00 4.25 ? 20 C   A "H5'"  1 
ATOM   649  H "H5''" . C   A 1 20 ? -8.555  11.885  19.447  1.00 3.90 ? 20 C   A "H5''" 1 
ATOM   650  H "H4'"  . C   A 1 20 ? -7.468  14.671  19.844  1.00 4.08 ? 20 C   A "H4'"  1 
ATOM   651  H "H3'"  . C   A 1 20 ? -9.746  13.364  18.520  1.00 3.79 ? 20 C   A "H3'"  1 
ATOM   652  H "H2'"  . C   A 1 20 ? -9.397  14.017  16.405  1.00 3.32 ? 20 C   A "H2'"  1 
ATOM   653  H "HO2'" . C   A 1 20 ? -9.193  16.376  17.658  1.00 4.13 ? 20 C   A "HO2'" 1 
ATOM   654  H "H1'"  . C   A 1 20 ? -6.722  14.968  16.482  1.00 3.44 ? 20 C   A "H1'"  1 
ATOM   655  H H41    . C   A 1 20 ? -7.252  10.333  12.124  1.00 2.55 ? 20 C   A H41    1 
ATOM   656  H H42    . C   A 1 20 ? -7.229  9.128   13.392  1.00 2.66 ? 20 C   A H42    1 
ATOM   657  H H5     . C   A 1 20 ? -7.204  9.672   15.730  1.00 2.92 ? 20 C   A H5     1 
ATOM   658  H H6     . C   A 1 20 ? -7.232  11.478  17.368  1.00 3.25 ? 20 C   A H6     1 
ATOM   659  P P      . U   A 1 21 ? -11.320 15.416  19.282  1.00 4.46 ? 21 U   A P      1 
ATOM   660  O OP1    . U   A 1 21 ? -11.669 16.545  20.174  1.00 4.37 ? 21 U   A OP1    1 
ATOM   661  O OP2    . U   A 1 21 ? -11.832 14.058  19.576  1.00 5.24 ? 21 U   A OP2    1 
ATOM   662  O "O5'"  . U   A 1 21 ? -11.761 15.807  17.780  1.00 4.37 ? 21 U   A "O5'"  1 
ATOM   663  C "C5'"  . U   A 1 21 ? -11.955 14.799  16.776  1.00 4.28 ? 21 U   A "C5'"  1 
ATOM   664  C "C4'"  . U   A 1 21 ? -11.496 15.285  15.401  1.00 4.07 ? 21 U   A "C4'"  1 
ATOM   665  O "O4'"  . U   A 1 21 ? -10.550 14.362  14.814  1.00 3.59 ? 21 U   A "O4'"  1 
ATOM   666  C "C3'"  . U   A 1 21 ? -12.673 15.420  14.447  1.00 4.36 ? 21 U   A "C3'"  1 
ATOM   667  O "O3'"  . U   A 1 21 ? -13.043 16.794  14.268  1.00 4.76 ? 21 U   A "O3'"  1 
ATOM   668  C "C2'"  . U   A 1 21 ? -12.224 14.793  13.153  1.00 4.06 ? 21 U   A "C2'"  1 
ATOM   669  O "O2'"  . U   A 1 21 ? -11.893 15.801  12.188  1.00 4.23 ? 21 U   A "O2'"  1 
ATOM   670  C "C1'"  . U   A 1 21 ? -10.997 13.952  13.502  1.00 3.54 ? 21 U   A "C1'"  1 
ATOM   671  N N1     . U   A 1 21 ? -11.311 12.498  13.507  1.00 3.35 ? 21 U   A N1     1 
ATOM   672  C C2     . U   A 1 21 ? -12.151 12.001  12.519  1.00 3.30 ? 21 U   A C2     1 
ATOM   673  O O2     . U   A 1 21 ? -12.551 12.689  11.585  1.00 3.40 ? 21 U   A O2     1 
ATOM   674  N N3     . U   A 1 21 ? -12.483 10.668  12.618  1.00 3.29 ? 21 U   A N3     1 
ATOM   675  C C4     . U   A 1 21 ? -12.064 9.790   13.591  1.00 3.28 ? 21 U   A C4     1 
ATOM   676  O O4     . U   A 1 21 ? -12.432 8.621   13.577  1.00 3.37 ? 21 U   A O4     1 
ATOM   677  C C5     . U   A 1 21 ? -11.186 10.377  14.572  1.00 3.34 ? 21 U   A C5     1 
ATOM   678  C C6     . U   A 1 21 ? -10.834 11.683  14.503  1.00 3.41 ? 21 U   A C6     1 
ATOM   679  H "H5'"  . U   A 1 21 ? -13.015 14.544  16.732  1.00 4.60 ? 21 U   A "H5'"  1 
ATOM   680  H "H5''" . U   A 1 21 ? -11.389 13.910  17.046  1.00 4.18 ? 21 U   A "H5''" 1 
ATOM   681  H "H4'"  . U   A 1 21 ? -11.017 16.258  15.512  1.00 4.20 ? 21 U   A "H4'"  1 
ATOM   682  H "H3'"  . U   A 1 21 ? -13.522 14.856  14.840  1.00 4.59 ? 21 U   A "H3'"  1 
ATOM   683  H "H2'"  . U   A 1 21 ? -13.017 14.151  12.767  1.00 4.20 ? 21 U   A "H2'"  1 
ATOM   684  H "HO2'" . U   A 1 21 ? -12.668 15.934  11.632  1.00 4.34 ? 21 U   A "HO2'" 1 
ATOM   685  H "H1'"  . U   A 1 21 ? -10.209 14.146  12.776  1.00 3.42 ? 21 U   A "H1'"  1 
ATOM   686  H H3     . U   A 1 21 ? -13.106 10.300  11.912  1.00 3.42 ? 21 U   A H3     1 
ATOM   687  H H5     . U   A 1 21 ? -10.799 9.760   15.383  1.00 3.48 ? 21 U   A H5     1 
ATOM   688  H H6     . U   A 1 21 ? -10.081 12.060  15.194  1.00 3.63 ? 21 U   A H6     1 
ATOM   689  P P      . U   A 1 22 ? -14.561 17.272  14.523  1.00 5.41 ? 22 U   A P      1 
ATOM   690  O OP1    . U   A 1 22 ? -14.535 18.688  14.953  1.00 5.64 ? 22 U   A OP1    1 
ATOM   691  O OP2    . U   A 1 22 ? -15.236 16.257  15.365  1.00 5.73 ? 22 U   A OP2    1 
ATOM   692  O "O5'"  . U   A 1 22 ? -15.202 17.200  13.046  1.00 5.86 ? 22 U   A "O5'"  1 
ATOM   693  C "C5'"  . U   A 1 22 ? -16.298 18.049  12.672  1.00 6.13 ? 22 U   A "C5'"  1 
ATOM   694  C "C4'"  . U   A 1 22 ? -16.026 18.773  11.355  1.00 6.16 ? 22 U   A "C4'"  1 
ATOM   695  O "O4'"  . U   A 1 22 ? -15.187 19.926  11.575  1.00 6.56 ? 22 U   A "O4'"  1 
ATOM   696  C "C3'"  . U   A 1 22 ? -15.326 17.852  10.365  1.00 6.13 ? 22 U   A "C3'"  1 
ATOM   697  O "O3'"  . U   A 1 22 ? -16.118 17.675  9.178   1.00 6.06 ? 22 U   A "O3'"  1 
ATOM   698  C "C2'"  . U   A 1 22 ? -14.002 18.504  10.044  1.00 6.57 ? 22 U   A "C2'"  1 
ATOM   699  O "O2'"  . U   A 1 22 ? -13.842 18.679  8.631   1.00 6.81 ? 22 U   A "O2'"  1 
ATOM   700  C "C1'"  . U   A 1 22 ? -14.000 19.848  10.757  1.00 6.83 ? 22 U   A "C1'"  1 
ATOM   701  N N1     . U   A 1 22 ? -12.781 20.007  11.579  1.00 7.21 ? 22 U   A N1     1 
ATOM   702  C C2     . U   A 1 22 ? -11.601 20.305  10.921  1.00 7.86 ? 22 U   A C2     1 
ATOM   703  O O2     . U   A 1 22 ? -11.546 20.457  9.705   1.00 8.10 ? 22 U   A O2     1 
ATOM   704  N N3     . U   A 1 22 ? -10.482 20.438  11.713  1.00 8.33 ? 22 U   A N3     1 
ATOM   705  C C4     . U   A 1 22 ? -10.432 20.303  13.085  1.00 8.21 ? 22 U   A C4     1 
ATOM   706  O O4     . U   A 1 22 ? -9.373  20.450  13.687  1.00 8.76 ? 22 U   A O4     1 
ATOM   707  C C5     . U   A 1 22 ? -11.705 19.992  13.693  1.00 7.52 ? 22 U   A C5     1 
ATOM   708  C C6     . U   A 1 22 ? -12.820 19.856  12.938  1.00 7.07 ? 22 U   A C6     1 
ATOM   709  H "H5'"  . U   A 1 22 ? -16.460 18.789  13.456  1.00 6.18 ? 22 U   A "H5'"  1 
ATOM   710  H "H5''" . U   A 1 22 ? -17.197 17.441  12.565  1.00 6.49 ? 22 U   A "H5''" 1 
ATOM   711  H "H4'"  . U   A 1 22 ? -16.974 19.101  10.927  1.00 6.17 ? 22 U   A "H4'"  1 
ATOM   712  H "H3'"  . U   A 1 22 ? -15.145 16.883  10.837  1.00 6.12 ? 22 U   A "H3'"  1 
ATOM   713  H "H2'"  . U   A 1 22 ? -13.191 17.886  10.434  1.00 6.73 ? 22 U   A "H2'"  1 
ATOM   714  H "HO2'" . U   A 1 22 ? -14.162 17.875  8.207   1.00 6.52 ? 22 U   A "HO2'" 1 
ATOM   715  H "H1'"  . U   A 1 22 ? -14.030 20.644  10.012  1.00 7.15 ? 22 U   A "H1'"  1 
ATOM   716  H H3     . U   A 1 22 ? -9.616  20.650  11.244  1.00 8.89 ? 22 U   A H3     1 
ATOM   717  H H5     . U   A 1 22 ? -11.768 19.864  14.774  1.00 7.46 ? 22 U   A H5     1 
ATOM   718  H H6     . U   A 1 22 ? -13.769 19.627  13.423  1.00 6.69 ? 22 U   A H6     1 
ATOM   719  P P      . C   A 1 23 ? -17.280 16.555  9.110   1.00 6.07 ? 23 C   A P      1 
ATOM   720  O OP1    . C   A 1 23 ? -18.444 17.140  8.409   1.00 6.07 ? 23 C   A OP1    1 
ATOM   721  O OP2    . C   A 1 23 ? -17.450 15.976  10.462  1.00 6.79 ? 23 C   A OP2    1 
ATOM   722  O "O5'"  . C   A 1 23 ? -16.634 15.425  8.156   1.00 5.56 ? 23 C   A "O5'"  1 
ATOM   723  C "C5'"  . C   A 1 23 ? -17.325 14.194  7.896   1.00 5.68 ? 23 C   A "C5'"  1 
ATOM   724  C "C4'"  . C   A 1 23 ? -16.365 13.004  7.858   1.00 5.11 ? 23 C   A "C4'"  1 
ATOM   725  O "O4'"  . C   A 1 23 ? -15.404 13.099  8.927   1.00 4.47 ? 23 C   A "O4'"  1 
ATOM   726  C "C3'"  . C   A 1 23 ? -17.118 11.690  8.021   1.00 5.41 ? 23 C   A "C3'"  1 
ATOM   727  O "O3'"  . C   A 1 23 ? -16.741 10.753  6.995   1.00 5.49 ? 23 C   A "O3'"  1 
ATOM   728  C "C2'"  . C   A 1 23 ? -16.734 11.162  9.384   1.00 5.00 ? 23 C   A "C2'"  1 
ATOM   729  O "O2'"  . C   A 1 23 ? -16.420 9.765   9.321   1.00 4.93 ? 23 C   A "O2'"  1 
ATOM   730  C "C1'"  . C   A 1 23 ? -15.523 11.974  9.817   1.00 4.36 ? 23 C   A "C1'"  1 
ATOM   731  N N1     . C   A 1 23 ? -15.639 12.435  11.217  1.00 4.32 ? 23 C   A N1     1 
ATOM   732  C C2     . C   A 1 23 ? -15.368 11.517  12.221  1.00 4.17 ? 23 C   A C2     1 
ATOM   733  O O2     . C   A 1 23 ? -15.062 10.362  11.936  1.00 4.11 ? 23 C   A O2     1 
ATOM   734  N N3     . C   A 1 23 ? -15.435 11.936  13.513  1.00 4.21 ? 23 C   A N3     1 
ATOM   735  C C4     . C   A 1 23 ? -15.752 13.200  13.809  1.00 4.43 ? 23 C   A C4     1 
ATOM   736  N N4     . C   A 1 23 ? -15.792 13.578  15.083  1.00 4.57 ? 23 C   A N4     1 
ATOM   737  C C5     . C   A 1 23 ? -16.034 14.151  12.780  1.00 4.62 ? 23 C   A C5     1 
ATOM   738  C C6     . C   A 1 23 ? -15.967 13.728  11.504  1.00 4.54 ? 23 C   A C6     1 
ATOM   739  H "H5'"  . C   A 1 23 ? -17.835 14.268  6.935   1.00 5.98 ? 23 C   A "H5'"  1 
ATOM   740  H "H5''" . C   A 1 23 ? -18.066 14.027  8.680   1.00 6.02 ? 23 C   A "H5''" 1 
ATOM   741  H "H4'"  . C   A 1 23 ? -15.837 13.000  6.905   1.00 5.05 ? 23 C   A "H4'"  1 
ATOM   742  H "H3'"  . C   A 1 23 ? -18.194 11.872  7.987   1.00 5.94 ? 23 C   A "H3'"  1 
ATOM   743  H "H2'"  . C   A 1 23 ? -17.556 11.328  10.084  1.00 5.32 ? 23 C   A "H2'"  1 
ATOM   744  H "HO2'" . C   A 1 23 ? -16.368 9.530   8.389   1.00 4.96 ? 23 C   A "HO2'" 1 
ATOM   745  H "H1'"  . C   A 1 23 ? -14.633 11.354  9.723   1.00 3.95 ? 23 C   A "H1'"  1 
ATOM   746  H H41    . C   A 1 23 ? -15.594 12.909  15.813  1.00 4.60 ? 23 C   A H41    1 
ATOM   747  H H42    . C   A 1 23 ? -16.021 14.534  15.321  1.00 4.85 ? 23 C   A H42    1 
ATOM   748  H H5     . C   A 1 23 ? -16.295 15.182  13.018  1.00 4.90 ? 23 C   A H5     1 
ATOM   749  H H6     . C   A 1 23 ? -16.175 14.425  10.692  1.00 4.73 ? 23 C   A H6     1 
ATOM   750  P P      . G   A 1 24 ? -17.181 10.963  5.456   1.00 5.38 ? 24 G   A P      1 
ATOM   751  O OP1    . G   A 1 24 ? -17.355 12.412  5.210   1.00 5.57 ? 24 G   A OP1    1 
ATOM   752  O OP2    . G   A 1 24 ? -18.295 10.032  5.168   1.00 5.74 ? 24 G   A OP2    1 
ATOM   753  O "O5'"  . G   A 1 24 ? -15.882 10.454  4.641   1.00 5.14 ? 24 G   A "O5'"  1 
ATOM   754  C "C5'"  . G   A 1 24 ? -14.581 11.030  4.869   1.00 4.54 ? 24 G   A "C5'"  1 
ATOM   755  C "C4'"  . G   A 1 24 ? -14.241 12.114  3.855   1.00 4.46 ? 24 G   A "C4'"  1 
ATOM   756  O "O4'"  . G   A 1 24 ? -14.912 13.346  4.189   1.00 4.61 ? 24 G   A "O4'"  1 
ATOM   757  C "C3'"  . G   A 1 24 ? -12.742 12.385  3.818   1.00 4.02 ? 24 G   A "C3'"  1 
ATOM   758  O "O3'"  . G   A 1 24 ? -12.142 11.881  2.613   1.00 4.09 ? 24 G   A "O3'"  1 
ATOM   759  C "C2'"  . G   A 1 24 ? -12.589 13.883  3.921   1.00 3.97 ? 24 G   A "C2'"  1 
ATOM   760  O "O2'"  . G   A 1 24 ? -12.107 14.444  2.692   1.00 4.06 ? 24 G   A "O2'"  1 
ATOM   761  C "C1'"  . G   A 1 24 ? -13.964 14.432  4.253   1.00 4.35 ? 24 G   A "C1'"  1 
ATOM   762  N N9     . G   A 1 24 ? -13.962 15.051  5.592   1.00 4.29 ? 24 G   A N9     1 
ATOM   763  C C8     . G   A 1 24 ? -14.316 16.302  5.962   1.00 4.64 ? 24 G   A C8     1 
ATOM   764  N N7     . G   A 1 24 ? -14.198 16.617  7.209   1.00 4.61 ? 24 G   A N7     1 
ATOM   765  C C5     . G   A 1 24 ? -13.699 15.425  7.753   1.00 4.14 ? 24 G   A C5     1 
ATOM   766  C C6     . G   A 1 24 ? -13.351 15.103  9.094   1.00 3.93 ? 24 G   A C6     1 
ATOM   767  O O6     . G   A 1 24 ? -13.407 15.813  10.094  1.00 4.11 ? 24 G   A O6     1 
ATOM   768  N N1     . G   A 1 24 ? -12.897 13.799  9.202   1.00 3.53 ? 24 G   A N1     1 
ATOM   769  C C2     . G   A 1 24 ? -12.785 12.911  8.160   1.00 3.41 ? 24 G   A C2     1 
ATOM   770  N N2     . G   A 1 24 ? -12.340 11.702  8.466   1.00 3.17 ? 24 G   A N2     1 
ATOM   771  N N3     . G   A 1 24 ? -13.104 13.196  6.901   1.00 3.63 ? 24 G   A N3     1 
ATOM   772  C C4     . G   A 1 24 ? -13.554 14.463  6.765   1.00 3.96 ? 24 G   A C4     1 
ATOM   773  H "H5'"  . G   A 1 24 ? -13.826 10.262  4.772   1.00 4.62 ? 24 G   A "H5'"  1 
ATOM   774  H "H5''" . G   A 1 24 ? -14.556 11.447  5.888   1.00 4.19 ? 24 G   A "H5''" 1 
ATOM   775  H "H4'"  . G   A 1 24 ? -14.569 11.791  2.867   1.00 4.70 ? 24 G   A "H4'"  1 
ATOM   776  H "H3'"  . G   A 1 24 ? -12.271 11.918  4.687   1.00 3.79 ? 24 G   A "H3'"  1 
ATOM   777  H "H2'"  . G   A 1 24 ? -11.895 14.119  4.732   1.00 3.71 ? 24 G   A "H2'"  1 
ATOM   778  H "HO2'" . G   A 1 24 ? -11.198 14.146  2.581   1.00 4.03 ? 24 G   A "HO2'" 1 
ATOM   779  H "H1'"  . G   A 1 24 ? -14.235 15.186  3.515   1.00 4.56 ? 24 G   A "H1'"  1 
ATOM   780  H H8     . G   A 1 24 ? -14.690 17.016  5.226   1.00 4.99 ? 24 G   A H8     1 
ATOM   781  H H1     . G   A 1 24 ? -12.639 13.497  10.129  1.00 3.40 ? 24 G   A H1     1 
ATOM   782  H H21    . G   A 1 24 ? -12.097 11.480  9.418   1.00 3.08 ? 24 G   A H21    1 
ATOM   783  H H22    . G   A 1 24 ? -12.245 11.005  7.743   1.00 3.33 ? 24 G   A H22    1 
ATOM   784  P P      . G   A 1 25 ? -10.540 11.727  2.491   1.00 3.85 ? 25 G   A P      1 
ATOM   785  O OP1    . G   A 1 25 ? -10.230 11.144  1.165   1.00 4.19 ? 25 G   A OP1    1 
ATOM   786  O OP2    . G   A 1 25 ? -10.038 11.066  3.718   1.00 3.83 ? 25 G   A OP2    1 
ATOM   787  O "O5'"  . G   A 1 25 ? -10.032 13.263  2.494   1.00 3.76 ? 25 G   A "O5'"  1 
ATOM   788  C "C5'"  . G   A 1 25 ? -9.015  13.716  3.410   1.00 3.54 ? 25 G   A "C5'"  1 
ATOM   789  C "C4'"  . G   A 1 25 ? -9.439  14.956  4.189   1.00 3.50 ? 25 G   A "C4'"  1 
ATOM   790  O "O4'"  . G   A 1 25 ? -10.373 14.603  5.227   1.00 3.39 ? 25 G   A "O4'"  1 
ATOM   791  C "C3'"  . G   A 1 25 ? -8.235  15.624  4.842   1.00 3.31 ? 25 G   A "C3'"  1 
ATOM   792  O "O3'"  . G   A 1 25 ? -8.018  16.933  4.292   1.00 3.66 ? 25 G   A "O3'"  1 
ATOM   793  C "C2'"  . G   A 1 25 ? -8.544  15.704  6.318   1.00 3.06 ? 25 G   A "C2'"  1 
ATOM   794  O "O2'"  . G   A 1 25 ? -8.682  17.066  6.740   1.00 3.29 ? 25 G   A "O2'"  1 
ATOM   795  C "C1'"  . G   A 1 25 ? -9.841  14.938  6.524   1.00 3.09 ? 25 G   A "C1'"  1 
ATOM   796  N N9     . G   A 1 25 ? -9.612  13.710  7.305   1.00 2.79 ? 25 G   A N9     1 
ATOM   797  C C8     . G   A 1 25 ? -9.837  12.420  6.957   1.00 2.83 ? 25 G   A C8     1 
ATOM   798  N N7     . G   A 1 25 ? -9.552  11.509  7.825   1.00 2.68 ? 25 G   A N7     1 
ATOM   799  C C5     . G   A 1 25 ? -9.076  12.273  8.895   1.00 2.46 ? 25 G   A C5     1 
ATOM   800  C C6     . G   A 1 25 ? -8.598  11.861  10.167  1.00 2.34 ? 25 G   A C6     1 
ATOM   801  O O6     . G   A 1 25 ? -8.496  10.721  10.610  1.00 2.41 ? 25 G   A O6     1 
ATOM   802  N N1     . G   A 1 25 ? -8.218  12.946  10.944  1.00 2.32 ? 25 G   A N1     1 
ATOM   803  C C2     . G   A 1 25 ? -8.287  14.263  10.552  1.00 2.48 ? 25 G   A C2     1 
ATOM   804  N N2     . G   A 1 25 ? -7.885  15.163  11.440  1.00 2.67 ? 25 G   A N2     1 
ATOM   805  N N3     . G   A 1 25 ? -8.731  14.662  9.361   1.00 2.60 ? 25 G   A N3     1 
ATOM   806  C C4     . G   A 1 25 ? -9.109  13.623  8.583   1.00 2.56 ? 25 G   A C4     1 
ATOM   807  H "H5'"  . G   A 1 25 ? -8.126  13.983  2.853   1.00 3.80 ? 25 G   A "H5'"  1 
ATOM   808  H "H5''" . G   A 1 25 ? -8.781  12.896  4.105   1.00 3.51 ? 25 G   A "H5''" 1 
ATOM   809  H "H4'"  . G   A 1 25 ? -9.914  15.661  3.508   1.00 3.81 ? 25 G   A "H4'"  1 
ATOM   810  H "H3'"  . G   A 1 25 ? -7.348  15.005  4.690   1.00 3.18 ? 25 G   A "H3'"  1 
ATOM   811  H "H2'"  . G   A 1 25 ? -7.746  15.221  6.883   1.00 2.81 ? 25 G   A "H2'"  1 
ATOM   812  H "HO2'" . G   A 1 25 ? -8.275  17.614  6.061   1.00 3.50 ? 25 G   A "HO2'" 1 
ATOM   813  H "H1'"  . G   A 1 25 ? -10.553 15.570  7.053   1.00 3.24 ? 25 G   A "H1'"  1 
ATOM   814  H H8     . G   A 1 25 ? -10.250 12.165  5.980   1.00 3.09 ? 25 G   A H8     1 
ATOM   815  H H1     . G   A 1 25 ? -7.870  12.731  11.865  1.00 2.34 ? 25 G   A H1     1 
ATOM   816  H H21    . G   A 1 25 ? -7.555  14.868  12.349  1.00 2.81 ? 25 G   A H21    1 
ATOM   817  H H22    . G   A 1 25 ? -7.917  16.144  11.209  1.00 2.99 ? 25 G   A H22    1 
ATOM   818  P P      . C   A 1 26 ? -7.304  17.124  2.859   1.00 4.00 ? 26 C   A P      1 
ATOM   819  O OP1    . C   A 1 26 ? -8.182  17.963  2.013   1.00 4.58 ? 26 C   A OP1    1 
ATOM   820  O OP2    . C   A 1 26 ? -6.865  15.795  2.376   1.00 4.24 ? 26 C   A OP2    1 
ATOM   821  O "O5'"  . C   A 1 26 ? -5.993  17.983  3.234   1.00 3.99 ? 26 C   A "O5'"  1 
ATOM   822  C "C5'"  . C   A 1 26 ? -4.852  17.356  3.835   1.00 3.64 ? 26 C   A "C5'"  1 
ATOM   823  C "C4'"  . C   A 1 26 ? -4.481  18.015  5.161   1.00 3.44 ? 26 C   A "C4'"  1 
ATOM   824  O "O4'"  . C   A 1 26 ? -5.326  17.536  6.228   1.00 3.09 ? 26 C   A "O4'"  1 
ATOM   825  C "C3'"  . C   A 1 26 ? -3.039  17.712  5.527   1.00 3.37 ? 26 C   A "C3'"  1 
ATOM   826  O "O3'"  . C   A 1 26 ? -2.221  18.883  5.388   1.00 3.77 ? 26 C   A "O3'"  1 
ATOM   827  C "C2'"  . C   A 1 26 ? -3.057  17.216  6.955   1.00 2.99 ? 26 C   A "C2'"  1 
ATOM   828  O "O2'"  . C   A 1 26 ? -2.386  18.132  7.831   1.00 3.20 ? 26 C   A "O2'"  1 
ATOM   829  C "C1'"  . C   A 1 26 ? -4.522  17.073  7.337   1.00 2.79 ? 26 C   A "C1'"  1 
ATOM   830  N N1     . C   A 1 26 ? -4.838  15.664  7.655   1.00 2.44 ? 26 C   A N1     1 
ATOM   831  C C2     . C   A 1 26 ? -4.651  15.238  8.962   1.00 2.24 ? 26 C   A C2     1 
ATOM   832  O O2     . C   A 1 26 ? -4.235  16.018  9.816   1.00 2.41 ? 26 C   A O2     1 
ATOM   833  N N3     . C   A 1 26 ? -4.938  13.943  9.265   1.00 2.03 ? 26 C   A N3     1 
ATOM   834  C C4     . C   A 1 26 ? -5.392  13.104  8.330   1.00 1.96 ? 26 C   A C4     1 
ATOM   835  N N4     . C   A 1 26 ? -5.659  11.846  8.664   1.00 1.86 ? 26 C   A N4     1 
ATOM   836  C C5     . C   A 1 26 ? -5.587  13.539  6.982   1.00 2.21 ? 26 C   A C5     1 
ATOM   837  C C6     . C   A 1 26 ? -5.297  14.819  6.690   1.00 2.47 ? 26 C   A C6     1 
ATOM   838  H "H5'"  . C   A 1 26 ? -4.006  17.433  3.150   1.00 4.05 ? 26 C   A "H5'"  1 
ATOM   839  H "H5''" . C   A 1 26 ? -5.071  16.303  4.009   1.00 3.55 ? 26 C   A "H5''" 1 
ATOM   840  H "H4'"  . C   A 1 26 ? -4.606  19.094  5.069   1.00 3.71 ? 26 C   A "H4'"  1 
ATOM   841  H "H3'"  . C   A 1 26 ? -2.664  16.918  4.878   1.00 3.36 ? 26 C   A "H3'"  1 
ATOM   842  H "H2'"  . C   A 1 26 ? -2.574  16.239  7.003   1.00 2.81 ? 26 C   A "H2'"  1 
ATOM   843  H "HO2'" . C   A 1 26 ? -1.558  17.719  8.095   1.00 3.39 ? 26 C   A "HO2'" 1 
ATOM   844  H "H1'"  . C   A 1 26 ? -4.726  17.691  8.211   1.00 2.82 ? 26 C   A "H1'"  1 
ATOM   845  H H41    . C   A 1 26 ? -5.518  11.533  9.614   1.00 2.09 ? 26 C   A H41    1 
ATOM   846  H H42    . C   A 1 26 ? -6.000  11.200  7.966   1.00 1.85 ? 26 C   A H42    1 
ATOM   847  H H5     . C   A 1 26 ? -5.965  12.858  6.219   1.00 2.32 ? 26 C   A H5     1 
ATOM   848  H H6     . C   A 1 26 ? -5.420  15.183  5.670   1.00 2.81 ? 26 C   A H6     1 
ATOM   849  P P      . G   A 1 27 ? -0.684  18.765  4.919   1.00 4.19 ? 27 G   A P      1 
ATOM   850  O OP1    . G   A 1 27 ? -0.199  20.120  4.575   1.00 4.54 ? 27 G   A OP1    1 
ATOM   851  O OP2    . G   A 1 27 ? -0.585  17.671  3.925   1.00 4.58 ? 27 G   A OP2    1 
ATOM   852  O "O5'"  . G   A 1 27 ? 0.061   18.290  6.269   1.00 4.32 ? 27 G   A "O5'"  1 
ATOM   853  C "C5'"  . G   A 1 27 ? 0.276   16.896  6.549   1.00 4.39 ? 27 G   A "C5'"  1 
ATOM   854  C "C4'"  . G   A 1 27 ? 0.559   16.643  8.022   1.00 4.24 ? 27 G   A "C4'"  1 
ATOM   855  O "O4'"  . G   A 1 27 ? -0.609  16.126  8.694   1.00 4.12 ? 27 G   A "O4'"  1 
ATOM   856  C "C3'"  . G   A 1 27 ? 1.678   15.633  8.200   1.00 3.76 ? 27 G   A "C3'"  1 
ATOM   857  O "O3'"  . G   A 1 27 ? 2.924   16.277  8.501   1.00 4.05 ? 27 G   A "O3'"  1 
ATOM   858  C "C2'"  . G   A 1 27 ? 1.240   14.727  9.321   1.00 3.40 ? 27 G   A "C2'"  1 
ATOM   859  O "O2'"  . G   A 1 27 ? 1.946   15.030  10.530  1.00 3.63 ? 27 G   A "O2'"  1 
ATOM   860  C "C1'"  . G   A 1 27 ? -0.252  14.968  9.485   1.00 3.61 ? 27 G   A "C1'"  1 
ATOM   861  N N9     . G   A 1 27 ? -1.006  13.782  9.044   1.00 3.16 ? 27 G   A N9     1 
ATOM   862  C C8     . G   A 1 27 ? -1.543  13.500  7.834   1.00 2.99 ? 27 G   A C8     1 
ATOM   863  N N7     . G   A 1 27 ? -2.131  12.359  7.692   1.00 2.66 ? 27 G   A N7     1 
ATOM   864  C C5     . G   A 1 27 ? -1.970  11.797  8.965   1.00 2.56 ? 27 G   A C5     1 
ATOM   865  C C6     . G   A 1 27 ? -2.395  10.537  9.470   1.00 2.29 ? 27 G   A C6     1 
ATOM   866  O O6     . G   A 1 27 ? -3.011  9.648   8.892   1.00 2.11 ? 27 G   A O6     1 
ATOM   867  N N1     . G   A 1 27 ? -2.027  10.375  10.796  1.00 2.40 ? 27 G   A N1     1 
ATOM   868  C C2     . G   A 1 27 ? -1.338  11.299  11.548  1.00 2.75 ? 27 G   A C2     1 
ATOM   869  N N2     . G   A 1 27 ? -1.075  10.962  12.802  1.00 2.92 ? 27 G   A N2     1 
ATOM   870  N N3     . G   A 1 27 ? -0.938  12.480  11.087  1.00 3.00 ? 27 G   A N3     1 
ATOM   871  C C4     . G   A 1 27 ? -1.283  12.666  9.796   1.00 2.88 ? 27 G   A C4     1 
ATOM   872  H "H5'"  . G   A 1 27 ? 1.140   16.549  5.997   1.00 4.64 ? 27 G   A "H5'"  1 
ATOM   873  H "H5''" . G   A 1 27 ? -0.614  16.333  6.233   1.00 4.72 ? 27 G   A "H5''" 1 
ATOM   874  H "H4'"  . G   A 1 27 ? 0.850   17.581  8.494   1.00 4.65 ? 27 G   A "H4'"  1 
ATOM   875  H "H3'"  . G   A 1 27 ? 1.775   15.042  7.285   1.00 3.55 ? 27 G   A "H3'"  1 
ATOM   876  H "H2'"  . G   A 1 27 ? 1.414   13.687  9.038   1.00 2.95 ? 27 G   A "H2'"  1 
ATOM   877  H "HO2'" . G   A 1 27 ? 2.587   15.713  10.320  1.00 3.78 ? 27 G   A "HO2'" 1 
ATOM   878  H "H1'"  . G   A 1 27 ? -0.473  15.165  10.534  1.00 3.84 ? 27 G   A "H1'"  1 
ATOM   879  H H8     . G   A 1 27 ? -1.464  14.205  7.006   1.00 3.20 ? 27 G   A H8     1 
ATOM   880  H H1     . G   A 1 27 ? -2.295  9.502   11.224  1.00 2.30 ? 27 G   A H1     1 
ATOM   881  H H21    . G   A 1 27 ? -1.376  10.065  13.158  1.00 2.95 ? 27 G   A H21    1 
ATOM   882  H H22    . G   A 1 27 ? -0.574  11.602  13.399  1.00 3.20 ? 27 G   A H22    1 
ATOM   883  P P      . U   A 1 28 ? 4.287   15.793  7.786   1.00 3.76 ? 28 U   A P      1 
ATOM   884  O OP1    . U   A 1 28 ? 5.012   14.914  8.729   1.00 4.30 ? 28 U   A OP1    1 
ATOM   885  O OP2    . U   A 1 28 ? 4.959   16.984  7.222   1.00 3.78 ? 28 U   A OP2    1 
ATOM   886  O "O5'"  . U   A 1 28 ? 3.736   14.896  6.557   1.00 3.44 ? 28 U   A "O5'"  1 
ATOM   887  C "C5'"  . U   A 1 28 ? 4.163   13.540  6.372   1.00 3.20 ? 28 U   A "C5'"  1 
ATOM   888  C "C4'"  . U   A 1 28 ? 3.719   12.636  7.524   1.00 2.72 ? 28 U   A "C4'"  1 
ATOM   889  O "O4'"  . U   A 1 28 ? 2.280   12.589  7.615   1.00 2.89 ? 28 U   A "O4'"  1 
ATOM   890  C "C3'"  . U   A 1 28 ? 4.233   11.218  7.324   1.00 2.36 ? 28 U   A "C3'"  1 
ATOM   891  O "O3'"  . U   A 1 28 ? 5.169   10.864  8.355   1.00 2.64 ? 28 U   A "O3'"  1 
ATOM   892  C "C2'"  . U   A 1 28 ? 3.017   10.319  7.359   1.00 2.15 ? 28 U   A "C2'"  1 
ATOM   893  O "O2'"  . U   A 1 28 ? 3.144   9.319   8.376   1.00 2.38 ? 28 U   A "O2'"  1 
ATOM   894  C "C1'"  . U   A 1 28 ? 1.821   11.223  7.628   1.00 2.38 ? 28 U   A "C1'"  1 
ATOM   895  N N1     . U   A 1 28 ? 0.761   11.018  6.616   1.00 2.50 ? 28 U   A N1     1 
ATOM   896  C C2     . U   A 1 28 ? -0.024  9.884   6.728   1.00 2.19 ? 28 U   A C2     1 
ATOM   897  O O2     . U   A 1 28 ? 0.146   9.050   7.614   1.00 1.97 ? 28 U   A O2     1 
ATOM   898  N N3     . U   A 1 28 ? -1.011  9.732   5.777   1.00 2.54 ? 28 U   A N3     1 
ATOM   899  C C4     . U   A 1 28 ? -1.280  10.597  4.735   1.00 3.34 ? 28 U   A C4     1 
ATOM   900  O O4     . U   A 1 28 ? -2.187  10.357  3.945   1.00 3.82 ? 28 U   A O4     1 
ATOM   901  C C5     . U   A 1 28 ? -0.415  11.753  4.688   1.00 3.68 ? 28 U   A C5     1 
ATOM   902  C C6     . U   A 1 28 ? 0.561   11.926  5.611   1.00 3.21 ? 28 U   A C6     1 
ATOM   903  H "H5'"  . U   A 1 28 ? 5.252   13.517  6.305   1.00 3.43 ? 28 U   A "H5'"  1 
ATOM   904  H "H5''" . U   A 1 28 ? 3.742   13.160  5.441   1.00 3.41 ? 28 U   A "H5''" 1 
ATOM   905  H "H4'"  . U   A 1 28 ? 4.120   13.030  8.459   1.00 2.96 ? 28 U   A "H4'"  1 
ATOM   906  H "H3'"  . U   A 1 28 ? 4.711   11.139  6.346   1.00 2.57 ? 28 U   A "H3'"  1 
ATOM   907  H "H2'"  . U   A 1 28 ? 2.894   9.842   6.384   1.00 2.28 ? 28 U   A "H2'"  1 
ATOM   908  H "HO2'" . U   A 1 28 ? 4.054   9.351   8.693   1.00 2.59 ? 28 U   A "HO2'" 1 
ATOM   909  H "H1'"  . U   A 1 28 ? 1.418   10.993  8.613   1.00 2.57 ? 28 U   A "H1'"  1 
ATOM   910  H H3     . U   A 1 28 ? -1.595  8.913   5.854   1.00 2.37 ? 28 U   A H3     1 
ATOM   911  H H5     . U   A 1 28 ? -0.549  12.493  3.901   1.00 4.41 ? 28 U   A H5     1 
ATOM   912  H H6     . U   A 1 28 ? 1.201   12.808  5.552   1.00 3.53 ? 28 U   A H6     1 
ATOM   913  P P      . G   A 1 29 ? 6.657   11.497  8.386   1.00 3.09 ? 29 G   A P      1 
ATOM   914  O OP1    . G   A 1 29 ? 7.203   11.336  9.752   1.00 3.69 ? 29 G   A OP1    1 
ATOM   915  O OP2    . G   A 1 29 ? 6.609   12.840  7.766   1.00 3.66 ? 29 G   A OP2    1 
ATOM   916  O "O5'"  . G   A 1 29 ? 7.479   10.525  7.394   1.00 2.99 ? 29 G   A "O5'"  1 
ATOM   917  C "C5'"  . G   A 1 29 ? 7.306   9.099   7.442   1.00 3.34 ? 29 G   A "C5'"  1 
ATOM   918  C "C4'"  . G   A 1 29 ? 7.782   8.495   8.757   1.00 3.29 ? 29 G   A "C4'"  1 
ATOM   919  O "O4'"  . G   A 1 29 ? 6.662   8.238   9.630   1.00 3.31 ? 29 G   A "O4'"  1 
ATOM   920  C "C3'"  . G   A 1 29 ? 8.519   7.183   8.520   1.00 3.14 ? 29 G   A "C3'"  1 
ATOM   921  O "O3'"  . G   A 1 29 ? 9.881   7.273   8.963   1.00 3.57 ? 29 G   A "O3'"  1 
ATOM   922  C "C2'"  . G   A 1 29 ? 7.767   6.127   9.296   1.00 3.07 ? 29 G   A "C2'"  1 
ATOM   923  O "O2'"  . G   A 1 29 ? 8.614   5.513   10.274  1.00 3.58 ? 29 G   A "O2'"  1 
ATOM   924  C "C1'"  . G   A 1 29 ? 6.596   6.835   9.961   1.00 3.21 ? 29 G   A "C1'"  1 
ATOM   925  N N9     . G   A 1 29 ? 5.308   6.255   9.525   1.00 2.97 ? 29 G   A N9     1 
ATOM   926  C C8     . G   A 1 29 ? 4.531   5.328   10.137  1.00 3.36 ? 29 G   A C8     1 
ATOM   927  N N7     . G   A 1 29 ? 3.448   4.961   9.538   1.00 3.17 ? 29 G   A N7     1 
ATOM   928  C C5     . G   A 1 29 ? 3.493   5.735   8.374   1.00 2.52 ? 29 G   A C5     1 
ATOM   929  C C6     . G   A 1 29 ? 2.581   5.801   7.287   1.00 2.13 ? 29 G   A C6     1 
ATOM   930  O O6     . G   A 1 29 ? 1.532   5.187   7.137   1.00 2.22 ? 29 G   A O6     1 
ATOM   931  N N1     . G   A 1 29 ? 2.994   6.708   6.328   1.00 1.89 ? 29 G   A N1     1 
ATOM   932  C C2     . G   A 1 29 ? 4.141   7.459   6.392   1.00 2.10 ? 29 G   A C2     1 
ATOM   933  N N2     . G   A 1 29 ? 4.367   8.267   5.368   1.00 2.39 ? 29 G   A N2     1 
ATOM   934  N N3     . G   A 1 29 ? 5.009   7.408   7.403   1.00 2.31 ? 29 G   A N3     1 
ATOM   935  C C4     . G   A 1 29 ? 4.629   6.531   8.358   1.00 2.48 ? 29 G   A C4     1 
ATOM   936  H "H5'"  . G   A 1 29 ? 7.889   8.642   6.654   1.00 3.68 ? 29 G   A "H5'"  1 
ATOM   937  H "H5''" . G   A 1 29 ? 6.240   8.873   7.289   1.00 3.85 ? 29 G   A "H5''" 1 
ATOM   938  H "H4'"  . G   A 1 29 ? 8.456   9.198   9.246   1.00 3.67 ? 29 G   A "H4'"  1 
ATOM   939  H "H3'"  . G   A 1 29 ? 8.490   6.934   7.457   1.00 3.04 ? 29 G   A "H3'"  1 
ATOM   940  H "H2'"  . G   A 1 29 ? 7.392   5.372   8.606   1.00 2.84 ? 29 G   A "H2'"  1 
ATOM   941  H "HO2'" . G   A 1 29 ? 9.516   5.773   10.069  1.00 3.60 ? 29 G   A "HO2'" 1 
ATOM   942  H "H1'"  . G   A 1 29 ? 6.684   6.724   11.040  1.00 3.68 ? 29 G   A "H1'"  1 
ATOM   943  H H8     . G   A 1 29 ? 4.812   4.905   11.103  1.00 3.91 ? 29 G   A H8     1 
ATOM   944  H H1     . G   A 1 29 ? 2.385   6.815   5.531   1.00 1.83 ? 29 G   A H1     1 
ATOM   945  H H21    . G   A 1 29 ? 3.715   8.302   4.598   1.00 2.72 ? 29 G   A H21    1 
ATOM   946  H H22    . G   A 1 29 ? 5.196   8.843   5.356   1.00 2.67 ? 29 G   A H22    1 
ATOM   947  P P      . U   A 1 30 ? 11.009  7.949   8.030   1.00 3.92 ? 30 U   A P      1 
ATOM   948  O OP1    . U   A 1 30 ? 12.324  7.765   8.685   1.00 4.59 ? 30 U   A OP1    1 
ATOM   949  O OP2    . U   A 1 30 ? 10.560  9.312   7.664   1.00 4.09 ? 30 U   A OP2    1 
ATOM   950  O "O5'"  . U   A 1 30 ? 10.976  7.031   6.705   1.00 3.99 ? 30 U   A "O5'"  1 
ATOM   951  C "C5'"  . U   A 1 30 ? 11.525  7.504   5.466   1.00 4.29 ? 30 U   A "C5'"  1 
ATOM   952  C "C4'"  . U   A 1 30 ? 12.802  6.755   5.077   1.00 4.44 ? 30 U   A "C4'"  1 
ATOM   953  O "O4'"  . U   A 1 30 ? 13.803  7.678   4.600   1.00 5.15 ? 30 U   A "O4'"  1 
ATOM   954  C "C3'"  . U   A 1 30 ? 13.383  5.994   6.262   1.00 4.46 ? 30 U   A "C3'"  1 
ATOM   955  O "O3'"  . U   A 1 30 ? 13.340  4.578   6.028   1.00 4.25 ? 30 U   A "O3'"  1 
ATOM   956  C "C2'"  . U   A 1 30 ? 14.805  6.475   6.424   1.00 5.26 ? 30 U   A "C2'"  1 
ATOM   957  O "O2'"  . U   A 1 30 ? 15.731  5.396   6.258   1.00 5.60 ? 30 U   A "O2'"  1 
ATOM   958  C "C1'"  . U   A 1 30 ? 15.020  7.545   5.361   1.00 5.64 ? 30 U   A "C1'"  1 
ATOM   959  N N1     . U   A 1 30 ? 15.384  8.837   5.980   1.00 6.26 ? 30 U   A N1     1 
ATOM   960  C C2     . U   A 1 30 ? 16.673  9.302   5.785   1.00 6.28 ? 30 U   A C2     1 
ATOM   961  O O2     . U   A 1 30 ? 17.502  8.683   5.128   1.00 5.87 ? 30 U   A O2     1 
ATOM   962  N N3     . U   A 1 30 ? 16.976  10.511  6.370   1.00 7.04 ? 30 U   A N3     1 
ATOM   963  C C4     . U   A 1 30 ? 16.122  11.291  7.125   1.00 7.74 ? 30 U   A C4     1 
ATOM   964  O O4     . U   A 1 30 ? 16.506  12.356  7.598   1.00 8.46 ? 30 U   A O4     1 
ATOM   965  C C5     . U   A 1 30 ? 14.798  10.734  7.281   1.00 7.73 ? 30 U   A C5     1 
ATOM   966  C C6     . U   A 1 30 ? 14.474  9.547   6.716   1.00 7.03 ? 30 U   A C6     1 
ATOM   967  H "H5'"  . U   A 1 30 ? 11.753  8.566   5.557   1.00 4.49 ? 30 U   A "H5'"  1 
ATOM   968  H "H5''" . U   A 1 30 ? 10.785  7.369   4.677   1.00 4.69 ? 30 U   A "H5''" 1 
ATOM   969  H "H4'"  . U   A 1 30 ? 12.570  6.048   4.281   1.00 4.37 ? 30 U   A "H4'"  1 
ATOM   970  H "H3'"  . U   A 1 30 ? 12.817  6.237   7.162   1.00 4.41 ? 30 U   A "H3'"  1 
ATOM   971  H "H2'"  . U   A 1 30 ? 14.927  6.917   7.414   1.00 5.54 ? 30 U   A "H2'"  1 
ATOM   972  H "HO2'" . U   A 1 30 ? 15.223  4.630   5.973   1.00 5.24 ? 30 U   A "HO2'" 1 
ATOM   973  H "H1'"  . U   A 1 30 ? 15.824  7.230   4.697   1.00 6.07 ? 30 U   A "H1'"  1 
ATOM   974  H H3     . U   A 1 30 ? 17.911  10.860  6.235   1.00 7.22 ? 30 U   A H3     1 
ATOM   975  H H5     . U   A 1 30 ? 14.051  11.277  7.860   1.00 8.42 ? 30 U   A H5     1 
ATOM   976  H H6     . U   A 1 30 ? 13.469  9.149   6.851   1.00 7.23 ? 30 U   A H6     1 
ATOM   977  P P      . G   A 1 31 ? 12.059  3.707   6.480   1.00 3.94 ? 31 G   A P      1 
ATOM   978  O OP1    . G   A 1 31 ? 11.594  4.212   7.791   1.00 4.21 ? 31 G   A OP1    1 
ATOM   979  O OP2    . G   A 1 31 ? 12.398  2.275   6.319   1.00 4.68 ? 31 G   A OP2    1 
ATOM   980  O "O5'"  . G   A 1 31 ? 10.958  4.093   5.366   1.00 3.28 ? 31 G   A "O5'"  1 
ATOM   981  C "C5'"  . G   A 1 31 ? 9.841   3.225   5.095   1.00 2.85 ? 31 G   A "C5'"  1 
ATOM   982  C "C4'"  . G   A 1 31 ? 8.851   3.167   6.251   1.00 2.76 ? 31 G   A "C4'"  1 
ATOM   983  O "O4'"  . G   A 1 31 ? 8.158   4.422   6.391   1.00 2.69 ? 31 G   A "O4'"  1 
ATOM   984  C "C3'"  . G   A 1 31 ? 7.818   2.071   6.027   1.00 2.65 ? 31 G   A "C3'"  1 
ATOM   985  O "O3'"  . G   A 1 31 ? 7.951   1.032   7.009   1.00 2.82 ? 31 G   A "O3'"  1 
ATOM   986  C "C2'"  . G   A 1 31 ? 6.465   2.737   6.121   1.00 2.50 ? 31 G   A "C2'"  1 
ATOM   987  O "O2'"  . G   A 1 31 ? 5.707   2.202   7.212   1.00 2.58 ? 31 G   A "O2'"  1 
ATOM   988  C "C1'"  . G   A 1 31 ? 6.731   4.221   6.325   1.00 2.54 ? 31 G   A "C1'"  1 
ATOM   989  N N9     . G   A 1 31 ? 6.148   5.019   5.231   1.00 2.44 ? 31 G   A N9     1 
ATOM   990  C C8     . G   A 1 31 ? 6.687   6.044   4.530   1.00 2.52 ? 31 G   A C8     1 
ATOM   991  N N7     . G   A 1 31 ? 5.951   6.604   3.627   1.00 2.48 ? 31 G   A N7     1 
ATOM   992  C C5     . G   A 1 31 ? 4.766   5.864   3.731   1.00 2.35 ? 31 G   A C5     1 
ATOM   993  C C6     . G   A 1 31 ? 3.547   5.981   3.007   1.00 2.30 ? 31 G   A C6     1 
ATOM   994  O O6     . G   A 1 31 ? 3.260   6.776   2.118   1.00 2.38 ? 31 G   A O6     1 
ATOM   995  N N1     . G   A 1 31 ? 2.616   5.042   3.425   1.00 2.21 ? 31 G   A N1     1 
ATOM   996  C C2     . G   A 1 31 ? 2.827   4.106   4.415   1.00 2.19 ? 31 G   A C2     1 
ATOM   997  N N2     . G   A 1 31 ? 1.826   3.282   4.673   1.00 2.15 ? 31 G   A N2     1 
ATOM   998  N N3     . G   A 1 31 ? 3.959   3.991   5.098   1.00 2.25 ? 31 G   A N3     1 
ATOM   999  C C4     . G   A 1 31 ? 4.884   4.893   4.710   1.00 2.32 ? 31 G   A C4     1 
ATOM   1000 H "H5'"  . G   A 1 31 ? 10.200  2.217   4.937   1.00 2.95 ? 31 G   A "H5'"  1 
ATOM   1001 H "H5''" . G   A 1 31 ? 9.335   3.584   4.187   1.00 2.97 ? 31 G   A "H5''" 1 
ATOM   1002 H "H4'"  . G   A 1 31 ? 9.392   2.960   7.173   1.00 2.92 ? 31 G   A "H4'"  1 
ATOM   1003 H "H3'"  . G   A 1 31 ? 7.945   1.654   5.025   1.00 2.66 ? 31 G   A "H3'"  1 
ATOM   1004 H "H2'"  . G   A 1 31 ? 5.923   2.590   5.186   1.00 2.42 ? 31 G   A "H2'"  1 
ATOM   1005 H "HO2'" . G   A 1 31 ? 6.324   1.740   7.785   1.00 2.49 ? 31 G   A "HO2'" 1 
ATOM   1006 H "H1'"  . G   A 1 31 ? 6.282   4.534   7.266   1.00 2.61 ? 31 G   A "H1'"  1 
ATOM   1007 H H8     . G   A 1 31 ? 7.706   6.382   4.720   1.00 2.64 ? 31 G   A H8     1 
ATOM   1008 H H1     . G   A 1 31 ? 1.724   5.064   2.950   1.00 2.20 ? 31 G   A H1     1 
ATOM   1009 H H21    . G   A 1 31 ? 0.957   3.362   4.162   1.00 2.10 ? 31 G   A H21    1 
ATOM   1010 H H22    . G   A 1 31 ? 1.932   2.573   5.384   1.00 2.51 ? 31 G   A H22    1 
ATOM   1011 P P      . A   A 1 32 ? 7.632   -0.503  6.633   1.00 2.95 ? 32 A   A P      1 
ATOM   1012 O OP1    . A   A 1 32 ? 7.507   -1.269  7.893   1.00 3.06 ? 32 A   A OP1    1 
ATOM   1013 O OP2    . A   A 1 32 ? 8.602   -0.937  5.601   1.00 3.55 ? 32 A   A OP2    1 
ATOM   1014 O "O5'"  . A   A 1 32 ? 6.176   -0.408  5.947   1.00 2.91 ? 32 A   A "O5'"  1 
ATOM   1015 C "C5'"  . A   A 1 32 ? 4.987   -0.722  6.688   1.00 2.66 ? 32 A   A "C5'"  1 
ATOM   1016 C "C4'"  . A   A 1 32 ? 3.906   -1.324  5.792   1.00 2.51 ? 32 A   A "C4'"  1 
ATOM   1017 O "O4'"  . A   A 1 32 ? 3.166   -0.284  5.121   1.00 2.33 ? 32 A   A "O4'"  1 
ATOM   1018 C "C3'"  . A   A 1 32 ? 4.522   -2.231  4.736   1.00 2.59 ? 32 A   A "C3'"  1 
ATOM   1019 O "O3'"  . A   A 1 32 ? 4.036   -3.576  4.868   1.00 2.73 ? 32 A   A "O3'"  1 
ATOM   1020 C "C2'"  . A   A 1 32 ? 4.141   -1.646  3.398   1.00 2.47 ? 32 A   A "C2'"  1 
ATOM   1021 O "O2'"  . A   A 1 32 ? 3.425   -2.599  2.604   1.00 2.57 ? 32 A   A "O2'"  1 
ATOM   1022 C "C1'"  . A   A 1 32 ? 3.279   -0.427  3.692   1.00 2.29 ? 32 A   A "C1'"  1 
ATOM   1023 N N9     . A   A 1 32 ? 3.865   0.786   3.092   1.00 2.27 ? 32 A   A N9     1 
ATOM   1024 C C8     . A   A 1 32 ? 5.132   1.266   3.164   1.00 2.39 ? 32 A   A C8     1 
ATOM   1025 N N7     . A   A 1 32 ? 5.398   2.346   2.508   1.00 2.43 ? 32 A   A N7     1 
ATOM   1026 C C5     . A   A 1 32 ? 4.160   2.631   1.925   1.00 2.33 ? 32 A   A C5     1 
ATOM   1027 C C6     . A   A 1 32 ? 3.722   3.661   1.085   1.00 2.38 ? 32 A   A C6     1 
ATOM   1028 N N6     . A   A 1 32 ? 4.516   4.637   0.657   1.00 2.55 ? 32 A   A N6     1 
ATOM   1029 N N1     . A   A 1 32 ? 2.437   3.641   0.698   1.00 2.31 ? 32 A   A N1     1 
ATOM   1030 C C2     . A   A 1 32 ? 1.625   2.666   1.109   1.00 2.19 ? 32 A   A C2     1 
ATOM   1031 N N3     . A   A 1 32 ? 1.930   1.646   1.903   1.00 2.15 ? 32 A   A N3     1 
ATOM   1032 C C4     . A   A 1 32 ? 3.224   1.688   2.278   1.00 2.22 ? 32 A   A C4     1 
ATOM   1033 H "H5'"  . A   A 1 32 ? 4.602   0.190   7.143   1.00 2.90 ? 32 A   A "H5'"  1 
ATOM   1034 H "H5''" . A   A 1 32 ? 5.234   -1.436  7.474   1.00 2.87 ? 32 A   A "H5''" 1 
ATOM   1035 H "H4'"  . A   A 1 32 ? 3.219   -1.908  6.406   1.00 2.57 ? 32 A   A "H4'"  1 
ATOM   1036 H "H3'"  . A   A 1 32 ? 5.610   -2.219  4.836   1.00 2.71 ? 32 A   A "H3'"  1 
ATOM   1037 H "H2'"  . A   A 1 32 ? 5.045   -1.332  2.871   1.00 2.54 ? 32 A   A "H2'"  1 
ATOM   1038 H "HO2'" . A   A 1 32 ? 3.390   -3.417  3.108   1.00 2.78 ? 32 A   A "HO2'" 1 
ATOM   1039 H "H1'"  . A   A 1 32 ? 2.286   -0.585  3.271   1.00 2.25 ? 32 A   A "H1'"  1 
ATOM   1040 H H8     . A   A 1 32 ? 5.894   0.772   3.769   1.00 2.48 ? 32 A   A H8     1 
ATOM   1041 H H61    . A   A 1 32 ? 4.148   5.358   0.052   1.00 2.91 ? 32 A   A H61    1 
ATOM   1042 H H62    . A   A 1 32 ? 5.486   4.660   0.937   1.00 2.57 ? 32 A   A H62    1 
ATOM   1043 H H2     . A   A 1 32 ? 0.597   2.709   0.751   1.00 2.18 ? 32 A   A H2     1 
ATOM   1044 P P      . A   A 1 33 ? 5.036   -4.775  5.271   1.00 3.18 ? 33 A   A P      1 
ATOM   1045 O OP1    . A   A 1 33 ? 5.508   -4.541  6.654   1.00 3.79 ? 33 A   A OP1    1 
ATOM   1046 O OP2    . A   A 1 33 ? 6.018   -4.943  4.176   1.00 3.64 ? 33 A   A OP2    1 
ATOM   1047 O "O5'"  . A   A 1 33 ? 4.066   -6.062  5.280   1.00 3.14 ? 33 A   A "O5'"  1 
ATOM   1048 C "C5'"  . A   A 1 33 ? 3.267   -6.391  4.137   1.00 2.71 ? 33 A   A "C5'"  1 
ATOM   1049 C "C4'"  . A   A 1 33 ? 1.873   -6.861  4.544   1.00 2.59 ? 33 A   A "C4'"  1 
ATOM   1050 O "O4'"  . A   A 1 33 ? 1.061   -5.742  4.965   1.00 2.47 ? 33 A   A "O4'"  1 
ATOM   1051 C "C3'"  . A   A 1 33 ? 1.165   -7.537  3.379   1.00 2.46 ? 33 A   A "C3'"  1 
ATOM   1052 O "O3'"  . A   A 1 33 ? 1.138   -8.964  3.522   1.00 2.64 ? 33 A   A "O3'"  1 
ATOM   1053 C "C2'"  . A   A 1 33 ? -0.225  -6.964  3.357   1.00 2.32 ? 33 A   A "C2'"  1 
ATOM   1054 O "O2'"  . A   A 1 33 ? -1.168  -7.885  3.919   1.00 2.54 ? 33 A   A "O2'"  1 
ATOM   1055 C "C1'"  . A   A 1 33 ? -0.151  -5.687  4.180   1.00 2.32 ? 33 A   A "C1'"  1 
ATOM   1056 N N9     . A   A 1 33 ? -0.140  -4.518  3.284   1.00 2.15 ? 33 A   A N9     1 
ATOM   1057 C C8     . A   A 1 33 ? 0.742   -3.491  3.204   1.00 2.13 ? 33 A   A C8     1 
ATOM   1058 N N7     . A   A 1 33 ? 0.570   -2.633  2.253   1.00 2.00 ? 33 A   A N7     1 
ATOM   1059 C C5     . A   A 1 33 ? -0.566  -3.145  1.616   1.00 1.92 ? 33 A   A C5     1 
ATOM   1060 C C6     . A   A 1 33 ? -1.305  -2.725  0.506   1.00 1.83 ? 33 A   A C6     1 
ATOM   1061 N N6     . A   A 1 33 ? -0.982  -1.665  -0.226  1.00 1.78 ? 33 A   A N6     1 
ATOM   1062 N N1     . A   A 1 33 ? -2.371  -3.461  0.153   1.00 1.88 ? 33 A   A N1     1 
ATOM   1063 C C2     . A   A 1 33 ? -2.692  -4.556  0.846   1.00 1.99 ? 33 A   A C2     1 
ATOM   1064 N N3     . A   A 1 33 ? -2.064  -5.044  1.907   1.00 2.07 ? 33 A   A N3     1 
ATOM   1065 C C4     . A   A 1 33 ? -1.003  -4.286  2.242   1.00 2.03 ? 33 A   A C4     1 
ATOM   1066 H "H5'"  . A   A 1 33 ? 3.760   -7.185  3.574   1.00 2.87 ? 33 A   A "H5'"  1 
ATOM   1067 H "H5''" . A   A 1 33 ? 3.172   -5.511  3.500   1.00 2.71 ? 33 A   A "H5''" 1 
ATOM   1068 H "H4'"  . A   A 1 33 ? 1.960   -7.567  5.369   1.00 2.80 ? 33 A   A "H4'"  1 
ATOM   1069 H "H3'"  . A   A 1 33 ? 1.674   -7.270  2.448   1.00 2.47 ? 33 A   A "H3'"  1 
ATOM   1070 H "H2'"  . A   A 1 33 ? -0.505  -6.724  2.329   1.00 2.22 ? 33 A   A "H2'"  1 
ATOM   1071 H "HO2'" . A   A 1 33 ? -0.688  -8.689  4.129   1.00 2.57 ? 33 A   A "HO2'" 1 
ATOM   1072 H "H1'"  . A   A 1 33 ? -1.014  -5.629  4.842   1.00 2.46 ? 33 A   A "H1'"  1 
ATOM   1073 H H8     . A   A 1 33 ? 1.563   -3.392  3.914   1.00 2.26 ? 33 A   A H8     1 
ATOM   1074 H H61    . A   A 1 33 ? -1.552  -1.407  -1.017  1.00 1.77 ? 33 A   A H61    1 
ATOM   1075 H H62    . A   A 1 33 ? -0.162  -1.121  0.007   1.00 2.15 ? 33 A   A H62    1 
ATOM   1076 H H2     . A   A 1 33 ? -3.547  -5.127  0.484   1.00 2.09 ? 33 A   A H2     1 
ATOM   1077 P P      . A   A 1 34 ? 1.015   -9.900  2.212   1.00 2.79 ? 34 A   A P      1 
ATOM   1078 O OP1    . A   A 1 34 ? -0.401  -10.299 2.060   1.00 2.95 ? 34 A   A OP1    1 
ATOM   1079 O OP2    . A   A 1 34 ? 2.070   -10.936 2.282   1.00 3.38 ? 34 A   A OP2    1 
ATOM   1080 O "O5'"  . A   A 1 34 ? 1.389   -8.878  1.018   1.00 2.91 ? 34 A   A "O5'"  1 
ATOM   1081 C "C5'"  . A   A 1 34 ? 0.981   -9.125  -0.335  1.00 2.74 ? 34 A   A "C5'"  1 
ATOM   1082 C "C4'"  . A   A 1 34 ? -0.269  -8.326  -0.713  1.00 2.64 ? 34 A   A "C4'"  1 
ATOM   1083 O "O4'"  . A   A 1 34 ? -0.245  -7.011  -0.118  1.00 2.53 ? 34 A   A "O4'"  1 
ATOM   1084 C "C3'"  . A   A 1 34 ? -0.368  -8.162  -2.224  1.00 2.62 ? 34 A   A "C3'"  1 
ATOM   1085 O "O3'"  . A   A 1 34 ? -1.516  -8.852  -2.739  1.00 2.70 ? 34 A   A "O3'"  1 
ATOM   1086 C "C2'"  . A   A 1 34 ? -0.464  -6.677  -2.489  1.00 2.53 ? 34 A   A "C2'"  1 
ATOM   1087 O "O2'"  . A   A 1 34 ? -1.685  -6.360  -3.172  1.00 2.63 ? 34 A   A "O2'"  1 
ATOM   1088 C "C1'"  . A   A 1 34 ? -0.406  -5.993  -1.129  1.00 2.43 ? 34 A   A "C1'"  1 
ATOM   1089 N N9     . A   A 1 34 ? 0.706   -5.024  -1.069  1.00 2.35 ? 34 A   A N9     1 
ATOM   1090 C C8     . A   A 1 34 ? 1.631   -4.829  -0.096  1.00 2.52 ? 34 A   A C8     1 
ATOM   1091 N N7     . A   A 1 34 ? 2.533   -3.927  -0.302  1.00 2.49 ? 34 A   A N7     1 
ATOM   1092 C C5     . A   A 1 34 ? 2.170   -3.450  -1.567  1.00 2.28 ? 34 A   A C5     1 
ATOM   1093 C C6     . A   A 1 34 ? 2.710   -2.466  -2.403  1.00 2.27 ? 34 A   A C6     1 
ATOM   1094 N N6     . A   A 1 34 ? 3.784   -1.748  -2.085  1.00 2.44 ? 34 A   A N6     1 
ATOM   1095 N N1     . A   A 1 34 ? 2.107   -2.255  -3.584  1.00 2.19 ? 34 A   A N1     1 
ATOM   1096 C C2     . A   A 1 34 ? 1.034   -2.969  -3.929  1.00 2.10 ? 34 A   A C2     1 
ATOM   1097 N N3     . A   A 1 34 ? 0.434   -3.913  -3.213  1.00 2.09 ? 34 A   A N3     1 
ATOM   1098 C C4     . A   A 1 34 ? 1.059   -4.111  -2.037  1.00 2.19 ? 34 A   A C4     1 
ATOM   1099 H "H5'"  . A   A 1 34 ? 0.770   -10.189 -0.455  1.00 2.81 ? 34 A   A "H5'"  1 
ATOM   1100 H "H5''" . A   A 1 34 ? 1.795   -8.848  -1.005  1.00 2.69 ? 34 A   A "H5''" 1 
ATOM   1101 H "H4'"  . A   A 1 34 ? -1.151  -8.860  -0.358  1.00 2.74 ? 34 A   A "H4'"  1 
ATOM   1102 H "H3'"  . A   A 1 34 ? 0.539   -8.552  -2.691  1.00 2.68 ? 34 A   A "H3'"  1 
ATOM   1103 H "H2'"  . A   A 1 34 ? 0.390   -6.361  -3.092  1.00 2.54 ? 34 A   A "H2'"  1 
ATOM   1104 H "HO2'" . A   A 1 34 ? -2.252  -7.137  -3.108  1.00 2.65 ? 34 A   A "HO2'" 1 
ATOM   1105 H "H1'"  . A   A 1 34 ? -1.343  -5.466  -0.958  1.00 2.47 ? 34 A   A "H1'"  1 
ATOM   1106 H H8     . A   A 1 34 ? 1.604   -5.403  0.831   1.00 2.76 ? 34 A   A H8     1 
ATOM   1107 H H61    . A   A 1 34 ? 4.131   -1.050  -2.726  1.00 2.68 ? 34 A   A H61    1 
ATOM   1108 H H62    . A   A 1 34 ? 4.251   -1.903  -1.204  1.00 2.63 ? 34 A   A H62    1 
ATOM   1109 H H2     . A   A 1 34 ? 0.644   -2.811  -4.934  1.00 2.14 ? 34 A   A H2     1 
ATOM   1110 P P      . A   A 1 35 ? -1.353  -10.020 -3.838  1.00 2.77 ? 35 A   A P      1 
ATOM   1111 O OP1    . A   A 1 35 ? -1.324  -11.320 -3.132  1.00 3.45 ? 35 A   A OP1    1 
ATOM   1112 O OP2    . A   A 1 35 ? -0.244  -9.645  -4.747  1.00 3.08 ? 35 A   A OP2    1 
ATOM   1113 O "O5'"  . A   A 1 35 ? -2.737  -9.918  -4.657  1.00 2.38 ? 35 A   A "O5'"  1 
ATOM   1114 C "C5'"  . A   A 1 35 ? -3.175  -8.665  -5.198  1.00 2.30 ? 35 A   A "C5'"  1 
ATOM   1115 C "C4'"  . A   A 1 35 ? -3.958  -8.854  -6.494  1.00 2.35 ? 35 A   A "C4'"  1 
ATOM   1116 O "O4'"  . A   A 1 35 ? -4.218  -7.580  -7.119  1.00 2.29 ? 35 A   A "O4'"  1 
ATOM   1117 C "C3'"  . A   A 1 35 ? -3.179  -9.713  -7.479  1.00 2.33 ? 35 A   A "C3'"  1 
ATOM   1118 O "O3'"  . A   A 1 35 ? -3.785  -11.007 -7.628  1.00 2.56 ? 35 A   A "O3'"  1 
ATOM   1119 C "C2'"  . A   A 1 35 ? -3.174  -8.957  -8.784  1.00 2.25 ? 35 A   A "C2'"  1 
ATOM   1120 O "O2'"  . A   A 1 35 ? -3.977  -9.627  -9.765  1.00 2.43 ? 35 A   A "O2'"  1 
ATOM   1121 C "C1'"  . A   A 1 35 ? -3.732  -7.577  -8.478  1.00 2.21 ? 35 A   A "C1'"  1 
ATOM   1122 N N9     . A   A 1 35 ? -2.694  -6.539  -8.657  1.00 2.06 ? 35 A   A N9     1 
ATOM   1123 C C8     . A   A 1 35 ? -2.641  -5.516  -9.546  1.00 2.07 ? 35 A   A C8     1 
ATOM   1124 N N7     . A   A 1 35 ? -1.635  -4.710  -9.469  1.00 2.00 ? 35 A   A N7     1 
ATOM   1125 C C5     . A   A 1 35 ? -0.918  -5.253  -8.398  1.00 1.90 ? 35 A   A C5     1 
ATOM   1126 C C6     . A   A 1 35 ? 0.277   -4.882  -7.767  1.00 1.83 ? 35 A   A C6     1 
ATOM   1127 N N6     . A   A 1 35 ? 0.994   -3.823  -8.131  1.00 1.87 ? 35 A   A N6     1 
ATOM   1128 N N1     . A   A 1 35 ? 0.699   -5.638  -6.742  1.00 1.80 ? 35 A   A N1     1 
ATOM   1129 C C2     . A   A 1 35 ? -0.006  -6.700  -6.354  1.00 1.88 ? 35 A   A C2     1 
ATOM   1130 N N3     . A   A 1 35 ? -1.147  -7.143  -6.874  1.00 1.96 ? 35 A   A N3     1 
ATOM   1131 C C4     . A   A 1 35 ? -1.553  -6.369  -7.900  1.00 1.95 ? 35 A   A C4     1 
ATOM   1132 H "H5'"  . A   A 1 35 ? -2.307  -8.038  -5.399  1.00 2.18 ? 35 A   A "H5'"  1 
ATOM   1133 H "H5''" . A   A 1 35 ? -3.814  -8.167  -4.468  1.00 2.43 ? 35 A   A "H5''" 1 
ATOM   1134 H "H4'"  . A   A 1 35 ? -4.907  -9.339  -6.271  1.00 2.55 ? 35 A   A "H4'"  1 
ATOM   1135 H "H3'"  . A   A 1 35 ? -2.151  -9.824  -7.127  1.00 2.27 ? 35 A   A "H3'"  1 
ATOM   1136 H "H2'"  . A   A 1 35 ? -2.151  -8.863  -9.146  1.00 2.15 ? 35 A   A "H2'"  1 
ATOM   1137 H "HO2'" . A   A 1 35 ? -4.251  -10.464 -9.380  1.00 2.48 ? 35 A   A "HO2'" 1 
ATOM   1138 H "H1'"  . A   A 1 35 ? -4.561  -7.369  -9.154  1.00 2.34 ? 35 A   A "H1'"  1 
ATOM   1139 H H8     . A   A 1 35 ? -3.418  -5.380  -10.298 1.00 2.18 ? 35 A   A H8     1 
ATOM   1140 H H61    . A   A 1 35 ? 1.850   -3.602  -7.641  1.00 2.28 ? 35 A   A H61    1 
ATOM   1141 H H62    . A   A 1 35 ? 0.686   -3.242  -8.896  1.00 1.88 ? 35 A   A H62    1 
ATOM   1142 H H2     . A   A 1 35 ? 0.403   -7.275  -5.524  1.00 1.93 ? 35 A   A H2     1 
ATOM   1143 P P      . C   A 1 36 ? -3.015  -12.341 -7.143  1.00 2.79 ? 36 C   A P      1 
ATOM   1144 O OP1    . C   A 1 36 ? -4.017  -13.263 -6.560  1.00 3.20 ? 36 C   A OP1    1 
ATOM   1145 O OP2    . C   A 1 36 ? -1.832  -11.941 -6.346  1.00 3.12 ? 36 C   A OP2    1 
ATOM   1146 O "O5'"  . C   A 1 36 ? -2.498  -12.977 -8.534  1.00 2.89 ? 36 C   A "O5'"  1 
ATOM   1147 C "C5'"  . C   A 1 36 ? -1.163  -12.741 -9.007  1.00 2.75 ? 36 C   A "C5'"  1 
ATOM   1148 C "C4'"  . C   A 1 36 ? -1.075  -11.448 -9.815  1.00 2.62 ? 36 C   A "C4'"  1 
ATOM   1149 O "O4'"  . C   A 1 36 ? -0.836  -10.323 -8.949  1.00 2.42 ? 36 C   A "O4'"  1 
ATOM   1150 C "C3'"  . C   A 1 36 ? 0.059   -11.510 -10.828 1.00 2.60 ? 36 C   A "C3'"  1 
ATOM   1151 O "O3'"  . C   A 1 36 ? -0.457  -11.656 -12.161 1.00 2.82 ? 36 C   A "O3'"  1 
ATOM   1152 C "C2'"  . C   A 1 36 ? 0.825   -10.215 -10.675 1.00 2.37 ? 36 C   A "C2'"  1 
ATOM   1153 O "O2'"  . C   A 1 36 ? 0.721   -9.405  -11.853 1.00 2.43 ? 36 C   A "O2'"  1 
ATOM   1154 C "C1'"  . C   A 1 36 ? 0.223   -9.499  -9.476  1.00 2.25 ? 36 C   A "C1'"  1 
ATOM   1155 N N1     . C   A 1 36 ? 1.245   -9.232  -8.443  1.00 2.06 ? 36 C   A N1     1 
ATOM   1156 C C2     . C   A 1 36 ? 2.096   -8.155  -8.643  1.00 1.92 ? 36 C   A C2     1 
ATOM   1157 O O2     . C   A 1 36 ? 1.997   -7.463  -9.655  1.00 2.04 ? 36 C   A O2     1 
ATOM   1158 N N3     . C   A 1 36 ? 3.032   -7.888  -7.694  1.00 1.78 ? 36 C   A N3     1 
ATOM   1159 C C4     . C   A 1 36 ? 3.131   -8.641  -6.596  1.00 1.79 ? 36 C   A C4     1 
ATOM   1160 N N4     . C   A 1 36 ? 4.053   -8.341  -5.688  1.00 1.71 ? 36 C   A N4     1 
ATOM   1161 C C5     . C   A 1 36 ? 2.260   -9.754  -6.383  1.00 2.02 ? 36 C   A C5     1 
ATOM   1162 C C6     . C   A 1 36 ? 1.336   -10.015 -7.327  1.00 2.14 ? 36 C   A C6     1 
ATOM   1163 H "H5'"  . C   A 1 36 ? -0.857  -13.577 -9.635  1.00 2.93 ? 36 C   A "H5'"  1 
ATOM   1164 H "H5''" . C   A 1 36 ? -0.489  -12.673 -8.152  1.00 2.86 ? 36 C   A "H5''" 1 
ATOM   1165 H "H4'"  . C   A 1 36 ? -2.015  -11.294 -10.344 1.00 2.75 ? 36 C   A "H4'"  1 
ATOM   1166 H "H3'"  . C   A 1 36 ? 0.716   -12.349 -10.588 1.00 2.64 ? 36 C   A "H3'"  1 
ATOM   1167 H "H2'"  . C   A 1 36 ? 1.874   -10.438 -10.469 1.00 2.31 ? 36 C   A "H2'"  1 
ATOM   1168 H "HO2'" . C   A 1 36 ? 0.822   -9.986  -12.611 1.00 2.58 ? 36 C   A "HO2'" 1 
ATOM   1169 H "H1'"  . C   A 1 36 ? -0.199  -8.550  -9.808  1.00 2.22 ? 36 C   A "H1'"  1 
ATOM   1170 H H41    . C   A 1 36 ? 4.668   -7.551  -5.835  1.00 1.80 ? 36 C   A H41    1 
ATOM   1171 H H42    . C   A 1 36 ? 4.138   -8.898  -4.851  1.00 1.97 ? 36 C   A H42    1 
ATOM   1172 H H5     . C   A 1 36 ? 2.339   -10.371 -5.487  1.00 2.19 ? 36 C   A H5     1 
ATOM   1173 H H6     . C   A 1 36 ? 0.662   -10.863 -7.205  1.00 2.39 ? 36 C   A H6     1 
ATOM   1174 P P      . G   A 1 37 ? 0.393   -12.411 -13.304 1.00 2.98 ? 37 G   A P      1 
ATOM   1175 O OP1    . G   A 1 37 ? -0.550  -12.925 -14.322 1.00 3.12 ? 37 G   A OP1    1 
ATOM   1176 O OP2    . G   A 1 37 ? 1.343   -13.337 -12.645 1.00 3.83 ? 37 G   A OP2    1 
ATOM   1177 O "O5'"  . G   A 1 37 ? 1.244   -11.209 -13.962 1.00 2.71 ? 37 G   A "O5'"  1 
ATOM   1178 C "C5'"  . G   A 1 37 ? 0.608   -10.231 -14.806 1.00 2.69 ? 37 G   A "C5'"  1 
ATOM   1179 C "C4'"  . G   A 1 37 ? 1.590   -9.201  -15.353 1.00 2.57 ? 37 G   A "C4'"  1 
ATOM   1180 O "O4'"  . G   A 1 37 ? 2.121   -8.387  -14.288 1.00 2.41 ? 37 G   A "O4'"  1 
ATOM   1181 C "C3'"  . G   A 1 37 ? 2.754   -9.883  -16.058 1.00 2.52 ? 37 G   A "C3'"  1 
ATOM   1182 O "O3'"  . G   A 1 37 ? 2.731   -9.610  -17.467 1.00 2.79 ? 37 G   A "O3'"  1 
ATOM   1183 C "C2'"  . G   A 1 37 ? 4.012   -9.349  -15.413 1.00 2.30 ? 37 G   A "C2'"  1 
ATOM   1184 O "O2'"  . G   A 1 37 ? 4.776   -8.567  -16.342 1.00 2.47 ? 37 G   A "O2'"  1 
ATOM   1185 C "C1'"  . G   A 1 37 ? 3.559   -8.502  -14.234 1.00 2.17 ? 37 G   A "C1'"  1 
ATOM   1186 N N9     . G   A 1 37 ? 3.972   -9.119  -12.961 1.00 1.97 ? 37 G   A N9     1 
ATOM   1187 C C8     . G   A 1 37 ? 3.429   -10.165 -12.297 1.00 2.09 ? 37 G   A C8     1 
ATOM   1188 N N7     . G   A 1 37 ? 3.973   -10.518 -11.181 1.00 2.03 ? 37 G   A N7     1 
ATOM   1189 C C5     . G   A 1 37 ? 5.014   -9.591  -11.071 1.00 1.78 ? 37 G   A C5     1 
ATOM   1190 C C6     . G   A 1 37 ? 5.992   -9.436  -10.052 1.00 1.69 ? 37 G   A C6     1 
ATOM   1191 O O6     . G   A 1 37 ? 6.129   -10.087 -9.017  1.00 1.83 ? 37 G   A O6     1 
ATOM   1192 N N1     . G   A 1 37 ? 6.850   -8.383  -10.332 1.00 1.58 ? 37 G   A N1     1 
ATOM   1193 C C2     . G   A 1 37 ? 6.781   -7.576  -11.447 1.00 1.62 ? 37 G   A C2     1 
ATOM   1194 N N2     . G   A 1 37 ? 7.689   -6.615  -11.539 1.00 1.73 ? 37 G   A N2     1 
ATOM   1195 N N3     . G   A 1 37 ? 5.869   -7.711  -12.405 1.00 1.73 ? 37 G   A N3     1 
ATOM   1196 C C4     . G   A 1 37 ? 5.019   -8.731  -12.159 1.00 1.76 ? 37 G   A C4     1 
ATOM   1197 H "H5'"  . G   A 1 37 ? -0.129  -9.685  -14.231 1.00 2.85 ? 37 G   A "H5'"  1 
ATOM   1198 H "H5''" . G   A 1 37 ? 0.113   -10.756 -15.636 1.00 3.01 ? 37 G   A "H5''" 1 
ATOM   1199 H "H4'"  . G   A 1 37 ? 1.071   -8.560  -16.064 1.00 2.74 ? 37 G   A "H4'"  1 
ATOM   1200 H "H3'"  . G   A 1 37 ? 2.696   -10.961 -15.888 1.00 2.53 ? 37 G   A "H3'"  1 
ATOM   1201 H "H2'"  . G   A 1 37 ? 4.615   -10.184 -15.050 1.00 2.19 ? 37 G   A "H2'"  1 
ATOM   1202 H "HO2'" . G   A 1 37 ? 4.905   -9.104  -17.127 1.00 2.58 ? 37 G   A "HO2'" 1 
ATOM   1203 H "H1'"  . G   A 1 37 ? 4.003   -7.511  -14.311 1.00 2.18 ? 37 G   A "H1'"  1 
ATOM   1204 H H8     . G   A 1 37 ? 2.538   -10.668 -12.673 1.00 2.33 ? 37 G   A H8     1 
ATOM   1205 H H1     . G   A 1 37 ? 7.576   -8.214  -9.654  1.00 1.59 ? 37 G   A H1     1 
ATOM   1206 H H21    . G   A 1 37 ? 8.387   -6.504  -10.815 1.00 2.15 ? 37 G   A H21    1 
ATOM   1207 H H22    . G   A 1 37 ? 7.682   -5.992  -12.332 1.00 1.82 ? 37 G   A H22    1 
ATOM   1208 P P      . U   A 1 38 ? 2.950   -10.795 -18.537 1.00 3.17 ? 38 U   A P      1 
ATOM   1209 O OP1    . U   A 1 38 ? 4.262   -10.588 -19.193 1.00 3.68 ? 38 U   A OP1    1 
ATOM   1210 O OP2    . U   A 1 38 ? 1.724   -10.907 -19.359 1.00 3.68 ? 38 U   A OP2    1 
ATOM   1211 O "O5'"  . U   A 1 38 ? 3.047   -12.104 -17.594 1.00 3.02 ? 38 U   A "O5'"  1 
ATOM   1212 C "C5'"  . U   A 1 38 ? 4.056   -13.102 -17.803 1.00 2.90 ? 38 U   A "C5'"  1 
ATOM   1213 C "C4'"  . U   A 1 38 ? 5.458   -12.574 -17.491 1.00 2.77 ? 38 U   A "C4'"  1 
ATOM   1214 O "O4'"  . U   A 1 38 ? 5.459   -11.777 -16.287 1.00 2.49 ? 38 U   A "O4'"  1 
ATOM   1215 C "C3'"  . U   A 1 38 ? 6.434   -13.720 -17.290 1.00 2.78 ? 38 U   A "C3'"  1 
ATOM   1216 O "O3'"  . U   A 1 38 ? 7.267   -13.911 -18.446 1.00 3.08 ? 38 U   A "O3'"  1 
ATOM   1217 C "C2'"  . U   A 1 38 ? 7.251   -13.359 -16.077 1.00 2.51 ? 38 U   A "C2'"  1 
ATOM   1218 O "O2'"  . U   A 1 38 ? 8.582   -12.975 -16.440 1.00 2.64 ? 38 U   A "O2'"  1 
ATOM   1219 C "C1'"  . U   A 1 38 ? 6.521   -12.209 -15.406 1.00 2.26 ? 38 U   A "C1'"  1 
ATOM   1220 N N1     . U   A 1 38 ? 5.982   -12.646 -14.103 1.00 2.00 ? 38 U   A N1     1 
ATOM   1221 C C2     . U   A 1 38 ? 6.858   -12.714 -13.034 1.00 1.84 ? 38 U   A C2     1 
ATOM   1222 O O2     . U   A 1 38 ? 8.041   -12.405 -13.133 1.00 1.91 ? 38 U   A O2     1 
ATOM   1223 N N3     . U   A 1 38 ? 6.329   -13.155 -11.842 1.00 1.81 ? 38 U   A N3     1 
ATOM   1224 C C4     . U   A 1 38 ? 5.022   -13.533 -11.619 1.00 1.90 ? 38 U   A C4     1 
ATOM   1225 O O4     . U   A 1 38 ? 4.663   -13.915 -10.509 1.00 2.03 ? 38 U   A O4     1 
ATOM   1226 C C5     . U   A 1 38 ? 4.174   -13.431 -12.783 1.00 2.05 ? 38 U   A C5     1 
ATOM   1227 C C6     . U   A 1 38 ? 4.667   -12.998 -13.968 1.00 2.13 ? 38 U   A C6     1 
ATOM   1228 H "H5'"  . U   A 1 38 ? 4.024   -13.430 -18.842 1.00 3.35 ? 38 U   A "H5'"  1 
ATOM   1229 H "H5''" . U   A 1 38 ? 3.847   -13.955 -17.155 1.00 2.91 ? 38 U   A "H5''" 1 
ATOM   1230 H "H4'"  . U   A 1 38 ? 5.799   -11.958 -18.324 1.00 2.96 ? 38 U   A "H4'"  1 
ATOM   1231 H "H3'"  . U   A 1 38 ? 5.871   -14.632 -17.079 1.00 2.82 ? 38 U   A "H3'"  1 
ATOM   1232 H "H2'"  . U   A 1 38 ? 7.282   -14.209 -15.397 1.00 2.47 ? 38 U   A "H2'"  1 
ATOM   1233 H "HO2'" . U   A 1 38 ? 8.889   -13.595 -17.108 1.00 2.89 ? 38 U   A "HO2'" 1 
ATOM   1234 H "H1'"  . U   A 1 38 ? 7.216   -11.384 -15.247 1.00 2.22 ? 38 U   A "H1'"  1 
ATOM   1235 H H3     . U   A 1 38 ? 6.959   -13.201 -11.057 1.00 1.89 ? 38 U   A H3     1 
ATOM   1236 H H5     . U   A 1 38 ? 3.122   -13.707 -12.707 1.00 2.27 ? 38 U   A H5     1 
ATOM   1237 H H6     . U   A 1 38 ? 3.991   -12.899 -14.819 1.00 2.45 ? 38 U   A H6     1 
ATOM   1238 P P      . C   A 1 39 ? 7.819   -15.377 -18.834 1.00 3.26 ? 39 C   A P      1 
ATOM   1239 O OP1    . C   A 1 39 ? 8.116   -15.394 -20.285 1.00 3.57 ? 39 C   A OP1    1 
ATOM   1240 O OP2    . C   A 1 39 ? 6.901   -16.386 -18.259 1.00 3.65 ? 39 C   A OP2    1 
ATOM   1241 O "O5'"  . C   A 1 39 ? 9.215   -15.455 -18.028 1.00 3.26 ? 39 C   A "O5'"  1 
ATOM   1242 C "C5'"  . C   A 1 39 ? 10.441  -15.010 -18.627 1.00 3.79 ? 39 C   A "C5'"  1 
ATOM   1243 C "C4'"  . C   A 1 39 ? 11.554  -14.842 -17.592 1.00 3.68 ? 39 C   A "C4'"  1 
ATOM   1244 O "O4'"  . C   A 1 39 ? 11.028  -14.314 -16.357 1.00 3.28 ? 39 C   A "O4'"  1 
ATOM   1245 C "C3'"  . C   A 1 39 ? 12.227  -16.174 -17.289 1.00 3.88 ? 39 C   A "C3'"  1 
ATOM   1246 O "O3'"  . C   A 1 39 ? 13.557  -16.218 -17.834 1.00 4.31 ? 39 C   A "O3'"  1 
ATOM   1247 C "C2'"  . C   A 1 39 ? 12.244  -16.304 -15.783 1.00 3.61 ? 39 C   A "C2'"  1 
ATOM   1248 O "O2'"  . C   A 1 39 ? 13.581  -16.269 -15.268 1.00 3.87 ? 39 C   A "O2'"  1 
ATOM   1249 C "C1'"  . C   A 1 39 ? 11.432  -15.137 -15.242 1.00 3.21 ? 39 C   A "C1'"  1 
ATOM   1250 N N1     . C   A 1 39 ? 10.253  -15.625 -14.495 1.00 2.93 ? 39 C   A N1     1 
ATOM   1251 C C2     . C   A 1 39 ? 10.395  -15.827 -13.131 1.00 2.89 ? 39 C   A C2     1 
ATOM   1252 O O2     . C   A 1 39 ? 11.471  -15.606 -12.581 1.00 3.12 ? 39 C   A O2     1 
ATOM   1253 N N3     . C   A 1 39 ? 9.319   -16.280 -12.430 1.00 2.77 ? 39 C   A N3     1 
ATOM   1254 C C4     . C   A 1 39 ? 8.156   -16.529 -13.040 1.00 2.64 ? 39 C   A C4     1 
ATOM   1255 N N4     . C   A 1 39 ? 7.129   -16.973 -12.322 1.00 2.62 ? 39 C   A N4     1 
ATOM   1256 C C5     . C   A 1 39 ? 8.005   -16.324 -14.448 1.00 2.72 ? 39 C   A C5     1 
ATOM   1257 C C6     . C   A 1 39 ? 9.074   -15.870 -15.132 1.00 2.88 ? 39 C   A C6     1 
ATOM   1258 H "H5'"  . C   A 1 39 ? 10.267  -14.052 -19.118 1.00 4.23 ? 39 C   A "H5'"  1 
ATOM   1259 H "H5''" . C   A 1 39 ? 10.756  -15.739 -19.374 1.00 4.22 ? 39 C   A "H5''" 1 
ATOM   1260 H "H4'"  . C   A 1 39 ? 12.300  -14.149 -17.983 1.00 3.89 ? 39 C   A "H4'"  1 
ATOM   1261 H "H3'"  . C   A 1 39 ? 11.627  -16.983 -17.711 1.00 3.97 ? 39 C   A "H3'"  1 
ATOM   1262 H "H2'"  . C   A 1 39 ? 11.762  -17.239 -15.501 1.00 3.61 ? 39 C   A "H2'"  1 
ATOM   1263 H "HO2'" . C   A 1 39 ? 14.094  -16.929 -15.742 1.00 3.93 ? 39 C   A "HO2'" 1 
ATOM   1264 H "H1'"  . C   A 1 39 ? 12.057  -14.548 -14.573 1.00 3.22 ? 39 C   A "H1'"  1 
ATOM   1265 H H41    . C   A 1 39 ? 7.232   -17.114 -11.326 1.00 3.04 ? 39 C   A H41    1 
ATOM   1266 H H42    . C   A 1 39 ? 6.244   -17.165 -12.769 1.00 2.48 ? 39 C   A H42    1 
ATOM   1267 H H5     . C   A 1 39 ? 7.059   -16.528 -14.948 1.00 2.79 ? 39 C   A H5     1 
ATOM   1268 H H6     . C   A 1 39 ? 8.986   -15.659 -16.198 1.00 3.09 ? 39 C   A H6     1 
ATOM   1269 P P      . C   A 1 40 ? 14.308  -17.627 -18.073 1.00 4.65 ? 40 C   A P      1 
ATOM   1270 O OP1    . C   A 1 40 ? 15.240  -17.470 -19.212 1.00 5.00 ? 40 C   A OP1    1 
ATOM   1271 O OP2    . C   A 1 40 ? 13.286  -18.700 -18.098 1.00 4.73 ? 40 C   A OP2    1 
ATOM   1272 O "O5'"  . C   A 1 40 ? 15.178  -17.793 -16.725 1.00 4.94 ? 40 C   A "O5'"  1 
ATOM   1273 C "C5'"  . C   A 1 40 ? 15.618  -19.086 -16.284 1.00 4.89 ? 40 C   A "C5'"  1 
ATOM   1274 C "C4'"  . C   A 1 40 ? 16.246  -19.023 -14.890 1.00 4.79 ? 40 C   A "C4'"  1 
ATOM   1275 O "O4'"  . C   A 1 40 ? 15.486  -18.152 -14.027 1.00 4.40 ? 40 C   A "O4'"  1 
ATOM   1276 C "C3'"  . C   A 1 40 ? 16.292  -20.402 -14.248 1.00 4.94 ? 40 C   A "C3'"  1 
ATOM   1277 O "O3'"  . C   A 1 40 ? 17.637  -20.898 -14.167 1.00 5.33 ? 40 C   A "O3'"  1 
ATOM   1278 C "C2'"  . C   A 1 40 ? 15.686  -20.246 -12.873 1.00 4.68 ? 40 C   A "C2'"  1 
ATOM   1279 O "O2'"  . C   A 1 40 ? 16.683  -20.385 -11.855 1.00 4.94 ? 40 C   A "O2'"  1 
ATOM   1280 C "C1'"  . C   A 1 40 ? 15.070  -18.857 -12.838 1.00 4.32 ? 40 C   A "C1'"  1 
ATOM   1281 N N1     . C   A 1 40 ? 13.596  -18.947 -12.774 1.00 3.99 ? 40 C   A N1     1 
ATOM   1282 C C2     . C   A 1 40 ? 13.009  -19.061 -11.522 1.00 3.81 ? 40 C   A C2     1 
ATOM   1283 O O2     . C   A 1 40 ? 13.705  -19.088 -10.508 1.00 3.97 ? 40 C   A O2     1 
ATOM   1284 N N3     . C   A 1 40 ? 11.652  -19.151 -11.453 1.00 3.57 ? 40 C   A N3     1 
ATOM   1285 C C4     . C   A 1 40 ? 10.905  -19.132 -12.560 1.00 3.51 ? 40 C   A C4     1 
ATOM   1286 N N4     . C   A 1 40 ? 9.583   -19.228 -12.453 1.00 3.37 ? 40 C   A N4     1 
ATOM   1287 C C5     . C   A 1 40 ? 11.503  -19.016 -13.851 1.00 3.73 ? 40 C   A C5     1 
ATOM   1288 C C6     . C   A 1 40 ? 12.844  -18.925 -13.912 1.00 3.96 ? 40 C   A C6     1 
ATOM   1289 H "H5'"  . C   A 1 40 ? 16.356  -19.470 -16.988 1.00 5.00 ? 40 C   A "H5'"  1 
ATOM   1290 H "H5''" . C   A 1 40 ? 14.765  -19.764 -16.259 1.00 5.10 ? 40 C   A "H5''" 1 
ATOM   1291 H "H4'"  . C   A 1 40 ? 17.262  -18.637 -14.976 1.00 5.01 ? 40 C   A "H4'"  1 
ATOM   1292 H "H3'"  . C   A 1 40 ? 15.679  -21.094 -14.833 1.00 5.00 ? 40 C   A "H3'"  1 
ATOM   1293 H "H2'"  . C   A 1 40 ? 14.904  -20.995 -12.733 1.00 4.64 ? 40 C   A "H2'"  1 
ATOM   1294 H "HO2'" . C   A 1 40 ? 17.537  -20.243 -12.272 1.00 5.08 ? 40 C   A "HO2'" 1 
ATOM   1295 H "H1'"  . C   A 1 40 ? 15.434  -18.325 -11.960 1.00 4.36 ? 40 C   A "H1'"  1 
ATOM   1296 H H41    . C   A 1 40 ? 9.155   -19.305 -11.541 1.00 3.19 ? 40 C   A H41    1 
ATOM   1297 H H42    . C   A 1 40 ? 9.007   -19.218 -13.282 1.00 3.66 ? 40 C   A H42    1 
ATOM   1298 H H5     . C   A 1 40 ? 10.896  -19.004 -14.755 1.00 3.80 ? 40 C   A H5     1 
ATOM   1299 H H6     . C   A 1 40 ? 13.334  -18.832 -14.880 1.00 4.20 ? 40 C   A H6     1 
ATOM   1300 P P      . C   A 1 41 ? 17.927  -22.451 -13.830 1.00 5.81 ? 41 C   A P      1 
ATOM   1301 O OP1    . C   A 1 41 ? 18.505  -22.528 -12.469 1.00 6.54 ? 41 C   A OP1    1 
ATOM   1302 O OP2    . C   A 1 41 ? 18.656  -23.043 -14.973 1.00 5.94 ? 41 C   A OP2    1 
ATOM   1303 O "O5'"  . C   A 1 41 ? 16.445  -23.094 -13.791 1.00 5.73 ? 41 C   A "O5'"  1 
ATOM   1304 C "C5'"  . C   A 1 41 ? 16.155  -24.240 -12.979 1.00 5.47 ? 41 C   A "C5'"  1 
ATOM   1305 C "C4'"  . C   A 1 41 ? 15.770  -23.845 -11.552 1.00 5.45 ? 41 C   A "C4'"  1 
ATOM   1306 O "O4'"  . C   A 1 41 ? 14.959  -22.652 -11.553 1.00 5.01 ? 41 C   A "O4'"  1 
ATOM   1307 C "C3'"  . C   A 1 41 ? 14.978  -24.957 -10.877 1.00 5.86 ? 41 C   A "C3'"  1 
ATOM   1308 O "O3'"  . C   A 1 41 ? 15.732  -25.544 -9.808  1.00 6.28 ? 41 C   A "O3'"  1 
ATOM   1309 C "C2'"  . C   A 1 41 ? 13.711  -24.320 -10.357 1.00 5.70 ? 41 C   A "C2'"  1 
ATOM   1310 O "O2'"  . C   A 1 41 ? 13.672  -24.352 -8.926  1.00 6.01 ? 41 C   A "O2'"  1 
ATOM   1311 C "C1'"  . C   A 1 41 ? 13.710  -22.887 -10.871 1.00 5.16 ? 41 C   A "C1'"  1 
ATOM   1312 N N1     . C   A 1 41 ? 12.570  -22.649 -11.781 1.00 4.90 ? 41 C   A N1     1 
ATOM   1313 C C2     . C   A 1 41 ? 11.334  -22.374 -11.211 1.00 4.79 ? 41 C   A C2     1 
ATOM   1314 O O2     . C   A 1 41 ? 11.203  -22.351 -9.987  1.00 4.92 ? 41 C   A O2     1 
ATOM   1315 N N3     . C   A 1 41 ? 10.281  -22.139 -12.040 1.00 4.59 ? 41 C   A N3     1 
ATOM   1316 C C4     . C   A 1 41 ? 10.429  -22.172 -13.367 1.00 4.51 ? 41 C   A C4     1 
ATOM   1317 N N4     . C   A 1 41 ? 9.374   -21.929 -14.141 1.00 4.36 ? 41 C   A N4     1 
ATOM   1318 C C5     . C   A 1 41 ? 11.698  -22.456 -13.962 1.00 4.65 ? 41 C   A C5     1 
ATOM   1319 C C6     . C   A 1 41 ? 12.736  -22.687 -13.137 1.00 4.84 ? 41 C   A C6     1 
ATOM   1320 H "H5'"  . C   A 1 41 ? 17.034  -24.885 -12.944 1.00 5.62 ? 41 C   A "H5'"  1 
ATOM   1321 H "H5''" . C   A 1 41 ? 15.330  -24.792 -13.429 1.00 5.44 ? 41 C   A "H5''" 1 
ATOM   1322 H "H4'"  . C   A 1 41 ? 16.678  -23.654 -10.979 1.00 5.55 ? 41 C   A "H4'"  1 
ATOM   1323 H "H3'"  . C   A 1 41 ? 14.724  -25.721 -11.614 1.00 6.01 ? 41 C   A "H3'"  1 
ATOM   1324 H "HO3'" . C   A 1 41 ? 16.432  -24.926 -9.579  1.00 6.29 ? 41 C   A "HO3'" 1 
ATOM   1325 H "H2'"  . C   A 1 41 ? 12.848  -24.851 -10.763 1.00 5.79 ? 41 C   A "H2'"  1 
ATOM   1326 H "HO2'" . C   A 1 41 ? 14.353  -24.966 -8.636  1.00 6.13 ? 41 C   A "HO2'" 1 
ATOM   1327 H "H1'"  . C   A 1 41 ? 13.634  -22.206 -10.023 1.00 5.15 ? 41 C   A "H1'"  1 
ATOM   1328 H H41    . C   A 1 41 ? 8.476   -21.727 -13.723 1.00 4.70 ? 41 C   A H41    1 
ATOM   1329 H H42    . C   A 1 41 ? 9.470   -21.947 -15.146 1.00 4.07 ? 41 C   A H42    1 
ATOM   1330 H H5     . C   A 1 41 ? 11.820  -22.484 -15.044 1.00 4.66 ? 41 C   A H5     1 
ATOM   1331 H H6     . C   A 1 41 ? 13.719  -22.908 -13.554 1.00 5.00 ? 41 C   A H6     1 
HETATM 1332 P PG     . GTP B 2 .  ? -6.855  8.023   2.946   1.00 5.04 ? 42 GTP A PG     1 
HETATM 1333 O O1G    . GTP B 2 .  ? -6.519  9.221   3.741   1.00 5.38 ? 42 GTP A O1G    1 
HETATM 1334 O O2G    . GTP B 2 .  ? -7.721  8.146   1.755   1.00 5.20 ? 42 GTP A O2G    1 
HETATM 1335 O O3G    . GTP B 2 .  ? -5.487  7.302   2.509   1.00 5.90 ? 42 GTP A O3G    1 
HETATM 1336 O O3B    . GTP B 2 .  ? -7.518  6.954   3.923   1.00 4.36 ? 42 GTP A O3B    1 
HETATM 1337 P PB     . GTP B 2 .  ? -7.378  5.415   3.553   1.00 3.58 ? 42 GTP A PB     1 
HETATM 1338 O O1B    . GTP B 2 .  ? -8.482  4.681   4.201   1.00 3.77 ? 42 GTP A O1B    1 
HETATM 1339 O O2B    . GTP B 2 .  ? -5.977  5.011   3.793   1.00 4.21 ? 42 GTP A O2B    1 
HETATM 1340 O O3A    . GTP B 2 .  ? -7.631  5.413   1.987   1.00 2.84 ? 42 GTP A O3A    1 
HETATM 1341 P PA     . GTP B 2 .  ? -7.970  4.023   1.299   1.00 2.47 ? 42 GTP A PA     1 
HETATM 1342 O O1A    . GTP B 2 .  ? -9.440  3.901   1.223   1.00 2.94 ? 42 GTP A O1A    1 
HETATM 1343 O O2A    . GTP B 2 .  ? -7.174  2.978   1.976   1.00 3.02 ? 42 GTP A O2A    1 
HETATM 1344 O "O5'"  . GTP B 2 .  ? -7.394  4.224   -0.190  1.00 2.30 ? 42 GTP A "O5'"  1 
HETATM 1345 C "C5'"  . GTP B 2 .  ? -6.152  3.621   -0.589  1.00 2.18 ? 42 GTP A "C5'"  1 
HETATM 1346 C "C4'"  . GTP B 2 .  ? -5.401  4.458   -1.614  1.00 2.11 ? 42 GTP A "C4'"  1 
HETATM 1347 O "O4'"  . GTP B 2 .  ? -4.506  5.380   -0.958  1.00 1.98 ? 42 GTP A "O4'"  1 
HETATM 1348 C "C3'"  . GTP B 2 .  ? -4.579  3.571   -2.536  1.00 2.11 ? 42 GTP A "C3'"  1 
HETATM 1349 O "O3'"  . GTP B 2 .  ? -5.044  3.668   -3.888  1.00 2.33 ? 42 GTP A "O3'"  1 
HETATM 1350 C "C2'"  . GTP B 2 .  ? -3.148  4.039   -2.419  1.00 2.00 ? 42 GTP A "C2'"  1 
HETATM 1351 O "O2'"  . GTP B 2 .  ? -2.631  4.450   -3.691  1.00 2.19 ? 42 GTP A "O2'"  1 
HETATM 1352 C "C1'"  . GTP B 2 .  ? -3.157  5.199   -1.439  1.00 1.92 ? 42 GTP A "C1'"  1 
HETATM 1353 N N9     . GTP B 2 .  ? -2.229  4.945   -0.320  1.00 1.80 ? 42 GTP A N9     1 
HETATM 1354 C C8     . GTP B 2 .  ? -0.964  5.396   -0.129  1.00 1.79 ? 42 GTP A C8     1 
HETATM 1355 N N7     . GTP B 2 .  ? -0.349  5.025   0.946   1.00 1.75 ? 42 GTP A N7     1 
HETATM 1356 C C5     . GTP B 2 .  ? -1.319  4.224   1.558   1.00 1.71 ? 42 GTP A C5     1 
HETATM 1357 C C6     . GTP B 2 .  ? -1.267  3.515   2.783   1.00 1.72 ? 42 GTP A C6     1 
HETATM 1358 O O6     . GTP B 2 .  ? -0.352  3.468   3.595   1.00 1.77 ? 42 GTP A O6     1 
HETATM 1359 N N1     . GTP B 2 .  ? -2.448  2.838   3.032   1.00 1.75 ? 42 GTP A N1     1 
HETATM 1360 C C2     . GTP B 2 .  ? -3.550  2.838   2.211   1.00 1.78 ? 42 GTP A C2     1 
HETATM 1361 N N2     . GTP B 2 .  ? -4.592  2.130   2.626   1.00 1.88 ? 42 GTP A N2     1 
HETATM 1362 N N3     . GTP B 2 .  ? -3.614  3.499   1.057   1.00 1.78 ? 42 GTP A N3     1 
HETATM 1363 C C4     . GTP B 2 .  ? -2.471  4.170   0.790   1.00 1.74 ? 42 GTP A C4     1 
HETATM 1364 H HOG3   . GTP B 2 .  ? -4.884  7.990   2.226   1.00 6.35 ? 42 GTP A HOG3   1 
HETATM 1365 H "H5'"  . GTP B 2 .  ? -6.352  2.663   -1.051  1.00 2.57 ? 42 GTP A "H5'"  1 
HETATM 1366 H "H5''" . GTP B 2 .  ? -5.527  3.477   0.305   1.00 2.44 ? 42 GTP A "H5''" 1 
HETATM 1367 H "H4'"  . GTP B 2 .  ? -6.118  5.021   -2.208  1.00 2.26 ? 42 GTP A "H4'"  1 
HETATM 1368 H "H3'"  . GTP B 2 .  ? -4.647  2.535   -2.196  1.00 2.11 ? 42 GTP A "H3'"  1 
HETATM 1369 H "HO3'" . GTP B 2 .  ? -4.351  4.100   -4.398  1.00 2.40 ? 42 GTP A "HO3'" 1 
HETATM 1370 H "H2'"  . GTP B 2 .  ? -2.537  3.230   -2.015  1.00 1.93 ? 42 GTP A "H2'"  1 
HETATM 1371 H "HO2'" . GTP B 2 .  ? -2.028  5.188   -3.530  1.00 2.31 ? 42 GTP A "HO2'" 1 
HETATM 1372 H "H1'"  . GTP B 2 .  ? -2.842  6.103   -1.958  1.00 2.00 ? 42 GTP A "H1'"  1 
HETATM 1373 H H8     . GTP B 2 .  ? -0.482  6.051   -0.856  1.00 1.87 ? 42 GTP A H8     1 
HETATM 1374 H HN1    . GTP B 2 .  ? -2.482  2.320   3.895   1.00 1.80 ? 42 GTP A HN1    1 
HETATM 1375 H HN21   . GTP B 2 .  ? -4.547  1.628   3.499   1.00 2.16 ? 42 GTP A HN21   1 
HETATM 1376 H HN22   . GTP B 2 .  ? -5.430  2.095   2.064   1.00 2.07 ? 42 GTP A HN22   1 
# 
